data_6L9M
#
_entry.id   6L9M
#
_cell.length_a   51.865
_cell.length_b   88.390
_cell.length_c   105.710
_cell.angle_alpha   80.97
_cell.angle_beta   75.96
_cell.angle_gamma   88.24
#
_symmetry.space_group_name_H-M   'P 1'
#
loop_
_entity.id
_entity.type
_entity.pdbx_description
1 polymer H2-Ld
2 polymer b2m
3 polymer SER-PRO-SER-TYR-VAL-TYR-HIS-GLN-PHE
4 water water
#
loop_
_entity_poly.entity_id
_entity_poly.type
_entity_poly.pdbx_seq_one_letter_code
_entity_poly.pdbx_strand_id
1 'polypeptide(L)'
;AGPHSMRYFETAVSRPGLGEPRYISVGYVDNKEFVRFDSDAENPRYEPQAPWMEQEGPEYWERITQIAKGQEQWFRVNLR
TLLGYYNQSAGGTHTLQWMYGCDVGSDGRLLRGYEQFAYDGCDYIALNEDLKTWTAADMAAQITRRKWEQAGAAEYYRAY
LEGECVEWLHRYLKNGNATLLRTDSPKAHVTHHPRSKGEVTLRCWALGFYPADITLTWQLNGEELTQDMELVETRPAGDG
TFQKWASVVVPLGKEQNYTCRVYHEGLPEPLTLRWEPP
;
A,D,G,J
2 'polypeptide(L)'
;IQKTPQIQVYSRHPPENGKPNILNCYVTQFHPPHIEIQMLKNGKKIPKVEMSDMSFSKDWSFYILAHTEFTPTETDTYAC
RVKHDSMAEPKTVYWDRDM
;
B,E,H,K
3 'polypeptide(L)' SPSYVYHQF C,F,I,L
#
# COMPACT_ATOMS: atom_id res chain seq x y z
N ALA A 1 -6.05 17.26 -4.81
CA ALA A 1 -7.25 16.83 -5.52
C ALA A 1 -8.51 17.43 -4.90
N GLY A 2 -8.40 17.88 -3.66
CA GLY A 2 -9.54 18.53 -3.01
C GLY A 2 -9.72 18.20 -1.55
N PRO A 3 -10.92 18.53 -1.02
CA PRO A 3 -11.28 18.28 0.39
C PRO A 3 -11.37 16.79 0.67
N HIS A 4 -11.18 16.40 1.92
CA HIS A 4 -11.29 14.98 2.23
C HIS A 4 -12.77 14.59 2.23
N SER A 5 -13.07 13.33 1.97
CA SER A 5 -14.47 12.92 1.88
C SER A 5 -14.74 11.54 2.44
N MET A 6 -15.91 11.39 3.04
CA MET A 6 -16.46 10.07 3.38
C MET A 6 -17.83 9.96 2.73
N ARG A 7 -18.04 8.89 1.99
CA ARG A 7 -19.29 8.71 1.26
C ARG A 7 -19.77 7.28 1.35
N TYR A 8 -21.08 7.13 1.47
CA TYR A 8 -21.69 5.81 1.48
C TYR A 8 -22.67 5.68 0.33
N PHE A 9 -22.57 4.53 -0.32
CA PHE A 9 -23.39 4.18 -1.46
C PHE A 9 -24.12 2.90 -1.11
N GLU A 10 -25.42 3.03 -0.91
CA GLU A 10 -26.24 1.92 -0.49
C GLU A 10 -27.32 1.68 -1.51
N THR A 11 -27.62 0.41 -1.75
CA THR A 11 -28.54 0.06 -2.81
C THR A 11 -29.27 -1.19 -2.44
N ALA A 12 -30.54 -1.24 -2.81
CA ALA A 12 -31.37 -2.42 -2.59
C ALA A 12 -32.14 -2.74 -3.86
N VAL A 13 -32.13 -4.01 -4.24
CA VAL A 13 -32.86 -4.46 -5.42
C VAL A 13 -33.86 -5.54 -5.00
N SER A 14 -35.13 -5.31 -5.32
CA SER A 14 -36.17 -6.28 -4.98
C SER A 14 -36.13 -7.44 -5.96
N ARG A 15 -36.34 -8.65 -5.45
CA ARG A 15 -36.40 -9.84 -6.27
C ARG A 15 -37.63 -10.65 -5.86
N PRO A 16 -38.78 -10.28 -6.42
CA PRO A 16 -40.09 -10.85 -6.05
C PRO A 16 -40.15 -12.36 -6.27
N GLY A 17 -40.39 -13.11 -5.20
CA GLY A 17 -40.50 -14.55 -5.29
C GLY A 17 -39.18 -15.29 -5.13
N LEU A 18 -38.09 -14.54 -5.02
CA LEU A 18 -36.75 -15.13 -4.86
C LEU A 18 -36.17 -14.79 -3.49
N GLY A 19 -37.03 -14.39 -2.57
CA GLY A 19 -36.61 -14.07 -1.22
C GLY A 19 -36.47 -12.58 -0.95
N GLU A 20 -35.69 -12.26 0.08
CA GLU A 20 -35.49 -10.88 0.52
C GLU A 20 -34.83 -10.03 -0.56
N PRO A 21 -35.03 -8.69 -0.50
CA PRO A 21 -34.32 -7.83 -1.45
C PRO A 21 -32.83 -7.91 -1.20
N ARG A 22 -32.01 -7.77 -2.25
CA ARG A 22 -30.58 -7.76 -2.07
C ARG A 22 -30.11 -6.37 -1.67
N TYR A 23 -29.28 -6.34 -0.64
CA TYR A 23 -28.85 -5.08 -0.05
C TYR A 23 -27.33 -5.00 -0.04
N ILE A 24 -26.81 -3.91 -0.60
CA ILE A 24 -25.37 -3.71 -0.64
C ILE A 24 -25.02 -2.31 -0.17
N SER A 25 -24.10 -2.22 0.77
CA SER A 25 -23.61 -0.93 1.26
C SER A 25 -22.10 -0.85 1.12
N VAL A 26 -21.62 0.18 0.42
CA VAL A 26 -20.19 0.38 0.23
C VAL A 26 -19.77 1.75 0.75
N GLY A 27 -18.67 1.78 1.51
CA GLY A 27 -18.15 3.03 2.06
C GLY A 27 -16.83 3.42 1.42
N TYR A 28 -16.65 4.73 1.21
CA TYR A 28 -15.47 5.28 0.57
C TYR A 28 -14.89 6.41 1.40
N VAL A 29 -13.59 6.36 1.63
CA VAL A 29 -12.87 7.50 2.16
C VAL A 29 -11.94 7.97 1.06
N ASP A 30 -12.04 9.24 0.70
CA ASP A 30 -11.29 9.81 -0.42
C ASP A 30 -11.40 8.94 -1.67
N ASN A 31 -12.64 8.56 -1.98
CA ASN A 31 -12.97 7.76 -3.15
C ASN A 31 -12.39 6.34 -3.15
N LYS A 32 -11.78 5.96 -2.03
CA LYS A 32 -11.26 4.60 -1.87
C LYS A 32 -12.21 3.76 -1.05
N GLU A 33 -12.65 2.66 -1.62
CA GLU A 33 -13.51 1.72 -0.90
C GLU A 33 -12.80 1.13 0.31
N PHE A 34 -13.44 1.20 1.46
CA PHE A 34 -12.81 0.75 2.69
C PHE A 34 -13.67 -0.18 3.54
N VAL A 35 -14.95 -0.27 3.20
CA VAL A 35 -15.92 -1.02 3.98
C VAL A 35 -17.01 -1.54 3.04
N ARG A 36 -17.45 -2.79 3.23
CA ARG A 36 -18.53 -3.31 2.39
C ARG A 36 -19.44 -4.32 3.07
N PHE A 37 -20.74 -4.20 2.80
CA PHE A 37 -21.74 -5.14 3.29
C PHE A 37 -22.57 -5.67 2.12
N ASP A 38 -22.71 -7.00 2.06
CA ASP A 38 -23.57 -7.62 1.06
C ASP A 38 -24.51 -8.59 1.78
N SER A 39 -25.79 -8.55 1.43
CA SER A 39 -26.80 -9.39 2.09
C SER A 39 -26.78 -10.83 1.58
N ASP A 40 -26.22 -11.06 0.40
CA ASP A 40 -26.17 -12.40 -0.18
C ASP A 40 -24.93 -13.19 0.25
N ALA A 41 -24.23 -12.66 1.25
CA ALA A 41 -23.06 -13.34 1.80
C ALA A 41 -23.50 -14.45 2.75
N GLU A 42 -22.57 -15.35 3.07
CA GLU A 42 -22.84 -16.45 3.99
C GLU A 42 -23.09 -15.92 5.38
N ASN A 43 -22.12 -15.16 5.88
CA ASN A 43 -22.29 -14.41 7.12
C ASN A 43 -22.34 -12.92 6.79
N PRO A 44 -23.55 -12.42 6.46
CA PRO A 44 -23.69 -11.01 6.09
C PRO A 44 -23.20 -10.09 7.20
N ARG A 45 -22.09 -9.42 6.94
CA ARG A 45 -21.55 -8.43 7.86
C ARG A 45 -20.68 -7.45 7.10
N TYR A 46 -20.36 -6.33 7.75
CA TYR A 46 -19.43 -5.39 7.17
C TYR A 46 -18.01 -5.94 7.22
N GLU A 47 -17.32 -5.88 6.09
CA GLU A 47 -15.94 -6.36 5.98
C GLU A 47 -15.04 -5.24 5.52
N PRO A 48 -13.78 -5.26 6.00
CA PRO A 48 -12.77 -4.27 5.58
C PRO A 48 -12.44 -4.47 4.11
N GLN A 49 -12.25 -3.37 3.39
CA GLN A 49 -11.84 -3.40 2.00
C GLN A 49 -10.53 -2.65 1.88
N ALA A 50 -9.94 -2.36 3.04
CA ALA A 50 -8.68 -1.66 3.14
C ALA A 50 -7.94 -2.12 4.39
N PRO A 51 -6.63 -2.40 4.25
CA PRO A 51 -5.76 -2.93 5.30
C PRO A 51 -5.73 -2.09 6.57
N TRP A 52 -5.88 -0.77 6.44
CA TRP A 52 -5.86 0.12 7.60
C TRP A 52 -7.17 0.08 8.39
N MET A 53 -8.15 -0.68 7.90
CA MET A 53 -9.42 -0.83 8.60
C MET A 53 -9.47 -2.04 9.51
N GLU A 54 -8.42 -2.86 9.44
CA GLU A 54 -8.32 -4.03 10.32
C GLU A 54 -7.69 -3.57 11.64
N GLN A 55 -7.51 -2.26 11.77
CA GLN A 55 -7.09 -1.58 12.97
C GLN A 55 -8.29 -1.35 13.88
N GLU A 56 -9.49 -1.59 13.37
CA GLU A 56 -10.70 -1.43 14.13
C GLU A 56 -11.04 -2.68 14.93
N GLY A 57 -11.62 -2.47 16.10
CA GLY A 57 -11.93 -3.59 16.96
C GLY A 57 -13.25 -4.27 16.68
N PRO A 58 -13.54 -5.35 17.44
CA PRO A 58 -14.73 -6.22 17.33
C PRO A 58 -16.01 -5.52 17.50
N GLU A 59 -16.07 -4.54 18.36
CA GLU A 59 -17.30 -3.90 18.65
C GLU A 59 -17.74 -3.09 17.47
N TYR A 60 -16.77 -2.49 16.77
CA TYR A 60 -17.05 -1.65 15.61
C TYR A 60 -17.90 -2.40 14.59
N TRP A 61 -17.35 -3.51 14.10
CA TRP A 61 -17.98 -4.29 13.05
C TRP A 61 -19.37 -4.78 13.41
N GLU A 62 -19.56 -5.25 14.64
CA GLU A 62 -20.85 -5.77 15.09
C GLU A 62 -21.89 -4.65 15.11
N ARG A 63 -21.44 -3.50 15.58
CA ARG A 63 -22.29 -2.31 15.66
C ARG A 63 -22.78 -1.88 14.29
N ILE A 64 -21.83 -1.63 13.39
CA ILE A 64 -22.22 -1.21 12.05
C ILE A 64 -23.01 -2.29 11.29
N THR A 65 -22.72 -3.57 11.56
CA THR A 65 -23.51 -4.66 10.99
C THR A 65 -24.97 -4.59 11.47
N GLN A 66 -25.16 -4.24 12.74
CA GLN A 66 -26.51 -4.02 13.27
C GLN A 66 -27.21 -2.90 12.51
N ILE A 67 -26.47 -1.80 12.32
CA ILE A 67 -26.96 -0.71 11.50
C ILE A 67 -27.41 -1.22 10.12
N ALA A 68 -26.62 -2.13 9.54
CA ALA A 68 -26.94 -2.73 8.26
C ALA A 68 -28.28 -3.48 8.28
N LYS A 69 -28.53 -4.24 9.35
CA LYS A 69 -29.81 -4.94 9.47
C LYS A 69 -30.98 -3.95 9.48
N GLY A 70 -30.87 -2.93 10.34
CA GLY A 70 -31.89 -1.89 10.40
C GLY A 70 -32.14 -1.26 9.04
N GLN A 71 -31.04 -1.00 8.33
CA GLN A 71 -31.12 -0.42 6.99
C GLN A 71 -31.82 -1.33 6.00
N GLU A 72 -31.59 -2.63 6.12
CA GLU A 72 -32.24 -3.60 5.26
C GLU A 72 -33.74 -3.50 5.44
N GLN A 73 -34.16 -3.44 6.70
CA GLN A 73 -35.56 -3.18 6.97
C GLN A 73 -36.11 -1.97 6.29
N TRP A 74 -35.44 -0.85 6.55
CA TRP A 74 -35.85 0.41 5.98
C TRP A 74 -36.00 0.32 4.46
N PHE A 75 -35.03 -0.31 3.82
CA PHE A 75 -35.01 -0.43 2.36
C PHE A 75 -36.16 -1.27 1.85
N ARG A 76 -36.39 -2.43 2.46
CA ARG A 76 -37.48 -3.29 2.03
C ARG A 76 -38.84 -2.58 2.16
N VAL A 77 -39.05 -2.02 3.35
CA VAL A 77 -40.27 -1.27 3.62
C VAL A 77 -40.49 -0.17 2.59
N ASN A 78 -39.48 0.66 2.37
CA ASN A 78 -39.69 1.79 1.49
C ASN A 78 -39.71 1.46 0.00
N LEU A 79 -39.13 0.32 -0.33
CA LEU A 79 -39.26 -0.29 -1.66
C LEU A 79 -40.74 -0.54 -1.90
N ARG A 80 -41.37 -1.19 -0.92
CA ARG A 80 -42.81 -1.44 -1.00
C ARG A 80 -43.64 -0.14 -1.03
N THR A 81 -43.27 0.82 -0.19
CA THR A 81 -43.94 2.14 -0.17
C THR A 81 -43.90 2.80 -1.54
N LEU A 82 -42.74 2.78 -2.18
CA LEU A 82 -42.58 3.38 -3.50
C LEU A 82 -43.36 2.65 -4.58
N LEU A 83 -43.42 1.31 -4.45
CA LEU A 83 -44.34 0.53 -5.28
C LEU A 83 -45.72 1.14 -5.16
N GLY A 84 -46.07 1.56 -3.94
CA GLY A 84 -47.32 2.26 -3.72
C GLY A 84 -47.42 3.59 -4.46
N TYR A 85 -46.52 4.52 -4.17
CA TYR A 85 -46.58 5.88 -4.74
C TYR A 85 -46.57 5.91 -6.26
N TYR A 86 -45.86 4.97 -6.88
CA TYR A 86 -45.74 4.96 -8.34
C TYR A 86 -46.77 4.08 -9.02
N ASN A 87 -47.61 3.44 -8.21
CA ASN A 87 -48.69 2.62 -8.70
C ASN A 87 -48.17 1.49 -9.60
N GLN A 88 -47.25 0.70 -9.06
CA GLN A 88 -46.62 -0.33 -9.87
C GLN A 88 -47.00 -1.73 -9.41
N SER A 89 -46.88 -2.67 -10.33
CA SER A 89 -47.20 -4.07 -10.06
C SER A 89 -46.14 -4.69 -9.14
N ALA A 90 -46.55 -5.67 -8.34
CA ALA A 90 -45.71 -6.18 -7.25
C ALA A 90 -44.71 -7.30 -7.62
N GLY A 91 -44.69 -7.71 -8.87
CA GLY A 91 -43.81 -8.80 -9.28
C GLY A 91 -42.64 -8.32 -10.13
N GLY A 92 -42.43 -7.01 -10.14
CA GLY A 92 -41.30 -6.44 -10.87
C GLY A 92 -40.10 -6.25 -9.98
N THR A 93 -38.92 -6.19 -10.57
CA THR A 93 -37.73 -5.84 -9.81
C THR A 93 -37.50 -4.34 -9.89
N HIS A 94 -37.16 -3.74 -8.76
CA HIS A 94 -36.95 -2.30 -8.70
C HIS A 94 -35.73 -2.02 -7.85
N THR A 95 -35.16 -0.83 -8.03
CA THR A 95 -33.96 -0.46 -7.28
C THR A 95 -34.20 0.80 -6.46
N LEU A 96 -33.60 0.82 -5.27
CA LEU A 96 -33.64 1.99 -4.41
C LEU A 96 -32.22 2.28 -3.97
N GLN A 97 -31.76 3.49 -4.25
CA GLN A 97 -30.40 3.85 -3.92
C GLN A 97 -30.32 5.09 -3.04
N TRP A 98 -29.37 5.03 -2.12
CA TRP A 98 -29.13 6.09 -1.16
C TRP A 98 -27.66 6.42 -1.19
N MET A 99 -27.35 7.69 -1.36
CA MET A 99 -25.97 8.15 -1.36
C MET A 99 -25.89 9.25 -0.33
N TYR A 100 -24.88 9.20 0.52
CA TYR A 100 -24.76 10.22 1.56
C TYR A 100 -23.35 10.42 2.09
N GLY A 101 -23.11 11.54 2.75
CA GLY A 101 -21.80 11.75 3.35
C GLY A 101 -21.29 13.18 3.41
N CYS A 102 -19.99 13.32 3.61
CA CYS A 102 -19.40 14.62 3.89
C CYS A 102 -18.05 14.88 3.22
N ASP A 103 -17.94 16.05 2.63
CA ASP A 103 -16.67 16.65 2.24
C ASP A 103 -16.28 17.63 3.34
N VAL A 104 -15.06 17.50 3.86
CA VAL A 104 -14.53 18.42 4.85
C VAL A 104 -13.29 19.14 4.34
N GLY A 105 -13.15 20.39 4.75
CA GLY A 105 -12.06 21.24 4.34
C GLY A 105 -10.82 21.09 5.20
N SER A 106 -9.87 21.99 5.00
CA SER A 106 -8.57 21.91 5.65
C SER A 106 -8.67 22.14 7.16
N ASP A 107 -9.67 22.91 7.58
CA ASP A 107 -9.89 23.18 9.01
C ASP A 107 -10.41 21.96 9.74
N GLY A 108 -11.15 21.11 9.03
CA GLY A 108 -11.66 19.88 9.60
C GLY A 108 -13.15 19.95 9.86
N ARG A 109 -13.78 20.98 9.32
CA ARG A 109 -15.21 21.16 9.52
C ARG A 109 -15.98 20.90 8.23
N LEU A 110 -17.29 20.69 8.38
CA LEU A 110 -18.14 20.35 7.24
C LEU A 110 -18.05 21.41 6.16
N LEU A 111 -17.71 20.97 4.96
CA LEU A 111 -17.66 21.84 3.79
C LEU A 111 -18.88 21.56 2.92
N ARG A 112 -19.18 20.29 2.71
CA ARG A 112 -20.37 19.92 1.97
C ARG A 112 -20.99 18.61 2.43
N GLY A 113 -22.31 18.55 2.46
CA GLY A 113 -23.01 17.35 2.88
C GLY A 113 -23.91 16.79 1.80
N TYR A 114 -24.16 15.48 1.85
CA TYR A 114 -24.97 14.82 0.84
C TYR A 114 -25.98 13.88 1.47
N GLU A 115 -27.21 13.99 1.02
CA GLU A 115 -28.27 13.03 1.31
C GLU A 115 -29.17 12.96 0.08
N GLN A 116 -28.97 11.94 -0.74
CA GLN A 116 -29.82 11.77 -1.93
C GLN A 116 -30.29 10.34 -2.16
N PHE A 117 -31.41 10.25 -2.87
CA PHE A 117 -32.13 9.02 -3.08
C PHE A 117 -32.63 8.95 -4.50
N ALA A 118 -32.49 7.76 -5.07
CA ALA A 118 -32.96 7.46 -6.41
C ALA A 118 -33.81 6.20 -6.40
N TYR A 119 -34.85 6.19 -7.23
CA TYR A 119 -35.69 5.02 -7.39
C TYR A 119 -35.71 4.61 -8.86
N ASP A 120 -35.35 3.35 -9.11
CA ASP A 120 -35.18 2.83 -10.47
C ASP A 120 -34.18 3.67 -11.28
N GLY A 121 -33.12 4.14 -10.60
CA GLY A 121 -32.04 4.86 -11.24
C GLY A 121 -32.30 6.34 -11.47
N CYS A 122 -33.51 6.80 -11.15
CA CYS A 122 -33.87 8.20 -11.36
C CYS A 122 -33.97 8.92 -10.03
N ASP A 123 -33.53 10.18 -10.00
CA ASP A 123 -33.61 11.02 -8.81
C ASP A 123 -34.97 10.95 -8.18
N TYR A 124 -34.97 10.79 -6.87
CA TYR A 124 -36.24 10.76 -6.09
C TYR A 124 -36.23 11.99 -5.19
N ILE A 125 -35.29 12.01 -4.25
CA ILE A 125 -35.27 13.14 -3.30
C ILE A 125 -33.86 13.43 -2.81
N ALA A 126 -33.54 14.72 -2.70
CA ALA A 126 -32.18 15.10 -2.37
C ALA A 126 -32.15 16.29 -1.43
N LEU A 127 -31.33 16.18 -0.39
CA LEU A 127 -31.11 17.31 0.51
C LEU A 127 -30.33 18.40 -0.24
N ASN A 128 -30.89 19.60 -0.31
CA ASN A 128 -30.21 20.72 -0.96
C ASN A 128 -28.95 21.10 -0.19
N GLU A 129 -28.13 21.92 -0.81
CA GLU A 129 -26.83 22.26 -0.23
C GLU A 129 -26.94 23.08 1.04
N ASP A 130 -28.04 23.83 1.18
CA ASP A 130 -28.32 24.54 2.43
C ASP A 130 -28.43 23.57 3.62
N LEU A 131 -28.67 22.30 3.29
CA LEU A 131 -28.89 21.24 4.28
C LEU A 131 -30.14 21.54 5.09
N LYS A 132 -31.14 22.10 4.41
CA LYS A 132 -32.34 22.60 5.08
C LYS A 132 -33.59 22.36 4.24
N THR A 133 -33.41 22.28 2.94
CA THR A 133 -34.54 22.08 2.02
C THR A 133 -34.32 20.85 1.14
N TRP A 134 -35.41 20.38 0.55
CA TRP A 134 -35.40 19.17 -0.25
C TRP A 134 -35.77 19.46 -1.70
N THR A 135 -35.03 18.84 -2.62
CA THR A 135 -35.39 18.84 -4.02
C THR A 135 -36.06 17.50 -4.31
N ALA A 136 -37.32 17.58 -4.72
CA ALA A 136 -38.13 16.40 -5.07
C ALA A 136 -38.37 16.39 -6.57
N ALA A 137 -37.99 15.30 -7.20
CA ALA A 137 -38.05 15.18 -8.66
C ALA A 137 -39.47 15.23 -9.25
N ASP A 138 -40.40 14.54 -8.61
CA ASP A 138 -41.76 14.41 -9.15
C ASP A 138 -42.84 14.42 -8.08
N MET A 139 -44.07 14.14 -8.50
CA MET A 139 -45.21 14.23 -7.59
C MET A 139 -45.17 13.20 -6.48
N ALA A 140 -44.69 12.01 -6.79
CA ALA A 140 -44.58 10.94 -5.80
C ALA A 140 -43.61 11.32 -4.67
N ALA A 141 -42.61 12.14 -5.02
CA ALA A 141 -41.57 12.58 -4.10
C ALA A 141 -42.05 13.73 -3.21
N GLN A 142 -43.08 14.43 -3.67
CA GLN A 142 -43.61 15.58 -2.95
C GLN A 142 -44.25 15.11 -1.65
N ILE A 143 -44.81 13.91 -1.69
CA ILE A 143 -45.41 13.29 -0.51
C ILE A 143 -44.37 13.14 0.57
N THR A 144 -43.25 12.52 0.20
CA THR A 144 -42.15 12.29 1.12
C THR A 144 -41.59 13.62 1.57
N ARG A 145 -41.62 14.60 0.69
CA ARG A 145 -41.08 15.92 1.01
C ARG A 145 -41.89 16.65 2.06
N ARG A 146 -43.21 16.67 1.89
CA ARG A 146 -44.10 17.30 2.86
C ARG A 146 -43.94 16.56 4.18
N LYS A 147 -43.93 15.24 4.09
CA LYS A 147 -43.78 14.38 5.26
C LYS A 147 -42.51 14.70 6.05
N TRP A 148 -41.43 14.93 5.32
CA TRP A 148 -40.11 15.11 5.91
C TRP A 148 -39.87 16.54 6.41
N GLU A 149 -40.53 17.49 5.77
CA GLU A 149 -40.52 18.88 6.22
C GLU A 149 -41.29 18.97 7.53
N GLN A 150 -42.48 18.37 7.55
CA GLN A 150 -43.32 18.25 8.74
C GLN A 150 -42.53 17.63 9.90
N ALA A 151 -41.71 16.61 9.58
CA ALA A 151 -40.99 15.87 10.63
C ALA A 151 -39.63 16.50 11.00
N GLY A 152 -39.19 17.49 10.23
CA GLY A 152 -37.90 18.12 10.47
C GLY A 152 -36.72 17.19 10.25
N ALA A 153 -36.75 16.45 9.14
CA ALA A 153 -35.72 15.46 8.83
C ALA A 153 -34.38 16.13 8.50
N ALA A 154 -34.46 17.24 7.79
CA ALA A 154 -33.28 17.99 7.35
C ALA A 154 -32.35 18.35 8.51
N GLU A 155 -32.93 18.71 9.65
CA GLU A 155 -32.14 19.03 10.84
C GLU A 155 -31.41 17.81 11.39
N TYR A 156 -32.10 16.67 11.37
CA TYR A 156 -31.53 15.40 11.80
C TYR A 156 -30.30 15.07 10.92
N TYR A 157 -30.47 15.12 9.60
CA TYR A 157 -29.37 14.82 8.70
C TYR A 157 -28.23 15.81 8.83
N ARG A 158 -28.58 17.08 8.94
CA ARG A 158 -27.59 18.14 9.09
C ARG A 158 -26.77 17.95 10.35
N ALA A 159 -27.45 17.54 11.42
CA ALA A 159 -26.80 17.25 12.68
C ALA A 159 -25.84 16.07 12.55
N TYR A 160 -26.26 15.02 11.83
CA TYR A 160 -25.36 13.88 11.61
C TYR A 160 -24.16 14.28 10.75
N LEU A 161 -24.41 15.08 9.72
CA LEU A 161 -23.39 15.45 8.73
C LEU A 161 -22.33 16.37 9.32
N GLU A 162 -22.78 17.38 10.06
CA GLU A 162 -21.87 18.32 10.71
C GLU A 162 -21.16 17.68 11.90
N GLY A 163 -21.79 16.67 12.49
CA GLY A 163 -21.28 16.02 13.68
C GLY A 163 -20.41 14.81 13.43
N GLU A 164 -21.01 13.64 13.57
CA GLU A 164 -20.29 12.36 13.58
C GLU A 164 -19.73 11.91 12.22
N CYS A 165 -20.34 12.36 11.13
CA CYS A 165 -19.79 12.03 9.82
C CYS A 165 -18.36 12.56 9.73
N VAL A 166 -18.20 13.83 10.11
CA VAL A 166 -16.89 14.48 10.12
C VAL A 166 -15.92 13.84 11.11
N GLU A 167 -16.42 13.47 12.29
CA GLU A 167 -15.59 12.87 13.33
C GLU A 167 -15.07 11.50 12.89
N TRP A 168 -15.95 10.73 12.26
CA TRP A 168 -15.58 9.43 11.72
C TRP A 168 -14.57 9.58 10.61
N LEU A 169 -14.81 10.56 9.73
CA LEU A 169 -13.89 10.85 8.64
C LEU A 169 -12.51 11.19 9.18
N HIS A 170 -12.48 11.99 10.25
CA HIS A 170 -11.23 12.44 10.89
C HIS A 170 -10.47 11.21 11.42
N ARG A 171 -11.22 10.37 12.14
CA ARG A 171 -10.74 9.11 12.68
C ARG A 171 -10.07 8.24 11.61
N TYR A 172 -10.82 8.01 10.54
CA TYR A 172 -10.39 7.17 9.44
C TYR A 172 -9.14 7.73 8.77
N LEU A 173 -9.16 9.04 8.55
CA LEU A 173 -8.01 9.73 7.96
C LEU A 173 -6.80 9.45 8.81
N LYS A 174 -7.01 9.56 10.12
CA LYS A 174 -5.95 9.39 11.10
C LYS A 174 -5.37 7.97 11.07
N ASN A 175 -6.22 7.00 10.71
CA ASN A 175 -5.74 5.61 10.62
C ASN A 175 -5.09 5.22 9.28
N GLY A 176 -5.61 5.77 8.19
CA GLY A 176 -5.20 5.34 6.88
C GLY A 176 -4.45 6.40 6.09
N ASN A 177 -4.02 7.47 6.75
CA ASN A 177 -3.36 8.58 6.07
C ASN A 177 -2.03 8.24 5.39
N ALA A 178 -1.41 7.14 5.78
CA ALA A 178 -0.20 6.67 5.11
C ALA A 178 -0.47 6.14 3.71
N THR A 179 -1.60 5.47 3.52
CA THR A 179 -1.95 4.88 2.23
C THR A 179 -2.90 5.76 1.40
N LEU A 180 -3.70 6.57 2.10
CA LEU A 180 -4.69 7.43 1.47
C LEU A 180 -4.06 8.68 0.88
N LEU A 181 -3.04 9.20 1.56
CA LEU A 181 -2.42 10.46 1.17
C LEU A 181 -1.19 10.20 0.31
N ARG A 182 -1.25 9.15 -0.51
CA ARG A 182 -0.11 8.71 -1.32
C ARG A 182 -0.44 8.99 -2.77
N THR A 183 0.61 9.33 -3.50
CA THR A 183 0.49 9.56 -4.92
C THR A 183 1.36 8.58 -5.71
N ASP A 184 0.82 8.18 -6.86
CA ASP A 184 1.56 7.47 -7.89
C ASP A 184 1.50 8.34 -9.15
N SER A 185 2.62 8.94 -9.54
CA SER A 185 2.58 9.72 -10.78
C SER A 185 2.39 8.79 -11.97
N PRO A 186 1.71 9.28 -13.02
CA PRO A 186 1.47 8.48 -14.22
C PRO A 186 2.73 8.31 -15.07
N LYS A 187 2.85 7.16 -15.74
CA LYS A 187 3.80 7.01 -16.83
C LYS A 187 3.03 7.39 -18.08
N ALA A 188 3.56 8.35 -18.83
CA ALA A 188 2.87 8.80 -20.03
C ALA A 188 3.62 8.37 -21.29
N HIS A 189 2.89 8.06 -22.35
CA HIS A 189 3.51 7.89 -23.67
C HIS A 189 2.54 8.11 -24.82
N VAL A 190 3.07 8.37 -26.01
CA VAL A 190 2.23 8.67 -27.16
C VAL A 190 2.37 7.58 -28.21
N THR A 191 1.23 7.08 -28.69
CA THR A 191 1.23 6.13 -29.78
C THR A 191 0.65 6.73 -31.04
N HIS A 192 1.05 6.14 -32.16
CA HIS A 192 0.76 6.64 -33.49
C HIS A 192 0.03 5.54 -34.26
N HIS A 193 -1.10 5.89 -34.87
CA HIS A 193 -1.84 4.90 -35.63
C HIS A 193 -2.33 5.52 -36.94
N PRO A 194 -2.03 4.88 -38.08
CA PRO A 194 -2.65 5.32 -39.33
C PRO A 194 -4.16 5.31 -39.19
N ARG A 195 -4.85 6.16 -39.96
CA ARG A 195 -6.27 6.39 -39.70
C ARG A 195 -7.09 6.57 -40.98
N SER A 196 -6.50 7.26 -41.95
CA SER A 196 -7.12 7.51 -43.24
C SER A 196 -6.11 8.17 -44.15
N LYS A 197 -6.56 8.64 -45.32
CA LYS A 197 -5.67 9.31 -46.26
C LYS A 197 -5.19 10.64 -45.71
N GLY A 198 -3.92 10.71 -45.33
CA GLY A 198 -3.32 11.93 -44.82
C GLY A 198 -3.58 12.18 -43.36
N GLU A 199 -4.27 11.24 -42.73
CA GLU A 199 -4.69 11.40 -41.33
C GLU A 199 -4.13 10.29 -40.46
N VAL A 200 -3.58 10.69 -39.33
CA VAL A 200 -3.16 9.74 -38.31
C VAL A 200 -3.86 10.07 -36.99
N THR A 201 -3.86 9.09 -36.10
CA THR A 201 -4.43 9.22 -34.78
C THR A 201 -3.27 9.20 -33.79
N LEU A 202 -3.23 10.22 -32.94
CA LEU A 202 -2.25 10.27 -31.86
C LEU A 202 -2.98 9.99 -30.56
N ARG A 203 -2.39 9.09 -29.76
CA ARG A 203 -3.00 8.72 -28.50
C ARG A 203 -2.05 8.93 -27.34
N CYS A 204 -2.46 9.76 -26.39
CA CYS A 204 -1.70 10.00 -25.17
C CYS A 204 -2.19 9.08 -24.07
N TRP A 205 -1.27 8.32 -23.51
CA TRP A 205 -1.54 7.35 -22.46
C TRP A 205 -0.98 7.87 -21.16
N ALA A 206 -1.80 7.78 -20.12
CA ALA A 206 -1.37 7.97 -18.74
C ALA A 206 -1.69 6.66 -18.02
N LEU A 207 -0.66 6.01 -17.50
CA LEU A 207 -0.80 4.70 -16.88
C LEU A 207 -0.23 4.64 -15.47
N GLY A 208 -0.89 3.86 -14.60
CA GLY A 208 -0.37 3.54 -13.28
C GLY A 208 -0.40 4.70 -12.30
N PHE A 209 -1.42 5.56 -12.41
CA PHE A 209 -1.49 6.71 -11.50
C PHE A 209 -2.49 6.53 -10.36
N TYR A 210 -2.16 7.14 -9.24
CA TYR A 210 -3.07 7.24 -8.11
C TYR A 210 -2.86 8.59 -7.44
N PRO A 211 -3.96 9.29 -7.11
CA PRO A 211 -5.36 8.93 -7.31
C PRO A 211 -5.84 9.07 -8.74
N ALA A 212 -7.13 8.81 -8.95
CA ALA A 212 -7.73 8.78 -10.29
C ALA A 212 -7.90 10.16 -10.92
N ASP A 213 -7.79 11.21 -10.10
CA ASP A 213 -7.97 12.57 -10.59
C ASP A 213 -6.81 12.95 -11.52
N ILE A 214 -7.14 13.17 -12.79
CA ILE A 214 -6.13 13.44 -13.80
C ILE A 214 -6.73 14.30 -14.90
N THR A 215 -5.89 15.10 -15.54
CA THR A 215 -6.31 15.85 -16.74
C THR A 215 -5.38 15.57 -17.90
N LEU A 216 -5.93 15.15 -19.04
CA LEU A 216 -5.16 14.94 -20.25
C LEU A 216 -5.68 15.89 -21.32
N THR A 217 -4.79 16.64 -21.96
CA THR A 217 -5.26 17.50 -23.05
C THR A 217 -4.30 17.53 -24.21
N TRP A 218 -4.77 17.87 -25.39
CA TRP A 218 -3.84 17.99 -26.49
C TRP A 218 -3.46 19.45 -26.70
N GLN A 219 -2.56 19.69 -27.64
CA GLN A 219 -2.03 21.02 -27.85
C GLN A 219 -1.53 21.14 -29.27
N LEU A 220 -2.09 22.10 -29.99
CA LEU A 220 -1.60 22.46 -31.29
C LEU A 220 -0.76 23.72 -31.13
N ASN A 221 0.53 23.60 -31.38
CA ASN A 221 1.47 24.74 -31.30
C ASN A 221 1.46 25.43 -29.94
N GLY A 222 1.47 24.63 -28.89
CA GLY A 222 1.49 25.16 -27.53
C GLY A 222 0.12 25.60 -27.05
N GLU A 223 -0.90 25.50 -27.89
CA GLU A 223 -2.20 25.94 -27.45
C GLU A 223 -3.21 24.79 -27.25
N GLU A 224 -3.96 24.87 -26.17
CA GLU A 224 -4.88 23.81 -25.77
C GLU A 224 -5.85 23.41 -26.87
N LEU A 225 -5.92 22.10 -27.07
CA LEU A 225 -6.73 21.50 -28.10
C LEU A 225 -7.52 20.37 -27.45
N THR A 226 -8.84 20.53 -27.49
CA THR A 226 -9.79 19.56 -26.94
C THR A 226 -10.88 19.27 -27.97
N GLN A 227 -10.97 20.13 -28.97
CA GLN A 227 -11.92 20.00 -30.06
C GLN A 227 -11.80 18.64 -30.74
N ASP A 228 -12.87 17.85 -30.63
CA ASP A 228 -12.92 16.50 -31.20
C ASP A 228 -11.84 15.60 -30.60
N MET A 229 -11.44 15.90 -29.37
CA MET A 229 -10.55 15.03 -28.64
C MET A 229 -11.37 13.91 -28.02
N GLU A 230 -10.95 12.68 -28.26
CA GLU A 230 -11.63 11.53 -27.67
C GLU A 230 -10.98 11.17 -26.34
N LEU A 231 -11.80 11.19 -25.28
CA LEU A 231 -11.34 10.88 -23.93
C LEU A 231 -12.04 9.62 -23.48
N VAL A 232 -11.29 8.63 -23.00
CA VAL A 232 -11.96 7.51 -22.36
C VAL A 232 -12.07 7.75 -20.87
N GLU A 233 -13.02 7.08 -20.25
CA GLU A 233 -13.17 7.16 -18.82
C GLU A 233 -11.98 6.51 -18.11
N THR A 234 -11.53 7.19 -17.07
CA THR A 234 -10.53 6.67 -16.16
C THR A 234 -10.97 5.29 -15.73
N ARG A 235 -10.06 4.35 -15.87
CA ARG A 235 -10.36 2.95 -15.62
C ARG A 235 -9.37 2.37 -14.64
N PRO A 236 -9.82 1.42 -13.81
CA PRO A 236 -8.97 0.75 -12.82
C PRO A 236 -8.08 -0.31 -13.46
N ALA A 237 -6.80 -0.30 -13.11
CA ALA A 237 -5.88 -1.33 -13.56
C ALA A 237 -6.15 -2.63 -12.80
N GLY A 238 -6.68 -2.49 -11.59
CA GLY A 238 -7.06 -3.62 -10.77
C GLY A 238 -6.11 -3.85 -9.61
N ASP A 239 -5.04 -3.07 -9.58
CA ASP A 239 -4.03 -3.19 -8.52
C ASP A 239 -4.01 -1.97 -7.61
N GLY A 240 -4.97 -1.06 -7.82
CA GLY A 240 -5.04 0.17 -7.06
C GLY A 240 -4.73 1.42 -7.86
N THR A 241 -4.21 1.26 -9.08
CA THR A 241 -3.91 2.40 -9.93
C THR A 241 -4.88 2.55 -11.09
N PHE A 242 -4.72 3.61 -11.86
CA PHE A 242 -5.65 3.92 -12.93
C PHE A 242 -4.98 4.18 -14.27
N GLN A 243 -5.80 4.15 -15.31
CA GLN A 243 -5.33 4.40 -16.66
C GLN A 243 -6.29 5.36 -17.34
N LYS A 244 -5.79 6.12 -18.30
CA LYS A 244 -6.64 6.98 -19.11
C LYS A 244 -5.90 7.29 -20.39
N TRP A 245 -6.64 7.45 -21.47
CA TRP A 245 -6.00 7.96 -22.67
C TRP A 245 -6.83 9.03 -23.38
N ALA A 246 -6.15 9.83 -24.22
CA ALA A 246 -6.80 10.90 -24.96
C ALA A 246 -6.27 10.89 -26.38
N SER A 247 -7.16 10.94 -27.37
CA SER A 247 -6.69 10.85 -28.76
C SER A 247 -7.13 12.05 -29.62
N VAL A 248 -6.31 12.39 -30.61
CA VAL A 248 -6.70 13.36 -31.64
C VAL A 248 -6.39 12.85 -33.04
N VAL A 249 -7.14 13.37 -34.01
CA VAL A 249 -6.87 13.10 -35.42
C VAL A 249 -6.11 14.28 -36.02
N VAL A 250 -5.01 13.96 -36.69
CA VAL A 250 -3.98 14.90 -37.06
C VAL A 250 -3.57 14.66 -38.51
N PRO A 251 -3.22 15.73 -39.26
CA PRO A 251 -2.70 15.52 -40.61
C PRO A 251 -1.34 14.81 -40.61
N LEU A 252 -1.19 13.82 -41.50
CA LEU A 252 0.07 13.11 -41.66
C LEU A 252 1.15 14.10 -42.09
N GLY A 253 2.29 14.07 -41.39
CA GLY A 253 3.38 14.99 -41.66
C GLY A 253 3.39 16.18 -40.72
N LYS A 254 2.31 16.33 -39.95
CA LYS A 254 2.17 17.46 -39.04
C LYS A 254 2.19 17.08 -37.56
N GLU A 255 2.51 15.82 -37.28
CA GLU A 255 2.49 15.29 -35.91
C GLU A 255 3.39 16.05 -34.93
N GLN A 256 4.40 16.71 -35.47
CA GLN A 256 5.37 17.41 -34.64
C GLN A 256 4.81 18.71 -34.05
N ASN A 257 3.66 19.16 -34.55
CA ASN A 257 3.02 20.37 -34.03
C ASN A 257 2.15 20.07 -32.80
N TYR A 258 2.01 18.80 -32.48
CA TYR A 258 1.09 18.40 -31.41
C TYR A 258 1.79 17.91 -30.15
N THR A 259 1.25 18.30 -29.01
CA THR A 259 1.80 17.86 -27.74
C THR A 259 0.69 17.43 -26.83
N CYS A 260 1.01 16.49 -25.94
CA CYS A 260 0.08 15.99 -24.96
C CYS A 260 0.48 16.51 -23.60
N ARG A 261 -0.51 16.96 -22.84
CA ARG A 261 -0.32 17.47 -21.49
C ARG A 261 -0.99 16.55 -20.48
N VAL A 262 -0.20 16.12 -19.50
CA VAL A 262 -0.72 15.32 -18.39
C VAL A 262 -0.59 16.09 -17.08
N TYR A 263 -1.73 16.30 -16.44
CA TYR A 263 -1.77 16.94 -15.14
C TYR A 263 -2.21 15.94 -14.08
N HIS A 264 -1.35 15.79 -13.08
CA HIS A 264 -1.59 14.89 -11.97
C HIS A 264 -0.84 15.39 -10.75
N GLU A 265 -1.43 15.21 -9.57
CA GLU A 265 -0.85 15.74 -8.34
C GLU A 265 0.39 14.98 -7.89
N GLY A 266 0.65 13.84 -8.53
CA GLY A 266 1.84 13.06 -8.24
C GLY A 266 3.09 13.63 -8.92
N LEU A 267 2.87 14.35 -10.02
CA LEU A 267 3.95 14.96 -10.76
C LEU A 267 4.41 16.25 -10.09
N PRO A 268 5.74 16.45 -10.00
CA PRO A 268 6.28 17.74 -9.55
C PRO A 268 6.08 18.81 -10.62
N GLU A 269 6.18 18.40 -11.88
CA GLU A 269 5.92 19.26 -13.03
C GLU A 269 5.00 18.50 -13.99
N PRO A 270 4.06 19.22 -14.62
CA PRO A 270 3.19 18.60 -15.64
C PRO A 270 4.02 17.92 -16.72
N LEU A 271 3.47 16.88 -17.32
CA LEU A 271 4.14 16.18 -18.42
C LEU A 271 3.72 16.80 -19.74
N THR A 272 4.71 17.07 -20.58
CA THR A 272 4.47 17.50 -21.95
C THR A 272 5.20 16.49 -22.83
N LEU A 273 4.48 15.84 -23.72
CA LEU A 273 5.13 14.83 -24.56
C LEU A 273 4.58 14.77 -25.97
N ARG A 274 5.37 14.23 -26.88
CA ARG A 274 4.98 14.20 -28.28
C ARG A 274 5.25 12.84 -28.86
N TRP A 275 4.76 12.61 -30.08
CA TRP A 275 5.09 11.40 -30.80
C TRP A 275 6.59 11.41 -31.17
N GLU A 276 7.37 10.54 -30.52
CA GLU A 276 8.81 10.39 -30.79
C GLU A 276 9.09 9.19 -31.69
N PRO A 277 9.37 9.43 -32.98
CA PRO A 277 9.84 8.35 -33.86
C PRO A 277 11.27 7.92 -33.47
N PRO A 278 11.82 6.86 -34.09
CA PRO A 278 11.23 5.93 -35.05
C PRO A 278 10.21 5.04 -34.38
N ILE B 1 -36.45 3.00 -16.62
CA ILE B 1 -35.59 3.46 -17.71
C ILE B 1 -34.33 2.58 -17.82
N GLN B 2 -33.78 2.50 -19.02
CA GLN B 2 -32.61 1.64 -19.23
C GLN B 2 -31.39 2.39 -19.77
N LYS B 3 -30.25 2.12 -19.16
CA LYS B 3 -28.99 2.73 -19.56
C LYS B 3 -28.08 1.66 -20.16
N THR B 4 -27.57 1.94 -21.35
CA THR B 4 -26.73 1.00 -22.07
C THR B 4 -25.31 1.02 -21.50
N PRO B 5 -24.74 -0.18 -21.26
CA PRO B 5 -23.39 -0.32 -20.73
C PRO B 5 -22.31 0.19 -21.68
N GLN B 6 -21.27 0.77 -21.10
CA GLN B 6 -20.06 1.17 -21.81
C GLN B 6 -18.96 0.20 -21.40
N ILE B 7 -18.29 -0.38 -22.39
CA ILE B 7 -17.33 -1.45 -22.12
C ILE B 7 -15.92 -1.08 -22.56
N GLN B 8 -14.95 -1.25 -21.65
CA GLN B 8 -13.55 -1.18 -22.02
C GLN B 8 -12.84 -2.48 -21.76
N VAL B 9 -12.15 -3.00 -22.77
CA VAL B 9 -11.34 -4.22 -22.62
C VAL B 9 -9.87 -3.84 -22.72
N TYR B 10 -9.09 -4.20 -21.72
CA TYR B 10 -7.70 -3.74 -21.64
C TYR B 10 -6.91 -4.56 -20.64
N SER B 11 -5.59 -4.48 -20.69
CA SER B 11 -4.74 -5.26 -19.79
C SER B 11 -4.21 -4.41 -18.65
N ARG B 12 -4.00 -5.05 -17.50
CA ARG B 12 -3.47 -4.34 -16.34
C ARG B 12 -2.08 -3.80 -16.60
N HIS B 13 -1.26 -4.60 -17.25
CA HIS B 13 0.11 -4.22 -17.57
C HIS B 13 0.29 -4.10 -19.08
N PRO B 14 1.31 -3.34 -19.52
CA PRO B 14 1.59 -3.26 -20.96
C PRO B 14 1.84 -4.66 -21.53
N PRO B 15 1.12 -5.01 -22.62
CA PRO B 15 1.13 -6.38 -23.16
C PRO B 15 2.51 -6.79 -23.66
N GLU B 16 2.92 -8.01 -23.33
CA GLU B 16 4.16 -8.57 -23.82
C GLU B 16 3.90 -10.05 -24.09
N ASN B 17 3.98 -10.45 -25.36
CA ASN B 17 3.67 -11.80 -25.72
C ASN B 17 4.51 -12.81 -24.94
N GLY B 18 3.83 -13.79 -24.36
CA GLY B 18 4.50 -14.82 -23.57
C GLY B 18 4.55 -14.43 -22.10
N LYS B 19 4.21 -13.18 -21.80
CA LYS B 19 4.28 -12.71 -20.43
C LYS B 19 2.90 -12.63 -19.78
N PRO B 20 2.71 -13.36 -18.67
CA PRO B 20 1.43 -13.38 -17.95
C PRO B 20 0.98 -11.99 -17.49
N ASN B 21 -0.33 -11.79 -17.48
CA ASN B 21 -0.92 -10.48 -17.29
C ASN B 21 -2.38 -10.64 -16.83
N ILE B 22 -3.04 -9.52 -16.63
CA ILE B 22 -4.46 -9.51 -16.25
C ILE B 22 -5.28 -8.82 -17.33
N LEU B 23 -6.31 -9.51 -17.82
CA LEU B 23 -7.26 -8.91 -18.75
C LEU B 23 -8.49 -8.41 -18.00
N ASN B 24 -8.75 -7.11 -18.17
CA ASN B 24 -9.89 -6.43 -17.58
C ASN B 24 -10.99 -6.12 -18.61
N CYS B 25 -12.22 -6.37 -18.18
CA CYS B 25 -13.42 -5.90 -18.85
C CYS B 25 -14.15 -4.99 -17.87
N TYR B 26 -14.02 -3.69 -18.10
CA TYR B 26 -14.63 -2.67 -17.23
C TYR B 26 -15.95 -2.21 -17.85
N VAL B 27 -17.04 -2.45 -17.14
CA VAL B 27 -18.39 -2.14 -17.65
C VAL B 27 -19.05 -1.07 -16.79
N THR B 28 -19.51 0.01 -17.42
CA THR B 28 -20.05 1.15 -16.70
C THR B 28 -21.36 1.68 -17.24
N GLN B 29 -21.97 2.57 -16.46
CA GLN B 29 -23.09 3.40 -16.90
C GLN B 29 -24.31 2.59 -17.35
N PHE B 30 -24.59 1.52 -16.62
CA PHE B 30 -25.77 0.74 -16.92
C PHE B 30 -26.78 0.74 -15.78
N HIS B 31 -28.03 0.56 -16.17
CA HIS B 31 -29.13 0.32 -15.27
C HIS B 31 -30.13 -0.46 -16.08
N PRO B 32 -30.75 -1.50 -15.50
CA PRO B 32 -30.68 -2.06 -14.15
C PRO B 32 -29.36 -2.76 -13.85
N PRO B 33 -29.07 -3.02 -12.56
CA PRO B 33 -27.76 -3.58 -12.16
C PRO B 33 -27.56 -5.02 -12.57
N HIS B 34 -28.63 -5.71 -12.97
CA HIS B 34 -28.47 -7.09 -13.45
C HIS B 34 -27.74 -7.11 -14.78
N ILE B 35 -26.65 -7.86 -14.83
CA ILE B 35 -25.84 -7.90 -16.04
C ILE B 35 -25.09 -9.21 -16.16
N GLU B 36 -24.93 -9.72 -17.38
CA GLU B 36 -24.00 -10.83 -17.55
C GLU B 36 -22.75 -10.57 -18.35
N ILE B 37 -21.63 -10.98 -17.78
CA ILE B 37 -20.33 -10.71 -18.38
C ILE B 37 -19.49 -11.96 -18.59
N GLN B 38 -19.09 -12.20 -19.83
CA GLN B 38 -18.27 -13.35 -20.16
C GLN B 38 -16.98 -12.87 -20.81
N MET B 39 -15.85 -13.45 -20.42
CA MET B 39 -14.61 -13.15 -21.11
C MET B 39 -14.24 -14.32 -22.02
N LEU B 40 -13.91 -14.00 -23.27
CA LEU B 40 -13.72 -15.02 -24.29
C LEU B 40 -12.28 -15.09 -24.77
N LYS B 41 -11.79 -16.30 -24.98
CA LYS B 41 -10.49 -16.49 -25.62
C LYS B 41 -10.67 -17.33 -26.88
N ASN B 42 -10.35 -16.73 -28.02
CA ASN B 42 -10.59 -17.34 -29.33
C ASN B 42 -12.05 -17.77 -29.52
N GLY B 43 -12.96 -17.01 -28.91
CA GLY B 43 -14.38 -17.27 -29.01
C GLY B 43 -14.94 -18.21 -27.95
N LYS B 44 -14.14 -18.54 -26.95
CA LYS B 44 -14.57 -19.48 -25.91
C LYS B 44 -14.46 -18.92 -24.50
N LYS B 45 -15.44 -19.24 -23.66
CA LYS B 45 -15.50 -18.75 -22.29
C LYS B 45 -14.23 -19.08 -21.50
N ILE B 46 -13.64 -18.06 -20.89
CA ILE B 46 -12.58 -18.27 -19.92
C ILE B 46 -13.28 -18.64 -18.63
N PRO B 47 -13.03 -19.86 -18.13
CA PRO B 47 -13.82 -20.44 -17.03
C PRO B 47 -13.54 -19.82 -15.67
N LYS B 48 -12.48 -19.04 -15.57
CA LYS B 48 -12.10 -18.46 -14.29
C LYS B 48 -12.04 -16.94 -14.31
N VAL B 49 -13.22 -16.33 -14.42
CA VAL B 49 -13.31 -14.90 -14.50
C VAL B 49 -13.68 -14.34 -13.14
N GLU B 50 -12.78 -13.56 -12.56
CA GLU B 50 -13.04 -12.94 -11.26
C GLU B 50 -13.74 -11.61 -11.43
N MET B 51 -14.94 -11.52 -10.87
CA MET B 51 -15.71 -10.30 -10.98
C MET B 51 -15.66 -9.54 -9.66
N SER B 52 -15.28 -8.27 -9.73
CA SER B 52 -15.27 -7.40 -8.55
C SER B 52 -16.71 -7.24 -8.08
N ASP B 53 -16.88 -6.61 -6.93
CA ASP B 53 -18.22 -6.35 -6.44
C ASP B 53 -18.75 -5.08 -7.09
N MET B 54 -20.03 -5.11 -7.45
CA MET B 54 -20.67 -3.99 -8.12
C MET B 54 -20.84 -2.80 -7.19
N SER B 55 -20.58 -1.61 -7.72
CA SER B 55 -21.00 -0.38 -7.05
C SER B 55 -21.78 0.49 -8.01
N PHE B 56 -22.08 1.71 -7.58
CA PHE B 56 -22.65 2.68 -8.50
C PHE B 56 -21.98 4.04 -8.31
N SER B 57 -22.11 4.91 -9.31
CA SER B 57 -21.46 6.21 -9.27
C SER B 57 -22.41 7.31 -8.82
N LYS B 58 -21.96 8.55 -8.96
CA LYS B 58 -22.74 9.69 -8.48
C LYS B 58 -23.93 10.04 -9.36
N ASP B 59 -23.82 9.79 -10.67
CA ASP B 59 -25.03 9.54 -11.45
C ASP B 59 -25.37 8.11 -11.08
N TRP B 60 -26.64 7.76 -10.97
CA TRP B 60 -26.95 6.52 -10.26
C TRP B 60 -26.57 5.22 -10.98
N SER B 61 -25.79 5.33 -12.04
CA SER B 61 -25.48 4.18 -12.88
C SER B 61 -24.50 3.21 -12.22
N PHE B 62 -24.63 1.93 -12.55
CA PHE B 62 -23.79 0.90 -11.93
C PHE B 62 -22.52 0.60 -12.73
N TYR B 63 -21.48 0.16 -12.04
CA TYR B 63 -20.26 -0.28 -12.71
C TYR B 63 -19.70 -1.53 -12.07
N ILE B 64 -18.89 -2.25 -12.84
CA ILE B 64 -18.29 -3.49 -12.38
C ILE B 64 -17.07 -3.84 -13.21
N LEU B 65 -16.09 -4.45 -12.56
CA LEU B 65 -14.87 -4.87 -13.24
C LEU B 65 -14.75 -6.38 -13.25
N ALA B 66 -14.84 -6.96 -14.44
CA ALA B 66 -14.54 -8.39 -14.60
C ALA B 66 -13.07 -8.52 -14.95
N HIS B 67 -12.37 -9.49 -14.39
CA HIS B 67 -10.99 -9.70 -14.78
C HIS B 67 -10.56 -11.15 -14.74
N THR B 68 -9.56 -11.48 -15.55
CA THR B 68 -9.03 -12.84 -15.56
C THR B 68 -7.54 -12.82 -15.87
N GLU B 69 -6.84 -13.90 -15.57
CA GLU B 69 -5.44 -13.97 -15.89
C GLU B 69 -5.29 -14.49 -17.31
N PHE B 70 -4.33 -13.95 -18.04
CA PHE B 70 -4.09 -14.39 -19.41
C PHE B 70 -2.64 -14.18 -19.81
N THR B 71 -2.27 -14.74 -20.95
CA THR B 71 -0.93 -14.54 -21.48
C THR B 71 -1.07 -14.11 -22.94
N PRO B 72 -0.77 -12.82 -23.20
CA PRO B 72 -0.82 -12.27 -24.56
C PRO B 72 0.01 -13.11 -25.50
N THR B 73 -0.48 -13.26 -26.72
CA THR B 73 0.10 -14.17 -27.68
C THR B 73 -0.13 -13.56 -29.06
N GLU B 74 0.74 -13.88 -30.02
CA GLU B 74 0.59 -13.37 -31.38
C GLU B 74 -0.71 -13.79 -32.03
N THR B 75 -1.25 -14.91 -31.61
CA THR B 75 -2.38 -15.54 -32.28
C THR B 75 -3.72 -15.56 -31.52
N ASP B 76 -3.66 -15.46 -30.20
CA ASP B 76 -4.89 -15.51 -29.40
C ASP B 76 -5.68 -14.21 -29.47
N THR B 77 -6.98 -14.33 -29.72
CA THR B 77 -7.89 -13.19 -29.64
C THR B 77 -8.64 -13.24 -28.31
N TYR B 78 -8.79 -12.08 -27.67
CA TYR B 78 -9.57 -11.98 -26.45
C TYR B 78 -10.71 -11.03 -26.61
N ALA B 79 -11.80 -11.29 -25.89
CA ALA B 79 -12.98 -10.47 -25.98
C ALA B 79 -13.75 -10.42 -24.69
N CYS B 80 -14.75 -9.56 -24.66
CA CYS B 80 -15.67 -9.48 -23.54
C CYS B 80 -17.07 -9.37 -24.10
N ARG B 81 -17.91 -10.33 -23.77
CA ARG B 81 -19.30 -10.32 -24.20
C ARG B 81 -20.19 -9.92 -23.03
N VAL B 82 -21.05 -8.95 -23.27
CA VAL B 82 -21.90 -8.40 -22.22
C VAL B 82 -23.37 -8.51 -22.60
N LYS B 83 -24.18 -9.03 -21.69
CA LYS B 83 -25.62 -9.13 -21.90
C LYS B 83 -26.37 -8.27 -20.87
N HIS B 84 -27.24 -7.42 -21.39
CA HIS B 84 -28.00 -6.47 -20.58
C HIS B 84 -29.32 -6.15 -21.28
N ASP B 85 -30.30 -5.70 -20.50
CA ASP B 85 -31.66 -5.49 -20.98
C ASP B 85 -31.74 -4.32 -21.95
N SER B 86 -30.86 -3.35 -21.77
CA SER B 86 -30.79 -2.18 -22.64
C SER B 86 -30.41 -2.55 -24.07
N MET B 87 -29.82 -3.74 -24.23
CA MET B 87 -29.35 -4.20 -25.52
C MET B 87 -30.15 -5.41 -26.03
N ALA B 88 -30.65 -5.30 -27.25
CA ALA B 88 -31.39 -6.38 -27.90
C ALA B 88 -30.45 -7.57 -28.11
N GLU B 89 -29.19 -7.27 -28.45
CA GLU B 89 -28.18 -8.30 -28.63
C GLU B 89 -27.07 -8.19 -27.60
N PRO B 90 -26.42 -9.32 -27.28
CA PRO B 90 -25.20 -9.27 -26.48
C PRO B 90 -24.16 -8.45 -27.22
N LYS B 91 -23.32 -7.74 -26.48
CA LYS B 91 -22.31 -6.93 -27.12
C LYS B 91 -20.94 -7.50 -26.85
N THR B 92 -20.17 -7.65 -27.92
CA THR B 92 -18.82 -8.17 -27.82
C THR B 92 -17.80 -7.09 -28.15
N VAL B 93 -16.86 -6.89 -27.25
CA VAL B 93 -15.76 -5.96 -27.47
C VAL B 93 -14.45 -6.73 -27.42
N TYR B 94 -13.72 -6.69 -28.53
CA TYR B 94 -12.43 -7.36 -28.63
C TYR B 94 -11.34 -6.57 -28.01
N TRP B 95 -10.38 -7.28 -27.43
CA TRP B 95 -9.20 -6.63 -26.90
C TRP B 95 -8.33 -6.09 -28.04
N ASP B 96 -8.07 -4.78 -28.00
CA ASP B 96 -7.21 -4.10 -28.97
C ASP B 96 -6.02 -3.57 -28.17
N ARG B 97 -4.84 -4.13 -28.38
CA ARG B 97 -3.68 -3.75 -27.58
C ARG B 97 -3.19 -2.32 -27.83
N ASP B 98 -3.92 -1.61 -28.70
CA ASP B 98 -3.63 -0.20 -28.98
C ASP B 98 -4.62 0.71 -28.26
N MET B 99 -5.57 0.10 -27.54
CA MET B 99 -6.59 0.84 -26.78
C MET B 99 -6.91 0.23 -25.41
N SER C 1 -18.45 5.72 9.58
CA SER C 1 -19.49 4.77 9.97
C SER C 1 -20.82 5.08 9.26
N PRO C 2 -21.50 4.04 8.74
CA PRO C 2 -22.80 4.22 8.09
C PRO C 2 -23.87 4.62 9.10
N SER C 3 -24.99 5.14 8.61
CA SER C 3 -26.07 5.50 9.51
C SER C 3 -27.46 5.20 8.94
N TYR C 4 -28.47 5.47 9.76
CA TYR C 4 -29.85 5.18 9.41
C TYR C 4 -30.50 6.30 8.64
N VAL C 5 -31.44 5.95 7.77
CA VAL C 5 -32.36 6.92 7.20
C VAL C 5 -33.31 7.43 8.28
N TYR C 6 -33.72 6.51 9.16
CA TYR C 6 -34.62 6.81 10.27
C TYR C 6 -36.02 7.15 9.78
N HIS C 7 -36.14 8.21 8.99
CA HIS C 7 -37.43 8.65 8.46
C HIS C 7 -37.90 7.77 7.31
N GLN C 8 -39.21 7.58 7.22
CA GLN C 8 -39.82 6.77 6.17
C GLN C 8 -40.29 7.61 4.99
N PHE C 9 -40.41 6.99 3.82
CA PHE C 9 -40.97 7.67 2.65
C PHE C 9 -42.48 7.87 2.80
N ALA D 1 -7.98 -21.21 17.70
CA ALA D 1 -7.40 -21.06 19.03
C ALA D 1 -7.81 -22.18 19.96
N GLY D 2 -8.87 -22.88 19.60
CA GLY D 2 -9.31 -24.03 20.38
C GLY D 2 -10.81 -24.19 20.52
N PRO D 3 -11.23 -25.04 21.48
CA PRO D 3 -12.65 -25.34 21.76
C PRO D 3 -13.35 -24.11 22.31
N HIS D 4 -14.67 -24.02 22.15
CA HIS D 4 -15.38 -22.86 22.66
C HIS D 4 -15.50 -23.01 24.18
N SER D 5 -15.61 -21.91 24.90
CA SER D 5 -15.64 -22.00 26.36
C SER D 5 -16.59 -21.02 27.01
N MET D 6 -17.18 -21.45 28.11
CA MET D 6 -17.88 -20.55 29.01
C MET D 6 -17.30 -20.73 30.40
N ARG D 7 -16.91 -19.63 31.03
CA ARG D 7 -16.25 -19.67 32.33
C ARG D 7 -16.77 -18.59 33.24
N TYR D 8 -16.94 -18.93 34.51
CA TYR D 8 -17.30 -17.95 35.50
C TYR D 8 -16.24 -17.85 36.58
N PHE D 9 -15.96 -16.61 36.93
CA PHE D 9 -14.96 -16.25 37.92
C PHE D 9 -15.67 -15.44 38.98
N GLU D 10 -15.84 -16.06 40.13
CA GLU D 10 -16.54 -15.44 41.23
C GLU D 10 -15.62 -15.32 42.43
N THR D 11 -15.76 -14.22 43.14
CA THR D 11 -14.84 -13.93 44.23
C THR D 11 -15.57 -13.16 45.30
N ALA D 12 -15.25 -13.45 46.55
CA ALA D 12 -15.81 -12.75 47.69
C ALA D 12 -14.68 -12.36 48.66
N VAL D 13 -14.67 -11.11 49.09
CA VAL D 13 -13.67 -10.62 50.02
C VAL D 13 -14.37 -10.11 51.27
N SER D 14 -13.99 -10.67 52.42
CA SER D 14 -14.60 -10.25 53.68
C SER D 14 -14.01 -8.92 54.13
N ARG D 15 -14.86 -8.06 54.68
CA ARG D 15 -14.42 -6.78 55.20
C ARG D 15 -15.04 -6.56 56.57
N PRO D 16 -14.40 -7.13 57.60
CA PRO D 16 -14.92 -7.16 58.97
C PRO D 16 -15.14 -5.76 59.54
N GLY D 17 -16.39 -5.47 59.92
CA GLY D 17 -16.73 -4.18 60.50
C GLY D 17 -17.09 -3.11 59.49
N LEU D 18 -16.98 -3.44 58.21
CA LEU D 18 -17.29 -2.49 57.13
C LEU D 18 -18.50 -2.97 56.33
N GLY D 19 -19.27 -3.88 56.91
CA GLY D 19 -20.45 -4.39 56.26
C GLY D 19 -20.29 -5.76 55.63
N GLU D 20 -21.20 -6.08 54.70
CA GLU D 20 -21.20 -7.37 54.03
C GLU D 20 -19.93 -7.60 53.22
N PRO D 21 -19.59 -8.88 52.98
CA PRO D 21 -18.43 -9.16 52.13
C PRO D 21 -18.71 -8.66 50.72
N ARG D 22 -17.67 -8.22 50.01
CA ARG D 22 -17.84 -7.81 48.63
C ARG D 22 -17.81 -9.00 47.69
N TYR D 23 -18.79 -9.03 46.79
CA TYR D 23 -18.97 -10.18 45.93
C TYR D 23 -18.98 -9.73 44.48
N ILE D 24 -18.12 -10.35 43.68
CA ILE D 24 -18.02 -10.05 42.27
C ILE D 24 -18.08 -11.33 41.44
N SER D 25 -18.94 -11.35 40.45
CA SER D 25 -19.04 -12.47 39.53
C SER D 25 -18.90 -12.00 38.09
N VAL D 26 -17.92 -12.57 37.37
CA VAL D 26 -17.68 -12.21 35.98
C VAL D 26 -17.80 -13.45 35.09
N GLY D 27 -18.51 -13.31 33.98
CA GLY D 27 -18.67 -14.41 33.03
C GLY D 27 -17.94 -14.12 31.72
N TYR D 28 -17.36 -15.18 31.14
CA TYR D 28 -16.61 -15.10 29.92
C TYR D 28 -17.08 -16.15 28.93
N VAL D 29 -17.31 -15.73 27.70
CA VAL D 29 -17.48 -16.65 26.59
C VAL D 29 -16.30 -16.46 25.66
N ASP D 30 -15.58 -17.55 25.39
CA ASP D 30 -14.35 -17.49 24.60
C ASP D 30 -13.41 -16.40 25.12
N ASN D 31 -13.21 -16.40 26.44
CA ASN D 31 -12.31 -15.47 27.11
C ASN D 31 -12.72 -14.00 27.03
N LYS D 32 -13.91 -13.75 26.49
CA LYS D 32 -14.44 -12.40 26.42
C LYS D 32 -15.49 -12.20 27.50
N GLU D 33 -15.27 -11.19 28.34
CA GLU D 33 -16.24 -10.84 29.38
C GLU D 33 -17.55 -10.39 28.79
N PHE D 34 -18.64 -11.00 29.27
CA PHE D 34 -19.94 -10.72 28.68
C PHE D 34 -21.03 -10.41 29.70
N VAL D 35 -20.73 -10.68 30.97
CA VAL D 35 -21.69 -10.53 32.05
C VAL D 35 -20.94 -10.16 33.33
N ARG D 36 -21.47 -9.24 34.12
CA ARG D 36 -20.82 -8.92 35.40
C ARG D 36 -21.78 -8.50 36.52
N PHE D 37 -21.49 -8.99 37.73
CA PHE D 37 -22.22 -8.61 38.93
C PHE D 37 -21.25 -8.10 40.00
N ASP D 38 -21.58 -6.94 40.57
CA ASP D 38 -20.81 -6.39 41.69
C ASP D 38 -21.77 -6.03 42.81
N SER D 39 -21.41 -6.41 44.03
CA SER D 39 -22.28 -6.18 45.19
C SER D 39 -22.22 -4.74 45.70
N ASP D 40 -21.17 -4.01 45.34
CA ASP D 40 -21.01 -2.63 45.79
C ASP D 40 -21.65 -1.63 44.84
N ALA D 41 -22.45 -2.15 43.91
CA ALA D 41 -23.17 -1.28 42.98
C ALA D 41 -24.39 -0.68 43.67
N GLU D 42 -24.98 0.34 43.05
CA GLU D 42 -26.17 0.99 43.58
C GLU D 42 -27.34 0.02 43.51
N ASN D 43 -27.62 -0.47 42.30
CA ASN D 43 -28.57 -1.54 42.10
C ASN D 43 -27.83 -2.80 41.69
N PRO D 44 -27.37 -3.57 42.70
CA PRO D 44 -26.60 -4.78 42.41
C PRO D 44 -27.40 -5.75 41.55
N ARG D 45 -26.95 -5.91 40.31
CA ARG D 45 -27.55 -6.85 39.38
C ARG D 45 -26.54 -7.23 38.31
N TYR D 46 -26.83 -8.31 37.59
CA TYR D 46 -25.99 -8.68 36.48
C TYR D 46 -26.22 -7.71 35.33
N GLU D 47 -25.13 -7.20 34.77
CA GLU D 47 -25.18 -6.30 33.63
C GLU D 47 -24.40 -6.86 32.46
N PRO D 48 -24.87 -6.56 31.22
CA PRO D 48 -24.18 -7.00 30.01
C PRO D 48 -22.83 -6.31 29.90
N GLN D 49 -21.82 -7.04 29.44
CA GLN D 49 -20.51 -6.46 29.19
C GLN D 49 -20.18 -6.65 27.72
N ALA D 50 -21.19 -7.06 26.96
CA ALA D 50 -21.10 -7.29 25.52
C ALA D 50 -22.43 -6.96 24.86
N PRO D 51 -22.36 -6.22 23.74
CA PRO D 51 -23.54 -5.73 23.00
C PRO D 51 -24.51 -6.83 22.57
N TRP D 52 -23.99 -8.04 22.30
CA TRP D 52 -24.84 -9.14 21.87
C TRP D 52 -25.61 -9.78 23.03
N MET D 53 -25.37 -9.30 24.25
CA MET D 53 -26.07 -9.80 25.43
C MET D 53 -27.29 -8.98 25.79
N GLU D 54 -27.47 -7.85 25.10
CA GLU D 54 -28.65 -7.02 25.31
C GLU D 54 -29.80 -7.57 24.44
N GLN D 55 -29.53 -8.73 23.85
CA GLN D 55 -30.48 -9.52 23.08
C GLN D 55 -31.29 -10.39 24.04
N GLU D 56 -30.88 -10.42 25.30
CA GLU D 56 -31.57 -11.21 26.28
C GLU D 56 -32.70 -10.44 26.94
N GLY D 57 -33.76 -11.14 27.32
CA GLY D 57 -34.95 -10.53 27.89
C GLY D 57 -34.83 -10.21 29.37
N PRO D 58 -35.84 -9.51 29.91
CA PRO D 58 -35.92 -9.06 31.30
C PRO D 58 -35.90 -10.18 32.32
N GLU D 59 -36.46 -11.31 31.94
CA GLU D 59 -36.58 -12.43 32.85
C GLU D 59 -35.22 -13.03 33.14
N TYR D 60 -34.39 -13.02 32.11
CA TYR D 60 -33.01 -13.53 32.22
C TYR D 60 -32.28 -12.86 33.38
N TRP D 61 -32.12 -11.55 33.26
CA TRP D 61 -31.33 -10.77 34.20
C TRP D 61 -31.81 -10.89 35.63
N GLU D 62 -33.12 -10.88 35.83
CA GLU D 62 -33.71 -11.00 37.17
C GLU D 62 -33.38 -12.35 37.78
N ARG D 63 -33.50 -13.37 36.95
CA ARG D 63 -33.23 -14.75 37.35
C ARG D 63 -31.78 -14.92 37.81
N ILE D 64 -30.85 -14.55 36.93
CA ILE D 64 -29.44 -14.71 37.29
C ILE D 64 -29.03 -13.80 38.45
N THR D 65 -29.67 -12.64 38.56
CA THR D 65 -29.44 -11.76 39.72
C THR D 65 -29.88 -12.46 41.02
N GLN D 66 -30.99 -13.19 40.97
CA GLN D 66 -31.42 -14.00 42.11
C GLN D 66 -30.36 -15.02 42.47
N ILE D 67 -29.85 -15.68 41.43
CA ILE D 67 -28.75 -16.63 41.62
C ILE D 67 -27.58 -15.94 42.33
N ALA D 68 -27.31 -14.69 41.95
CA ALA D 68 -26.25 -13.91 42.58
C ALA D 68 -26.49 -13.70 44.07
N LYS D 69 -27.72 -13.38 44.45
CA LYS D 69 -28.04 -13.22 45.87
C LYS D 69 -27.75 -14.51 46.66
N GLY D 70 -28.27 -15.63 46.13
CA GLY D 70 -28.02 -16.93 46.77
C GLY D 70 -26.54 -17.21 46.91
N GLN D 71 -25.80 -16.87 45.87
CA GLN D 71 -24.35 -17.05 45.86
C GLN D 71 -23.65 -16.21 46.92
N GLU D 72 -24.12 -14.98 47.10
CA GLU D 72 -23.60 -14.10 48.13
C GLU D 72 -23.76 -14.74 49.49
N GLN D 73 -24.94 -15.30 49.73
CA GLN D 73 -25.14 -16.10 50.95
C GLN D 73 -24.13 -17.19 51.12
N TRP D 74 -24.05 -18.03 50.11
CA TRP D 74 -23.12 -19.14 50.13
C TRP D 74 -21.69 -18.69 50.46
N PHE D 75 -21.27 -17.61 49.83
CA PHE D 75 -19.92 -17.11 49.97
C PHE D 75 -19.66 -16.59 51.38
N ARG D 76 -20.60 -15.82 51.91
CA ARG D 76 -20.44 -15.30 53.27
C ARG D 76 -20.34 -16.44 54.28
N VAL D 77 -21.31 -17.34 54.19
CA VAL D 77 -21.36 -18.50 55.07
C VAL D 77 -20.06 -19.29 55.02
N ASN D 78 -19.60 -19.62 53.82
CA ASN D 78 -18.42 -20.48 53.73
C ASN D 78 -17.09 -19.76 54.00
N LEU D 79 -17.11 -18.44 53.85
CA LEU D 79 -16.03 -17.59 54.32
C LEU D 79 -15.87 -17.80 55.82
N ARG D 80 -16.99 -17.69 56.52
CA ARG D 80 -16.96 -17.92 57.97
C ARG D 80 -16.56 -19.37 58.33
N THR D 81 -17.08 -20.33 57.57
CA THR D 81 -16.72 -21.75 57.77
C THR D 81 -15.22 -21.98 57.66
N LEU D 82 -14.61 -21.36 56.66
CA LEU D 82 -13.16 -21.50 56.43
C LEU D 82 -12.35 -20.78 57.50
N LEU D 83 -12.87 -19.66 57.99
CA LEU D 83 -12.31 -19.03 59.19
C LEU D 83 -12.23 -20.09 60.28
N GLY D 84 -13.28 -20.91 60.36
CA GLY D 84 -13.29 -22.04 61.28
C GLY D 84 -12.19 -23.05 61.02
N TYR D 85 -12.20 -23.65 59.83
CA TYR D 85 -11.27 -24.75 59.50
C TYR D 85 -9.79 -24.37 59.62
N TYR D 86 -9.49 -23.11 59.33
CA TYR D 86 -8.09 -22.67 59.34
C TYR D 86 -7.69 -22.02 60.65
N ASN D 87 -8.65 -21.92 61.58
CA ASN D 87 -8.40 -21.46 62.92
C ASN D 87 -7.87 -20.03 62.87
N GLN D 88 -8.61 -19.14 62.22
CA GLN D 88 -8.16 -17.76 62.04
C GLN D 88 -9.02 -16.78 62.81
N SER D 89 -8.41 -15.63 63.10
CA SER D 89 -9.07 -14.56 63.82
C SER D 89 -10.14 -13.89 62.93
N ALA D 90 -11.19 -13.37 63.56
CA ALA D 90 -12.39 -12.93 62.82
C ALA D 90 -12.36 -11.49 62.30
N GLY D 91 -11.27 -10.77 62.55
CA GLY D 91 -11.18 -9.38 62.12
C GLY D 91 -10.24 -9.18 60.95
N GLY D 92 -9.86 -10.29 60.32
CA GLY D 92 -9.00 -10.23 59.15
C GLY D 92 -9.81 -10.24 57.87
N THR D 93 -9.24 -9.72 56.79
CA THR D 93 -9.87 -9.83 55.49
C THR D 93 -9.35 -11.07 54.79
N HIS D 94 -10.26 -11.82 54.18
CA HIS D 94 -9.90 -13.05 53.51
C HIS D 94 -10.62 -13.12 52.18
N THR D 95 -10.12 -13.95 51.27
CA THR D 95 -10.73 -14.08 49.95
C THR D 95 -11.14 -15.51 49.67
N LEU D 96 -12.27 -15.65 48.99
CA LEU D 96 -12.75 -16.95 48.57
C LEU D 96 -13.09 -16.85 47.09
N GLN D 97 -12.47 -17.71 46.29
CA GLN D 97 -12.67 -17.67 44.85
C GLN D 97 -13.19 -18.99 44.31
N TRP D 98 -14.07 -18.87 43.34
CA TRP D 98 -14.68 -20.00 42.67
C TRP D 98 -14.57 -19.79 41.18
N MET D 99 -14.02 -20.78 40.49
CA MET D 99 -13.89 -20.72 39.04
C MET D 99 -14.56 -21.96 38.50
N TYR D 100 -15.41 -21.80 37.49
CA TYR D 100 -16.09 -22.98 36.95
C TYR D 100 -16.54 -22.82 35.51
N GLY D 101 -16.85 -23.93 34.85
CA GLY D 101 -17.35 -23.84 33.48
C GLY D 101 -17.01 -24.98 32.54
N CYS D 102 -17.16 -24.72 31.25
CA CYS D 102 -17.06 -25.78 30.23
C CYS D 102 -16.34 -25.36 28.95
N ASP D 103 -15.42 -26.22 28.52
CA ASP D 103 -14.87 -26.22 27.17
C ASP D 103 -15.64 -27.27 26.38
N VAL D 104 -16.17 -26.86 25.24
CA VAL D 104 -16.87 -27.78 24.33
C VAL D 104 -16.16 -27.87 22.98
N GLY D 105 -16.19 -29.08 22.42
CA GLY D 105 -15.57 -29.36 21.15
C GLY D 105 -16.42 -29.04 19.95
N SER D 106 -15.98 -29.49 18.78
CA SER D 106 -16.63 -29.15 17.51
C SER D 106 -18.01 -29.79 17.38
N ASP D 107 -18.21 -30.93 18.05
CA ASP D 107 -19.50 -31.63 18.01
C ASP D 107 -20.56 -30.90 18.83
N GLY D 108 -20.11 -30.20 19.87
CA GLY D 108 -21.00 -29.42 20.70
C GLY D 108 -21.22 -30.05 22.06
N ARG D 109 -20.41 -31.06 22.37
CA ARG D 109 -20.54 -31.77 23.64
C ARG D 109 -19.38 -31.44 24.56
N LEU D 110 -19.57 -31.75 25.84
CA LEU D 110 -18.59 -31.41 26.86
C LEU D 110 -17.23 -32.04 26.56
N LEU D 111 -16.20 -31.19 26.48
CA LEU D 111 -14.85 -31.64 26.28
C LEU D 111 -14.10 -31.58 27.61
N ARG D 112 -14.28 -30.48 28.32
CA ARG D 112 -13.66 -30.35 29.64
C ARG D 112 -14.50 -29.50 30.58
N GLY D 113 -14.56 -29.91 31.85
CA GLY D 113 -15.30 -29.16 32.85
C GLY D 113 -14.41 -28.67 33.99
N TYR D 114 -14.83 -27.59 34.64
CA TYR D 114 -14.05 -26.99 35.72
C TYR D 114 -14.92 -26.65 36.90
N GLU D 115 -14.45 -27.05 38.07
CA GLU D 115 -15.02 -26.63 39.35
C GLU D 115 -13.85 -26.53 40.32
N GLN D 116 -13.37 -25.32 40.56
CA GLN D 116 -12.28 -25.12 41.52
C GLN D 116 -12.47 -23.95 42.48
N PHE D 117 -11.82 -24.05 43.61
CA PHE D 117 -11.98 -23.14 44.72
C PHE D 117 -10.64 -22.87 45.33
N ALA D 118 -10.44 -21.58 45.66
CA ALA D 118 -9.24 -21.11 46.33
C ALA D 118 -9.62 -20.28 47.54
N TYR D 119 -8.81 -20.38 48.59
CA TYR D 119 -8.99 -19.58 49.79
C TYR D 119 -7.71 -18.80 50.05
N ASP D 120 -7.85 -17.48 50.16
CA ASP D 120 -6.69 -16.59 50.32
C ASP D 120 -5.69 -16.77 49.18
N GLY D 121 -6.20 -17.04 47.97
CA GLY D 121 -5.37 -17.13 46.79
C GLY D 121 -4.74 -18.48 46.55
N CYS D 122 -4.90 -19.39 47.51
CA CYS D 122 -4.29 -20.70 47.40
C CYS D 122 -5.35 -21.74 47.13
N ASP D 123 -5.00 -22.75 46.31
CA ASP D 123 -5.91 -23.84 46.00
C ASP D 123 -6.55 -24.42 47.26
N TYR D 124 -7.86 -24.64 47.20
CA TYR D 124 -8.56 -25.26 48.30
C TYR D 124 -9.11 -26.61 47.85
N ILE D 125 -10.00 -26.57 46.86
CA ILE D 125 -10.55 -27.84 46.36
C ILE D 125 -10.94 -27.76 44.90
N ALA D 126 -10.66 -28.83 44.15
CA ALA D 126 -10.89 -28.82 42.73
C ALA D 126 -11.43 -30.13 42.20
N LEU D 127 -12.47 -30.05 41.38
CA LEU D 127 -13.00 -31.24 40.72
C LEU D 127 -11.98 -31.74 39.70
N ASN D 128 -11.54 -33.00 39.86
CA ASN D 128 -10.60 -33.60 38.91
C ASN D 128 -11.22 -33.73 37.53
N GLU D 129 -10.40 -34.01 36.54
CA GLU D 129 -10.84 -34.03 35.16
C GLU D 129 -11.85 -35.15 34.86
N ASP D 130 -11.75 -36.23 35.63
CA ASP D 130 -12.74 -37.31 35.55
C ASP D 130 -14.15 -36.82 35.87
N LEU D 131 -14.22 -35.67 36.54
CA LEU D 131 -15.47 -35.06 36.98
C LEU D 131 -16.16 -35.97 37.99
N LYS D 132 -15.35 -36.64 38.81
CA LYS D 132 -15.84 -37.66 39.72
C LYS D 132 -15.10 -37.65 41.05
N THR D 133 -13.87 -37.15 41.02
CA THR D 133 -13.06 -37.09 42.24
C THR D 133 -12.57 -35.67 42.52
N TRP D 134 -12.13 -35.46 43.75
CA TRP D 134 -11.71 -34.15 44.22
C TRP D 134 -10.25 -34.14 44.60
N THR D 135 -9.55 -33.10 44.20
CA THR D 135 -8.22 -32.83 44.68
C THR D 135 -8.32 -31.78 45.78
N ALA D 136 -7.90 -32.16 46.97
CA ALA D 136 -7.90 -31.28 48.15
C ALA D 136 -6.47 -30.94 48.53
N ALA D 137 -6.19 -29.64 48.60
CA ALA D 137 -4.83 -29.14 48.83
C ALA D 137 -4.25 -29.51 50.21
N ASP D 138 -5.07 -29.40 51.25
CA ASP D 138 -4.58 -29.59 52.62
C ASP D 138 -5.60 -30.26 53.53
N MET D 139 -5.27 -30.32 54.81
CA MET D 139 -6.11 -31.03 55.77
C MET D 139 -7.48 -30.39 55.97
N ALA D 140 -7.53 -29.07 55.91
CA ALA D 140 -8.78 -28.34 56.04
C ALA D 140 -9.76 -28.67 54.91
N ALA D 141 -9.20 -28.94 53.73
CA ALA D 141 -10.01 -29.22 52.54
C ALA D 141 -10.45 -30.69 52.50
N GLN D 142 -9.80 -31.53 53.29
CA GLN D 142 -10.15 -32.93 53.37
C GLN D 142 -11.52 -33.11 54.00
N ILE D 143 -11.83 -32.22 54.93
CA ILE D 143 -13.14 -32.20 55.58
C ILE D 143 -14.22 -32.00 54.53
N THR D 144 -14.04 -30.97 53.72
CA THR D 144 -14.99 -30.64 52.66
C THR D 144 -15.04 -31.77 51.67
N ARG D 145 -13.91 -32.43 51.46
CA ARG D 145 -13.86 -33.51 50.48
C ARG D 145 -14.64 -34.73 50.91
N ARG D 146 -14.44 -35.17 52.16
CA ARG D 146 -15.22 -36.27 52.71
C ARG D 146 -16.69 -35.92 52.66
N LYS D 147 -16.98 -34.70 53.10
CA LYS D 147 -18.35 -34.19 53.14
C LYS D 147 -19.01 -34.25 51.76
N TRP D 148 -18.25 -33.91 50.73
CA TRP D 148 -18.78 -33.79 49.37
C TRP D 148 -18.82 -35.12 48.62
N GLU D 149 -17.94 -36.03 49.00
CA GLU D 149 -17.97 -37.41 48.52
C GLU D 149 -19.20 -38.11 49.06
N GLN D 150 -19.40 -37.97 50.38
CA GLN D 150 -20.61 -38.53 51.02
C GLN D 150 -21.88 -38.01 50.43
N ALA D 151 -21.88 -36.74 50.02
CA ALA D 151 -23.08 -36.09 49.49
C ALA D 151 -23.25 -36.29 47.99
N GLY D 152 -22.22 -36.81 47.32
CA GLY D 152 -22.27 -37.00 45.88
C GLY D 152 -22.34 -35.70 45.09
N ALA D 153 -21.49 -34.75 45.46
CA ALA D 153 -21.49 -33.42 44.83
C ALA D 153 -20.97 -33.47 43.40
N ALA D 154 -19.97 -34.32 43.18
CA ALA D 154 -19.34 -34.46 41.86
C ALA D 154 -20.36 -34.77 40.76
N GLU D 155 -21.34 -35.60 41.08
CA GLU D 155 -22.39 -35.96 40.12
C GLU D 155 -23.28 -34.77 39.79
N TYR D 156 -23.57 -33.96 40.80
CA TYR D 156 -24.35 -32.74 40.64
C TYR D 156 -23.63 -31.79 39.68
N TYR D 157 -22.35 -31.53 39.95
CA TYR D 157 -21.57 -30.64 39.09
C TYR D 157 -21.40 -31.18 37.69
N ARG D 158 -21.15 -32.48 37.60
CA ARG D 158 -20.96 -33.13 36.31
C ARG D 158 -22.24 -33.04 35.47
N ALA D 159 -23.37 -33.17 36.15
CA ALA D 159 -24.67 -33.05 35.50
C ALA D 159 -24.90 -31.61 35.01
N TYR D 160 -24.49 -30.63 35.80
CA TYR D 160 -24.61 -29.24 35.35
C TYR D 160 -23.68 -28.94 34.17
N LEU D 161 -22.45 -29.45 34.25
CA LEU D 161 -21.41 -29.17 33.25
C LEU D 161 -21.73 -29.81 31.90
N GLU D 162 -22.13 -31.08 31.93
CA GLU D 162 -22.48 -31.81 30.72
C GLU D 162 -23.81 -31.31 30.15
N GLY D 163 -24.64 -30.77 31.02
CA GLY D 163 -25.97 -30.35 30.62
C GLY D 163 -26.10 -28.91 30.20
N GLU D 164 -26.55 -28.11 31.16
CA GLU D 164 -26.94 -26.72 30.91
C GLU D 164 -25.82 -25.73 30.67
N CYS D 165 -24.63 -26.01 31.19
CA CYS D 165 -23.48 -25.19 30.89
C CYS D 165 -23.26 -25.15 29.37
N VAL D 166 -23.22 -26.34 28.78
CA VAL D 166 -23.04 -26.51 27.34
C VAL D 166 -24.18 -25.86 26.54
N GLU D 167 -25.41 -26.02 27.02
CA GLU D 167 -26.57 -25.48 26.31
C GLU D 167 -26.57 -23.97 26.31
N TRP D 168 -26.19 -23.40 27.45
CA TRP D 168 -26.06 -21.95 27.57
C TRP D 168 -24.95 -21.44 26.67
N LEU D 169 -23.82 -22.14 26.68
CA LEU D 169 -22.70 -21.79 25.82
C LEU D 169 -23.13 -21.79 24.36
N HIS D 170 -23.89 -22.81 23.98
CA HIS D 170 -24.38 -22.93 22.59
C HIS D 170 -25.25 -21.75 22.23
N ARG D 171 -26.16 -21.43 23.13
CA ARG D 171 -27.05 -20.27 23.02
C ARG D 171 -26.28 -18.97 22.77
N TYR D 172 -25.31 -18.74 23.65
CA TYR D 172 -24.51 -17.52 23.64
C TYR D 172 -23.73 -17.40 22.37
N LEU D 173 -23.13 -18.53 21.97
CA LEU D 173 -22.38 -18.61 20.72
C LEU D 173 -23.31 -18.21 19.60
N LYS D 174 -24.52 -18.73 19.62
CA LYS D 174 -25.46 -18.44 18.57
C LYS D 174 -25.84 -16.97 18.52
N ASN D 175 -25.84 -16.30 19.65
CA ASN D 175 -26.14 -14.87 19.68
C ASN D 175 -24.97 -13.94 19.30
N GLY D 176 -23.77 -14.29 19.73
CA GLY D 176 -22.65 -13.39 19.59
C GLY D 176 -21.59 -13.89 18.64
N ASN D 177 -21.91 -14.90 17.83
CA ASN D 177 -20.92 -15.48 16.92
C ASN D 177 -20.37 -14.55 15.86
N ALA D 178 -21.08 -13.47 15.56
CA ALA D 178 -20.58 -12.45 14.66
C ALA D 178 -19.39 -11.66 15.20
N THR D 179 -19.40 -11.42 16.51
CA THR D 179 -18.35 -10.64 17.16
C THR D 179 -17.30 -11.52 17.86
N LEU D 180 -17.73 -12.71 18.25
CA LEU D 180 -16.87 -13.64 18.96
C LEU D 180 -15.93 -14.41 18.03
N LEU D 181 -16.41 -14.70 16.82
CA LEU D 181 -15.68 -15.54 15.86
C LEU D 181 -14.96 -14.65 14.90
N ARG D 182 -14.44 -13.54 15.41
CA ARG D 182 -13.90 -12.53 14.52
C ARG D 182 -12.38 -12.41 14.90
N THR D 183 -11.57 -12.17 13.88
CA THR D 183 -10.14 -12.04 14.05
C THR D 183 -9.63 -10.67 13.62
N ASP D 184 -8.66 -10.18 14.39
CA ASP D 184 -7.87 -9.00 14.03
C ASP D 184 -6.42 -9.47 13.91
N SER D 185 -5.85 -9.54 12.71
CA SER D 185 -4.43 -9.91 12.61
C SER D 185 -3.57 -8.79 13.17
N PRO D 186 -2.42 -9.17 13.75
CA PRO D 186 -1.51 -8.18 14.36
C PRO D 186 -0.76 -7.38 13.31
N LYS D 187 -0.47 -6.12 13.64
CA LYS D 187 0.53 -5.34 12.92
C LYS D 187 1.84 -5.61 13.63
N ALA D 188 2.83 -6.11 12.91
CA ALA D 188 4.13 -6.41 13.52
C ALA D 188 5.19 -5.41 13.09
N HIS D 189 6.13 -5.13 13.97
CA HIS D 189 7.34 -4.38 13.57
C HIS D 189 8.49 -4.57 14.54
N VAL D 190 9.71 -4.34 14.06
CA VAL D 190 10.90 -4.55 14.87
C VAL D 190 11.60 -3.23 15.20
N THR D 191 11.90 -3.03 16.48
CA THR D 191 12.65 -1.87 16.90
C THR D 191 14.04 -2.25 17.37
N HIS D 192 14.93 -1.27 17.31
CA HIS D 192 16.35 -1.45 17.54
C HIS D 192 16.77 -0.51 18.67
N HIS D 193 17.46 -1.03 19.66
CA HIS D 193 17.90 -0.19 20.77
C HIS D 193 19.33 -0.53 21.16
N PRO D 194 20.21 0.47 21.23
CA PRO D 194 21.54 0.21 21.79
C PRO D 194 21.40 -0.34 23.20
N ARG D 195 22.37 -1.13 23.66
CA ARG D 195 22.20 -1.90 24.89
C ARG D 195 23.49 -1.99 25.71
N SER D 196 24.62 -2.13 25.01
CA SER D 196 25.93 -2.21 25.63
C SER D 196 27.00 -2.19 24.54
N LYS D 197 28.25 -2.48 24.92
CA LYS D 197 29.34 -2.50 23.97
C LYS D 197 29.21 -3.70 23.02
N GLY D 198 28.87 -3.43 21.75
CA GLY D 198 28.76 -4.47 20.74
C GLY D 198 27.43 -5.19 20.79
N GLU D 199 26.56 -4.76 21.69
CA GLU D 199 25.28 -5.42 21.91
C GLU D 199 24.11 -4.48 21.67
N VAL D 200 23.14 -4.96 20.90
CA VAL D 200 21.89 -4.25 20.70
C VAL D 200 20.73 -5.13 21.11
N THR D 201 19.58 -4.49 21.34
CA THR D 201 18.35 -5.16 21.71
C THR D 201 17.42 -5.04 20.53
N LEU D 202 16.90 -6.17 20.07
CA LEU D 202 15.87 -6.18 19.03
C LEU D 202 14.54 -6.53 19.69
N ARG D 203 13.52 -5.76 19.36
CA ARG D 203 12.19 -5.97 19.93
C ARG D 203 11.14 -6.16 18.84
N CYS D 204 10.49 -7.32 18.86
CA CYS D 204 9.41 -7.61 17.94
C CYS D 204 8.07 -7.25 18.60
N TRP D 205 7.32 -6.40 17.93
CA TRP D 205 6.03 -5.92 18.38
C TRP D 205 4.94 -6.57 17.57
N ALA D 206 3.93 -7.05 18.27
CA ALA D 206 2.66 -7.44 17.66
C ALA D 206 1.59 -6.57 18.32
N LEU D 207 0.91 -5.77 17.50
CA LEU D 207 -0.08 -4.83 18.00
C LEU D 207 -1.46 -4.98 17.35
N GLY D 208 -2.50 -4.72 18.13
CA GLY D 208 -3.85 -4.64 17.60
C GLY D 208 -4.44 -5.95 17.15
N PHE D 209 -4.12 -7.04 17.85
CA PHE D 209 -4.64 -8.35 17.47
C PHE D 209 -5.77 -8.85 18.37
N TYR D 210 -6.68 -9.60 17.75
CA TYR D 210 -7.72 -10.31 18.47
C TYR D 210 -7.96 -11.64 17.76
N PRO D 211 -8.07 -12.74 18.52
CA PRO D 211 -7.99 -12.84 19.98
C PRO D 211 -6.57 -12.74 20.53
N ALA D 212 -6.47 -12.87 21.85
CA ALA D 212 -5.21 -12.69 22.57
C ALA D 212 -4.18 -13.80 22.33
N ASP D 213 -4.66 -14.93 21.81
CA ASP D 213 -3.78 -16.08 21.59
C ASP D 213 -2.78 -15.78 20.47
N ILE D 214 -1.51 -15.70 20.84
CA ILE D 214 -0.46 -15.33 19.90
C ILE D 214 0.86 -15.99 20.29
N THR D 215 1.70 -16.26 19.30
CA THR D 215 3.04 -16.76 19.58
C THR D 215 4.09 -15.89 18.88
N LEU D 216 5.03 -15.36 19.66
CA LEU D 216 6.14 -14.57 19.12
C LEU D 216 7.43 -15.32 19.41
N THR D 217 8.27 -15.53 18.39
CA THR D 217 9.56 -16.15 18.67
C THR D 217 10.68 -15.51 17.86
N TRP D 218 11.91 -15.67 18.32
CA TRP D 218 13.00 -15.16 17.49
C TRP D 218 13.62 -16.29 16.71
N GLN D 219 14.59 -15.94 15.86
CA GLN D 219 15.20 -16.90 14.96
C GLN D 219 16.58 -16.43 14.60
N LEU D 220 17.54 -17.29 14.87
CA LEU D 220 18.91 -17.10 14.42
C LEU D 220 19.12 -17.99 13.19
N ASN D 221 19.33 -17.38 12.03
CA ASN D 221 19.56 -18.11 10.79
C ASN D 221 18.45 -19.12 10.46
N GLY D 222 17.21 -18.68 10.62
CA GLY D 222 16.08 -19.50 10.28
C GLY D 222 15.77 -20.50 11.36
N GLU D 223 16.53 -20.50 12.44
CA GLU D 223 16.23 -21.47 13.48
C GLU D 223 15.74 -20.85 14.79
N GLU D 224 14.74 -21.49 15.38
CA GLU D 224 14.03 -20.96 16.53
C GLU D 224 14.96 -20.62 17.68
N LEU D 225 14.76 -19.41 18.19
CA LEU D 225 15.57 -18.83 19.25
C LEU D 225 14.62 -18.25 20.29
N THR D 226 14.67 -18.85 21.47
CA THR D 226 13.87 -18.45 22.63
C THR D 226 14.79 -18.27 23.84
N GLN D 227 16.00 -18.81 23.74
CA GLN D 227 17.02 -18.71 24.79
C GLN D 227 17.25 -17.26 25.19
N ASP D 228 16.90 -16.95 26.42
CA ASP D 228 17.09 -15.61 26.98
C ASP D 228 16.23 -14.59 26.20
N MET D 229 15.13 -15.04 25.62
CA MET D 229 14.17 -14.15 24.98
C MET D 229 13.26 -13.61 26.06
N GLU D 230 13.14 -12.29 26.08
CA GLU D 230 12.24 -11.65 27.03
C GLU D 230 10.86 -11.47 26.42
N LEU D 231 9.86 -12.06 27.07
CA LEU D 231 8.48 -11.99 26.61
C LEU D 231 7.66 -11.24 27.64
N VAL D 232 6.94 -10.22 27.21
CA VAL D 232 5.98 -9.61 28.13
C VAL D 232 4.64 -10.29 28.01
N GLU D 233 3.85 -10.18 29.07
CA GLU D 233 2.49 -10.70 29.06
C GLU D 233 1.63 -9.92 28.08
N THR D 234 0.85 -10.66 27.31
CA THR D 234 -0.18 -10.10 26.44
C THR D 234 -1.00 -9.12 27.26
N ARG D 235 -1.15 -7.92 26.71
CA ARG D 235 -1.79 -6.84 27.43
C ARG D 235 -2.90 -6.25 26.58
N PRO D 236 -3.97 -5.78 27.23
CA PRO D 236 -5.10 -5.19 26.54
C PRO D 236 -4.80 -3.76 26.12
N ALA D 237 -5.14 -3.42 24.87
CA ALA D 237 -5.00 -2.06 24.38
C ALA D 237 -6.10 -1.19 24.97
N GLY D 238 -7.23 -1.81 25.31
CA GLY D 238 -8.33 -1.13 25.96
C GLY D 238 -9.52 -0.95 25.06
N ASP D 239 -9.33 -1.30 23.78
CA ASP D 239 -10.38 -1.14 22.77
C ASP D 239 -10.89 -2.49 22.26
N GLY D 240 -10.42 -3.56 22.90
CA GLY D 240 -10.80 -4.90 22.47
C GLY D 240 -9.66 -5.70 21.85
N THR D 241 -8.54 -5.04 21.55
CA THR D 241 -7.38 -5.73 20.98
C THR D 241 -6.23 -5.87 21.97
N PHE D 242 -5.20 -6.57 21.54
CA PHE D 242 -4.08 -6.87 22.42
C PHE D 242 -2.73 -6.52 21.83
N GLN D 243 -1.73 -6.45 22.70
CA GLN D 243 -0.37 -6.14 22.31
C GLN D 243 0.54 -7.15 22.98
N LYS D 244 1.70 -7.40 22.35
CA LYS D 244 2.73 -8.25 22.96
C LYS D 244 4.04 -7.91 22.29
N TRP D 245 5.12 -8.00 23.04
CA TRP D 245 6.42 -7.90 22.40
C TRP D 245 7.40 -8.95 22.91
N ALA D 246 8.44 -9.21 22.10
CA ALA D 246 9.46 -10.19 22.45
C ALA D 246 10.81 -9.60 22.08
N SER D 247 11.77 -9.66 23.00
CA SER D 247 13.08 -9.07 22.72
C SER D 247 14.26 -10.05 22.85
N VAL D 248 15.31 -9.81 22.07
CA VAL D 248 16.58 -10.53 22.21
C VAL D 248 17.76 -9.59 22.22
N VAL D 249 18.84 -10.05 22.84
CA VAL D 249 20.10 -9.31 22.81
C VAL D 249 21.04 -9.95 21.78
N VAL D 250 21.57 -9.10 20.91
CA VAL D 250 22.20 -9.50 19.66
C VAL D 250 23.52 -8.75 19.50
N PRO D 251 24.53 -9.38 18.89
CA PRO D 251 25.77 -8.64 18.61
C PRO D 251 25.55 -7.54 17.58
N LEU D 252 26.12 -6.36 17.85
CA LEU D 252 26.08 -5.25 16.89
C LEU D 252 26.77 -5.64 15.59
N GLY D 253 26.09 -5.43 14.47
CA GLY D 253 26.62 -5.82 13.16
C GLY D 253 26.06 -7.16 12.69
N LYS D 254 25.36 -7.86 13.58
CA LYS D 254 24.82 -9.18 13.26
C LYS D 254 23.30 -9.24 13.22
N GLU D 255 22.66 -8.07 13.31
CA GLU D 255 21.21 -7.97 13.36
C GLU D 255 20.50 -8.60 12.16
N GLN D 256 21.20 -8.74 11.05
CA GLN D 256 20.61 -9.27 9.83
C GLN D 256 20.43 -10.79 9.87
N ASN D 257 21.06 -11.44 10.84
CA ASN D 257 20.90 -12.88 11.03
C ASN D 257 19.66 -13.25 11.80
N TYR D 258 18.96 -12.25 12.33
CA TYR D 258 17.83 -12.50 13.21
C TYR D 258 16.49 -12.17 12.57
N THR D 259 15.50 -13.01 12.85
CA THR D 259 14.16 -12.79 12.36
C THR D 259 13.15 -13.02 13.46
N CYS D 260 12.05 -12.32 13.37
CA CYS D 260 10.95 -12.46 14.31
C CYS D 260 9.81 -13.19 13.62
N ARG D 261 9.20 -14.12 14.35
CA ARG D 261 8.05 -14.87 13.87
C ARG D 261 6.83 -14.55 14.70
N VAL D 262 5.76 -14.17 14.01
CA VAL D 262 4.46 -13.94 14.63
C VAL D 262 3.44 -14.97 14.14
N TYR D 263 2.89 -15.73 15.07
CA TYR D 263 1.82 -16.66 14.79
C TYR D 263 0.54 -16.20 15.42
N HIS D 264 -0.47 -16.08 14.57
CA HIS D 264 -1.81 -15.66 14.99
C HIS D 264 -2.81 -16.21 14.00
N GLU D 265 -3.99 -16.57 14.50
CA GLU D 265 -5.01 -17.17 13.66
C GLU D 265 -5.66 -16.18 12.68
N GLY D 266 -5.38 -14.89 12.84
CA GLY D 266 -5.92 -13.88 11.96
C GLY D 266 -5.10 -13.76 10.68
N LEU D 267 -3.84 -14.19 10.74
CA LEU D 267 -2.94 -14.14 9.61
C LEU D 267 -3.19 -15.32 8.68
N PRO D 268 -3.24 -15.06 7.36
CA PRO D 268 -3.31 -16.15 6.39
C PRO D 268 -1.98 -16.91 6.34
N GLU D 269 -0.88 -16.16 6.54
CA GLU D 269 0.46 -16.71 6.58
C GLU D 269 1.18 -16.07 7.76
N PRO D 270 2.01 -16.88 8.48
CA PRO D 270 2.80 -16.34 9.59
C PRO D 270 3.64 -15.14 9.14
N LEU D 271 3.90 -14.22 10.07
CA LEU D 271 4.74 -13.07 9.78
C LEU D 271 6.19 -13.40 10.10
N THR D 272 7.07 -13.07 9.17
CA THR D 272 8.50 -13.16 9.41
C THR D 272 9.07 -11.77 9.12
N LEU D 273 9.71 -11.16 10.11
CA LEU D 273 10.21 -9.81 9.89
C LEU D 273 11.54 -9.57 10.56
N ARG D 274 12.25 -8.55 10.10
CA ARG D 274 13.58 -8.27 10.61
C ARG D 274 13.74 -6.79 10.86
N TRP D 275 14.84 -6.42 11.49
CA TRP D 275 15.18 -5.02 11.65
C TRP D 275 15.54 -4.41 10.28
N GLU D 276 14.67 -3.53 9.77
CA GLU D 276 14.87 -2.84 8.50
C GLU D 276 15.38 -1.40 8.73
N PRO D 277 16.69 -1.18 8.50
CA PRO D 277 17.23 0.20 8.48
C PRO D 277 16.71 0.96 7.24
N PRO D 278 17.00 2.27 7.12
CA PRO D 278 17.66 3.16 8.08
C PRO D 278 16.76 3.43 9.28
N ILE E 1 -1.16 -15.29 52.01
CA ILE E 1 0.04 -15.12 51.18
C ILE E 1 -0.11 -13.88 50.30
N GLN E 2 1.01 -13.28 49.91
CA GLN E 2 0.99 -12.06 49.11
C GLN E 2 1.76 -12.17 47.80
N LYS E 3 1.10 -11.74 46.73
CA LYS E 3 1.69 -11.75 45.40
C LYS E 3 1.95 -10.32 44.93
N THR E 4 3.18 -10.06 44.50
CA THR E 4 3.59 -8.73 44.09
C THR E 4 3.10 -8.42 42.68
N PRO E 5 2.50 -7.24 42.49
CA PRO E 5 1.97 -6.81 41.19
C PRO E 5 3.05 -6.64 40.13
N GLN E 6 2.70 -6.98 38.90
CA GLN E 6 3.52 -6.73 37.73
C GLN E 6 2.84 -5.62 36.94
N ILE E 7 3.61 -4.59 36.60
CA ILE E 7 3.04 -3.39 36.00
C ILE E 7 3.60 -3.12 34.61
N GLN E 8 2.71 -2.90 33.64
CA GLN E 8 3.12 -2.40 32.33
C GLN E 8 2.47 -1.06 32.05
N VAL E 9 3.29 -0.08 31.69
CA VAL E 9 2.77 1.22 31.28
C VAL E 9 3.02 1.40 29.80
N TYR E 10 1.96 1.69 29.04
CA TYR E 10 2.05 1.70 27.59
C TYR E 10 0.86 2.41 26.98
N SER E 11 0.96 2.81 25.72
CA SER E 11 -0.12 3.54 25.06
C SER E 11 -0.93 2.63 24.15
N ARG E 12 -2.22 2.93 24.02
CA ARG E 12 -3.10 2.14 23.16
C ARG E 12 -2.64 2.20 21.70
N HIS E 13 -2.25 3.38 21.27
CA HIS E 13 -1.81 3.60 19.88
C HIS E 13 -0.34 3.98 19.86
N PRO E 14 0.34 3.75 18.72
CA PRO E 14 1.74 4.19 18.60
C PRO E 14 1.86 5.69 18.85
N PRO E 15 2.77 6.08 19.76
CA PRO E 15 2.86 7.47 20.26
C PRO E 15 3.25 8.45 19.15
N GLU E 16 2.54 9.57 19.09
CA GLU E 16 2.85 10.63 18.14
C GLU E 16 2.64 11.95 18.86
N ASN E 17 3.73 12.68 19.07
CA ASN E 17 3.65 13.89 19.84
C ASN E 17 2.62 14.87 19.28
N GLY E 18 1.74 15.35 20.16
CA GLY E 18 0.69 16.27 19.75
C GLY E 18 -0.59 15.52 19.38
N LYS E 19 -0.49 14.21 19.28
CA LYS E 19 -1.65 13.41 18.89
C LYS E 19 -2.25 12.70 20.10
N PRO E 20 -3.54 12.98 20.39
CA PRO E 20 -4.25 12.38 21.52
C PRO E 20 -4.26 10.84 21.45
N ASN E 21 -4.26 10.22 22.62
CA ASN E 21 -4.03 8.80 22.76
C ASN E 21 -4.53 8.33 24.12
N ILE E 22 -4.40 7.03 24.37
CA ILE E 22 -4.79 6.44 25.65
C ILE E 22 -3.57 5.88 26.35
N LEU E 23 -3.35 6.28 27.59
CA LEU E 23 -2.30 5.71 28.41
C LEU E 23 -2.88 4.62 29.31
N ASN E 24 -2.30 3.42 29.20
CA ASN E 24 -2.66 2.26 29.99
C ASN E 24 -1.62 1.91 31.05
N CYS E 25 -2.12 1.61 32.24
CA CYS E 25 -1.38 0.98 33.30
C CYS E 25 -2.03 -0.37 33.60
N TYR E 26 -1.43 -1.42 33.09
CA TYR E 26 -1.93 -2.79 33.26
C TYR E 26 -1.21 -3.47 34.42
N VAL E 27 -1.98 -3.81 35.46
CA VAL E 27 -1.43 -4.38 36.69
C VAL E 27 -1.93 -5.82 36.87
N THR E 28 -1.01 -6.77 37.03
CA THR E 28 -1.36 -8.18 37.12
C THR E 28 -0.69 -8.94 38.24
N GLN E 29 -1.15 -10.17 38.46
CA GLN E 29 -0.50 -11.15 39.31
C GLN E 29 -0.35 -10.70 40.76
N PHE E 30 -1.38 -10.04 41.27
CA PHE E 30 -1.35 -9.64 42.66
C PHE E 30 -2.45 -10.29 43.49
N HIS E 31 -2.16 -10.44 44.78
CA HIS E 31 -3.12 -10.87 45.78
C HIS E 31 -2.61 -10.26 47.07
N PRO E 32 -3.50 -9.72 47.90
CA PRO E 32 -4.96 -9.56 47.84
C PRO E 32 -5.43 -8.58 46.77
N PRO E 33 -6.73 -8.62 46.43
CA PRO E 33 -7.25 -7.81 45.28
C PRO E 33 -7.34 -6.27 45.58
N HIS E 34 -7.17 -5.90 46.84
CA HIS E 34 -7.03 -4.50 47.31
C HIS E 34 -5.84 -3.95 46.59
N ILE E 35 -6.03 -2.77 45.93
CA ILE E 35 -4.90 -2.12 45.32
C ILE E 35 -5.21 -0.69 45.03
N GLU E 36 -4.16 0.12 45.07
CA GLU E 36 -4.29 1.57 44.75
C GLU E 36 -3.49 1.92 43.50
N ILE E 37 -4.13 2.52 42.49
CA ILE E 37 -3.43 2.86 41.26
C ILE E 37 -3.62 4.33 40.89
N GLN E 38 -2.51 5.04 40.73
CA GLN E 38 -2.53 6.43 40.34
C GLN E 38 -1.74 6.61 39.06
N MET E 39 -2.26 7.41 38.13
CA MET E 39 -1.49 7.73 36.94
C MET E 39 -0.98 9.17 37.06
N LEU E 40 0.31 9.35 36.80
CA LEU E 40 0.98 10.62 37.06
C LEU E 40 1.43 11.30 35.78
N LYS E 41 1.26 12.61 35.71
CA LYS E 41 1.83 13.39 34.63
C LYS E 41 2.77 14.44 35.22
N ASN E 42 4.05 14.34 34.87
CA ASN E 42 5.08 15.21 35.44
C ASN E 42 5.10 15.16 36.97
N GLY E 43 4.72 14.01 37.52
CA GLY E 43 4.74 13.80 38.96
C GLY E 43 3.44 14.16 39.66
N LYS E 44 2.38 14.43 38.87
CA LYS E 44 1.10 14.82 39.45
C LYS E 44 -0.06 13.94 38.99
N LYS E 45 -0.98 13.66 39.93
CA LYS E 45 -2.14 12.81 39.65
C LYS E 45 -2.94 13.32 38.47
N ILE E 46 -3.20 12.41 37.52
CA ILE E 46 -4.17 12.69 36.47
C ILE E 46 -5.53 12.41 37.10
N PRO E 47 -6.38 13.45 37.18
CA PRO E 47 -7.61 13.40 37.98
C PRO E 47 -8.71 12.55 37.36
N LYS E 48 -8.55 12.17 36.10
CA LYS E 48 -9.58 11.39 35.43
C LYS E 48 -9.07 10.06 34.89
N VAL E 49 -8.79 9.15 35.82
CA VAL E 49 -8.28 7.85 35.45
C VAL E 49 -9.43 6.84 35.48
N GLU E 50 -9.74 6.25 34.34
CA GLU E 50 -10.79 5.27 34.24
C GLU E 50 -10.21 3.89 34.50
N MET E 51 -10.74 3.24 35.53
CA MET E 51 -10.27 1.92 35.88
C MET E 51 -11.28 0.87 35.46
N SER E 52 -10.80 -0.12 34.71
CA SER E 52 -11.65 -1.23 34.30
C SER E 52 -12.07 -1.98 35.54
N ASP E 53 -12.97 -2.94 35.38
CA ASP E 53 -13.39 -3.76 36.50
C ASP E 53 -12.36 -4.89 36.69
N MET E 54 -12.09 -5.20 37.95
CA MET E 54 -11.10 -6.22 38.29
C MET E 54 -11.62 -7.61 37.97
N SER E 55 -10.74 -8.43 37.42
CA SER E 55 -11.02 -9.86 37.35
C SER E 55 -9.84 -10.64 37.94
N PHE E 56 -9.89 -11.97 37.81
CA PHE E 56 -8.73 -12.77 38.14
C PHE E 56 -8.48 -13.81 37.07
N SER E 57 -7.26 -14.36 37.04
CA SER E 57 -6.89 -15.31 36.00
C SER E 57 -6.99 -16.74 36.49
N LYS E 58 -6.45 -17.67 35.70
CA LYS E 58 -6.58 -19.09 36.02
C LYS E 58 -5.66 -19.54 37.15
N ASP E 59 -4.49 -18.93 37.27
CA ASP E 59 -3.84 -18.89 38.58
C ASP E 59 -4.63 -17.81 39.30
N TRP E 60 -4.86 -17.93 40.59
CA TRP E 60 -5.92 -17.13 41.18
C TRP E 60 -5.65 -15.64 41.32
N SER E 61 -4.58 -15.18 40.67
CA SER E 61 -4.14 -13.80 40.82
C SER E 61 -5.06 -12.78 40.12
N PHE E 62 -5.13 -11.58 40.69
CA PHE E 62 -6.03 -10.56 40.15
C PHE E 62 -5.33 -9.65 39.15
N TYR E 63 -6.12 -9.10 38.22
CA TYR E 63 -5.59 -8.11 37.29
C TYR E 63 -6.56 -6.97 37.07
N ILE E 64 -6.04 -5.84 36.62
CA ILE E 64 -6.87 -4.67 36.39
C ILE E 64 -6.17 -3.71 35.45
N LEU E 65 -6.96 -3.01 34.64
CA LEU E 65 -6.42 -2.05 33.69
C LEU E 65 -6.88 -0.64 34.05
N ALA E 66 -5.93 0.21 34.44
CA ALA E 66 -6.23 1.63 34.64
C ALA E 66 -5.89 2.33 33.33
N HIS E 67 -6.71 3.28 32.91
CA HIS E 67 -6.36 4.04 31.71
C HIS E 67 -6.86 5.46 31.75
N THR E 68 -6.18 6.32 30.98
CA THR E 68 -6.57 7.73 30.91
C THR E 68 -6.24 8.30 29.55
N GLU E 69 -6.87 9.40 29.19
CA GLU E 69 -6.54 10.02 27.91
C GLU E 69 -5.35 10.95 28.12
N PHE E 70 -4.46 11.00 27.12
CA PHE E 70 -3.30 11.86 27.21
C PHE E 70 -2.82 12.27 25.83
N THR E 71 -1.90 13.22 25.78
CA THR E 71 -1.30 13.63 24.53
C THR E 71 0.21 13.63 24.69
N PRO E 72 0.87 12.63 24.05
CA PRO E 72 2.32 12.52 24.08
C PRO E 72 2.96 13.83 23.65
N THR E 73 4.06 14.14 24.32
CA THR E 73 4.72 15.43 24.16
C THR E 73 6.21 15.21 24.36
N GLU E 74 7.04 16.05 23.75
CA GLU E 74 8.49 15.95 23.91
C GLU E 74 8.97 16.10 25.34
N THR E 75 8.19 16.80 26.15
CA THR E 75 8.61 17.18 27.50
C THR E 75 7.84 16.55 28.67
N ASP E 76 6.63 16.07 28.43
CA ASP E 76 5.83 15.48 29.50
C ASP E 76 6.29 14.07 29.85
N THR E 77 6.46 13.81 31.14
CA THR E 77 6.73 12.46 31.63
C THR E 77 5.43 11.87 32.20
N TYR E 78 5.20 10.59 31.93
CA TYR E 78 4.04 9.89 32.47
C TYR E 78 4.46 8.68 33.26
N ALA E 79 3.68 8.38 34.28
CA ALA E 79 4.00 7.25 35.15
C ALA E 79 2.77 6.61 35.72
N CYS E 80 2.99 5.48 36.39
CA CYS E 80 1.93 4.80 37.11
C CYS E 80 2.48 4.40 38.46
N ARG E 81 1.82 4.85 39.51
CA ARG E 81 2.23 4.51 40.87
C ARG E 81 1.22 3.53 41.44
N VAL E 82 1.73 2.43 41.98
CA VAL E 82 0.88 1.36 42.48
C VAL E 82 1.20 1.07 43.94
N LYS E 83 0.16 1.02 44.76
CA LYS E 83 0.29 0.70 46.17
C LYS E 83 -0.41 -0.62 46.48
N HIS E 84 0.34 -1.52 47.10
CA HIS E 84 -0.16 -2.86 47.42
C HIS E 84 0.56 -3.37 48.66
N ASP E 85 -0.06 -4.32 49.36
CA ASP E 85 0.46 -4.80 50.64
C ASP E 85 1.73 -5.63 50.48
N SER E 86 1.88 -6.27 49.31
CA SER E 86 3.06 -7.06 48.99
C SER E 86 4.31 -6.18 48.93
N MET E 87 4.10 -4.87 48.77
CA MET E 87 5.20 -3.94 48.61
C MET E 87 5.29 -2.96 49.79
N ALA E 88 6.49 -2.88 50.38
CA ALA E 88 6.75 -1.97 51.48
C ALA E 88 6.61 -0.53 50.99
N GLU E 89 7.03 -0.30 49.75
CA GLU E 89 6.91 1.01 49.12
C GLU E 89 5.98 1.00 47.92
N PRO E 90 5.32 2.13 47.64
CA PRO E 90 4.60 2.26 46.38
C PRO E 90 5.58 2.09 45.23
N LYS E 91 5.13 1.53 44.12
CA LYS E 91 6.02 1.33 42.99
C LYS E 91 5.60 2.23 41.85
N THR E 92 6.60 2.91 41.30
CA THR E 92 6.36 3.79 40.18
C THR E 92 7.02 3.25 38.91
N VAL E 93 6.23 3.10 37.86
CA VAL E 93 6.75 2.71 36.56
C VAL E 93 6.49 3.83 35.56
N TYR E 94 7.56 4.32 34.97
CA TYR E 94 7.49 5.40 34.02
C TYR E 94 7.17 4.87 32.65
N TRP E 95 6.42 5.67 31.89
CA TRP E 95 6.13 5.32 30.53
C TRP E 95 7.41 5.46 29.67
N ASP E 96 7.78 4.36 29.01
CA ASP E 96 8.92 4.32 28.09
C ASP E 96 8.36 4.00 26.73
N ARG E 97 8.41 4.95 25.80
CA ARG E 97 7.77 4.76 24.50
C ARG E 97 8.46 3.70 23.64
N ASP E 98 9.49 3.08 24.20
CA ASP E 98 10.20 1.99 23.53
C ASP E 98 9.77 0.63 24.09
N MET E 99 8.88 0.66 25.08
CA MET E 99 8.37 -0.56 25.72
C MET E 99 6.88 -0.51 26.06
N SER F 1 -25.12 -18.75 31.65
CA SER F 1 -25.87 -18.60 32.90
C SER F 1 -25.09 -19.15 34.10
N PRO F 2 -24.96 -18.33 35.15
CA PRO F 2 -24.25 -18.73 36.38
C PRO F 2 -25.13 -19.63 37.25
N SER F 3 -24.52 -20.33 38.20
CA SER F 3 -25.27 -21.25 39.07
C SER F 3 -24.81 -21.23 40.52
N TYR F 4 -25.36 -22.15 41.31
CA TYR F 4 -25.06 -22.23 42.73
C TYR F 4 -23.99 -23.27 42.99
N VAL F 5 -23.31 -23.12 44.12
CA VAL F 5 -22.42 -24.16 44.63
C VAL F 5 -23.24 -25.26 45.32
N TYR F 6 -24.40 -24.86 45.85
CA TYR F 6 -25.28 -25.75 46.61
C TYR F 6 -24.60 -26.28 47.87
N HIS F 7 -23.60 -27.14 47.67
CA HIS F 7 -22.95 -27.79 48.80
C HIS F 7 -22.05 -26.85 49.60
N GLN F 8 -22.08 -27.03 50.91
CA GLN F 8 -21.34 -26.19 51.84
C GLN F 8 -20.02 -26.85 52.19
N PHE F 9 -19.05 -26.03 52.58
CA PHE F 9 -17.77 -26.56 53.05
C PHE F 9 -17.91 -27.22 54.42
N ALA G 1 6.78 25.76 -18.28
CA ALA G 1 6.11 25.77 -19.57
C ALA G 1 6.93 25.08 -20.65
N GLY G 2 8.23 24.94 -20.40
CA GLY G 2 9.09 24.24 -21.32
C GLY G 2 10.49 24.80 -21.50
N PRO G 3 11.18 24.38 -22.56
CA PRO G 3 12.55 24.81 -22.89
C PRO G 3 12.55 26.28 -23.30
N HIS G 4 13.68 26.96 -23.12
CA HIS G 4 13.71 28.37 -23.51
C HIS G 4 13.77 28.46 -25.03
N SER G 5 13.29 29.55 -25.59
CA SER G 5 13.25 29.65 -27.05
C SER G 5 13.57 31.03 -27.58
N MET G 6 14.21 31.06 -28.74
CA MET G 6 14.35 32.30 -29.52
C MET G 6 13.83 32.00 -30.91
N ARG G 7 12.91 32.83 -31.38
CA ARG G 7 12.28 32.64 -32.67
C ARG G 7 12.16 33.94 -33.44
N TYR G 8 12.36 33.85 -34.74
CA TYR G 8 12.18 34.98 -35.62
C TYR G 8 11.12 34.68 -36.65
N PHE G 9 10.25 35.66 -36.84
CA PHE G 9 9.14 35.61 -37.77
C PHE G 9 9.31 36.77 -38.74
N GLU G 10 9.68 36.44 -39.96
CA GLU G 10 9.93 37.43 -40.97
C GLU G 10 8.98 37.24 -42.12
N THR G 11 8.54 38.34 -42.69
CA THR G 11 7.53 38.29 -43.72
C THR G 11 7.73 39.43 -44.70
N ALA G 12 7.47 39.16 -45.97
CA ALA G 12 7.54 40.15 -47.01
C ALA G 12 6.31 40.05 -47.91
N VAL G 13 5.71 41.20 -48.18
CA VAL G 13 4.53 41.26 -49.03
C VAL G 13 4.81 42.16 -50.21
N SER G 14 4.66 41.62 -51.41
CA SER G 14 4.90 42.40 -52.62
C SER G 14 3.73 43.32 -52.89
N ARG G 15 4.03 44.54 -53.31
CA ARG G 15 3.00 45.52 -53.66
C ARG G 15 3.36 46.15 -54.99
N PRO G 16 3.00 45.46 -56.08
CA PRO G 16 3.38 45.84 -57.45
C PRO G 16 2.87 47.22 -57.83
N GLY G 17 3.80 48.12 -58.18
CA GLY G 17 3.46 49.47 -58.60
C GLY G 17 3.34 50.47 -57.46
N LEU G 18 3.48 49.98 -56.23
CA LEU G 18 3.40 50.84 -55.04
C LEU G 18 4.74 50.90 -54.32
N GLY G 19 5.81 50.56 -55.04
CA GLY G 19 7.14 50.61 -54.47
C GLY G 19 7.68 49.26 -54.01
N GLU G 20 8.66 49.31 -53.12
CA GLU G 20 9.33 48.11 -52.62
C GLU G 20 8.39 47.21 -51.86
N PRO G 21 8.70 45.90 -51.78
CA PRO G 21 7.87 45.02 -50.96
C PRO G 21 7.99 45.42 -49.51
N ARG G 22 6.92 45.24 -48.73
CA ARG G 22 6.97 45.53 -47.32
C ARG G 22 7.58 44.38 -46.55
N TYR G 23 8.51 44.71 -45.68
CA TYR G 23 9.27 43.71 -44.96
C TYR G 23 9.17 43.94 -43.47
N ILE G 24 8.77 42.89 -42.75
CA ILE G 24 8.63 42.96 -41.30
C ILE G 24 9.33 41.77 -40.65
N SER G 25 10.17 42.07 -39.66
CA SER G 25 10.85 41.02 -38.92
C SER G 25 10.60 41.21 -37.42
N VAL G 26 10.08 40.18 -36.78
CA VAL G 26 9.80 40.22 -35.36
C VAL G 26 10.53 39.10 -34.63
N GLY G 27 11.18 39.43 -33.51
CA GLY G 27 11.92 38.46 -32.72
C GLY G 27 11.26 38.21 -31.37
N TYR G 28 11.30 36.95 -30.91
CA TYR G 28 10.64 36.53 -29.69
C TYR G 28 11.59 35.71 -28.85
N VAL G 29 11.69 36.07 -27.58
CA VAL G 29 12.35 35.22 -26.61
C VAL G 29 11.28 34.74 -25.65
N ASP G 30 11.20 33.41 -25.49
CA ASP G 30 10.13 32.79 -24.70
C ASP G 30 8.76 33.34 -25.05
N ASN G 31 8.49 33.42 -26.35
CA ASN G 31 7.21 33.88 -26.89
C ASN G 31 6.89 35.35 -26.63
N LYS G 32 7.86 36.07 -26.07
CA LYS G 32 7.70 37.50 -25.86
C LYS G 32 8.45 38.28 -26.92
N GLU G 33 7.74 39.14 -27.63
CA GLU G 33 8.35 40.00 -28.63
C GLU G 33 9.33 40.97 -28.00
N PHE G 34 10.54 41.01 -28.55
CA PHE G 34 11.60 41.82 -27.97
C PHE G 34 12.32 42.70 -28.93
N VAL G 35 12.08 42.45 -30.20
CA VAL G 35 12.81 43.16 -31.28
C VAL G 35 11.83 43.29 -32.47
N ARG G 36 11.86 44.41 -33.19
CA ARG G 36 11.05 44.52 -34.40
C ARG G 36 11.60 45.46 -35.47
N PHE G 37 11.49 45.02 -36.70
CA PHE G 37 11.87 45.82 -37.86
C PHE G 37 10.72 45.95 -38.86
N ASP G 38 10.40 47.18 -39.26
CA ASP G 38 9.39 47.41 -40.29
C ASP G 38 9.98 48.32 -41.36
N SER G 39 9.76 47.96 -42.63
CA SER G 39 10.35 48.68 -43.75
C SER G 39 9.60 49.97 -44.08
N ASP G 40 8.35 50.07 -43.63
CA ASP G 40 7.52 51.25 -43.89
C ASP G 40 7.70 52.32 -42.83
N ALA G 41 8.71 52.15 -41.99
CA ALA G 41 9.00 53.13 -40.95
C ALA G 41 9.74 54.32 -41.56
N GLU G 42 9.81 55.41 -40.80
CA GLU G 42 10.50 56.61 -41.25
C GLU G 42 11.98 56.34 -41.33
N ASN G 43 12.53 55.88 -40.21
CA ASN G 43 13.92 55.40 -40.17
C ASN G 43 13.88 53.91 -39.92
N PRO G 44 13.77 53.11 -41.00
CA PRO G 44 13.69 51.66 -40.87
C PRO G 44 14.91 51.11 -40.14
N ARG G 45 14.68 50.61 -38.92
CA ARG G 45 15.71 49.96 -38.15
C ARG G 45 15.07 49.04 -37.14
N TYR G 46 15.88 48.16 -36.55
CA TYR G 46 15.41 47.32 -35.48
C TYR G 46 15.23 48.13 -34.21
N GLU G 47 14.06 48.00 -33.59
CA GLU G 47 13.77 48.70 -32.35
C GLU G 47 13.44 47.71 -31.25
N PRO G 48 13.79 48.05 -30.00
CA PRO G 48 13.47 47.22 -28.82
C PRO G 48 11.97 47.16 -28.61
N GLN G 49 11.46 46.00 -28.23
CA GLN G 49 10.06 45.85 -27.89
C GLN G 49 9.96 45.36 -26.45
N ALA G 50 11.09 45.43 -25.76
CA ALA G 50 11.21 45.01 -24.37
C ALA G 50 12.28 45.86 -23.68
N PRO G 51 11.97 46.37 -22.48
CA PRO G 51 12.83 47.27 -21.70
C PRO G 51 14.23 46.72 -21.44
N TRP G 52 14.36 45.40 -21.31
CA TRP G 52 15.66 44.79 -21.04
C TRP G 52 16.55 44.72 -22.29
N MET G 53 16.02 45.16 -23.42
CA MET G 53 16.78 45.17 -24.68
C MET G 53 17.44 46.52 -24.91
N GLU G 54 17.10 47.50 -24.09
CA GLU G 54 17.73 48.82 -24.19
C GLU G 54 19.06 48.81 -23.44
N GLN G 55 19.42 47.60 -22.97
CA GLN G 55 20.69 47.30 -22.34
C GLN G 55 21.74 47.02 -23.42
N GLU G 56 21.28 46.90 -24.65
CA GLU G 56 22.18 46.65 -25.77
C GLU G 56 22.77 47.94 -26.34
N GLY G 57 24.02 47.87 -26.79
CA GLY G 57 24.74 49.03 -27.30
C GLY G 57 24.39 49.40 -28.72
N PRO G 58 24.90 50.55 -29.18
CA PRO G 58 24.66 51.14 -30.50
C PRO G 58 25.11 50.26 -31.65
N GLU G 59 26.16 49.48 -31.42
CA GLU G 59 26.74 48.67 -32.48
C GLU G 59 25.80 47.53 -32.82
N TYR G 60 25.13 47.02 -31.81
CA TYR G 60 24.17 45.93 -31.95
C TYR G 60 23.11 46.27 -32.99
N TRP G 61 22.39 47.36 -32.73
CA TRP G 61 21.26 47.77 -33.56
C TRP G 61 21.62 48.04 -35.00
N GLU G 62 22.76 48.70 -35.21
CA GLU G 62 23.25 49.02 -36.56
C GLU G 62 23.56 47.77 -37.34
N ARG G 63 24.20 46.82 -36.65
CA ARG G 63 24.57 45.53 -37.22
C ARG G 63 23.34 44.75 -37.67
N ILE G 64 22.42 44.51 -36.74
CA ILE G 64 21.23 43.76 -37.09
C ILE G 64 20.36 44.48 -38.13
N THR G 65 20.37 45.81 -38.10
CA THR G 65 19.67 46.60 -39.12
C THR G 65 20.27 46.35 -40.51
N GLN G 66 21.60 46.23 -40.58
CA GLN G 66 22.28 45.85 -41.82
C GLN G 66 21.81 44.48 -42.30
N ILE G 67 21.76 43.54 -41.36
CA ILE G 67 21.21 42.22 -41.65
C ILE G 67 19.81 42.34 -42.24
N ALA G 68 19.01 43.25 -41.68
CA ALA G 68 17.66 43.50 -42.19
C ALA G 68 17.68 43.96 -43.65
N LYS G 69 18.59 44.87 -44.00
CA LYS G 69 18.69 45.32 -45.39
C LYS G 69 18.98 44.14 -46.33
N GLY G 70 19.99 43.35 -45.96
CA GLY G 70 20.34 42.18 -46.75
C GLY G 70 19.16 41.24 -46.92
N GLN G 71 18.42 41.08 -45.84
CA GLN G 71 17.23 40.24 -45.85
C GLN G 71 16.13 40.77 -46.76
N GLU G 72 15.99 42.08 -46.81
CA GLU G 72 15.02 42.71 -47.71
C GLU G 72 15.39 42.38 -49.14
N GLN G 73 16.67 42.47 -49.46
CA GLN G 73 17.13 41.98 -50.76
C GLN G 73 16.74 40.58 -51.09
N TRP G 74 17.15 39.69 -50.19
CA TRP G 74 16.84 38.29 -50.35
C TRP G 74 15.34 38.06 -50.59
N PHE G 75 14.51 38.71 -49.80
CA PHE G 75 13.07 38.53 -49.88
C PHE G 75 12.51 39.02 -51.20
N ARG G 76 12.96 40.19 -51.65
CA ARG G 76 12.47 40.73 -52.92
C ARG G 76 12.84 39.80 -54.07
N VAL G 77 14.12 39.46 -54.11
CA VAL G 77 14.64 38.56 -55.13
C VAL G 77 13.87 37.25 -55.18
N ASN G 78 13.69 36.61 -54.04
CA ASN G 78 13.06 35.31 -54.03
C ASN G 78 11.54 35.33 -54.19
N LEU G 79 10.96 36.48 -53.89
CA LEU G 79 9.56 36.75 -54.22
C LEU G 79 9.41 36.65 -55.73
N ARG G 80 10.31 37.35 -56.42
CA ARG G 80 10.30 37.29 -57.89
C ARG G 80 10.60 35.88 -58.43
N THR G 81 11.56 35.21 -57.82
CA THR G 81 11.88 33.82 -58.20
C THR G 81 10.66 32.91 -58.09
N LEU G 82 9.92 33.04 -57.00
CA LEU G 82 8.74 32.20 -56.78
C LEU G 82 7.62 32.55 -57.75
N LEU G 83 7.53 33.83 -58.10
CA LEU G 83 6.63 34.24 -59.19
C LEU G 83 6.98 33.41 -60.41
N GLY G 84 8.28 33.20 -60.61
CA GLY G 84 8.73 32.31 -61.68
C GLY G 84 8.28 30.87 -61.53
N TYR G 85 8.66 30.22 -60.43
CA TYR G 85 8.37 28.79 -60.23
C TYR G 85 6.89 28.44 -60.27
N TYR G 86 6.04 29.35 -59.82
CA TYR G 86 4.61 29.08 -59.77
C TYR G 86 3.87 29.60 -60.99
N ASN G 87 4.63 30.22 -61.89
CA ASN G 87 4.08 30.67 -63.17
C ASN G 87 2.95 31.67 -62.92
N GLN G 88 3.24 32.73 -62.17
CA GLN G 88 2.21 33.68 -61.82
C GLN G 88 2.45 35.02 -62.47
N SER G 89 1.37 35.76 -62.58
CA SER G 89 1.40 37.05 -63.22
C SER G 89 2.05 38.09 -62.25
N ALA G 90 2.65 39.15 -62.80
CA ALA G 90 3.56 40.01 -62.01
C ALA G 90 2.94 41.22 -61.29
N GLY G 91 1.64 41.45 -61.41
CA GLY G 91 1.01 42.59 -60.74
C GLY G 91 0.11 42.16 -59.58
N GLY G 92 0.32 40.92 -59.12
CA GLY G 92 -0.41 40.42 -57.97
C GLY G 92 0.39 40.63 -56.70
N THR G 93 -0.29 40.72 -55.56
CA THR G 93 0.42 40.76 -54.29
C THR G 93 0.61 39.34 -53.78
N HIS G 94 1.79 39.06 -53.27
CA HIS G 94 2.11 37.74 -52.76
C HIS G 94 2.87 37.86 -51.46
N THR G 95 2.87 36.80 -50.65
CA THR G 95 3.57 36.83 -49.37
C THR G 95 4.62 35.74 -49.30
N LEU G 96 5.72 36.07 -48.64
CA LEU G 96 6.78 35.11 -48.40
C LEU G 96 7.14 35.21 -46.92
N GLN G 97 7.06 34.09 -46.24
CA GLN G 97 7.32 34.06 -44.80
C GLN G 97 8.43 33.09 -44.45
N TRP G 98 9.22 33.50 -43.48
CA TRP G 98 10.33 32.73 -42.97
C TRP G 98 10.22 32.70 -41.46
N MET G 99 10.26 31.50 -40.89
CA MET G 99 10.23 31.32 -39.45
C MET G 99 11.46 30.52 -39.10
N TYR G 100 12.18 30.92 -38.07
CA TYR G 100 13.36 30.16 -37.69
C TYR G 100 13.79 30.36 -36.25
N GLY G 101 14.62 29.47 -35.73
CA GLY G 101 15.13 29.64 -34.37
C GLY G 101 15.43 28.38 -33.59
N CYS G 102 15.53 28.54 -32.27
CA CYS G 102 16.00 27.46 -31.41
C CYS G 102 15.24 27.35 -30.09
N ASP G 103 14.89 26.11 -29.75
CA ASP G 103 14.50 25.72 -28.40
C ASP G 103 15.73 25.07 -27.77
N VAL G 104 16.10 25.55 -26.58
CA VAL G 104 17.20 24.97 -25.81
C VAL G 104 16.71 24.39 -24.49
N GLY G 105 17.35 23.29 -24.09
CA GLY G 105 17.01 22.62 -22.86
C GLY G 105 17.70 23.18 -21.63
N SER G 106 17.58 22.46 -20.53
CA SER G 106 18.10 22.94 -19.24
C SER G 106 19.63 22.99 -19.19
N ASP G 107 20.28 22.16 -20.00
CA ASP G 107 21.75 22.15 -20.08
C ASP G 107 22.28 23.37 -20.80
N GLY G 108 21.50 23.88 -21.73
CA GLY G 108 21.87 25.08 -22.46
C GLY G 108 22.28 24.78 -23.89
N ARG G 109 22.00 23.55 -24.32
CA ARG G 109 22.35 23.13 -25.67
C ARG G 109 21.12 22.98 -26.52
N LEU G 110 21.34 22.95 -27.84
CA LEU G 110 20.24 22.90 -28.80
C LEU G 110 19.37 21.68 -28.56
N LEU G 111 18.08 21.92 -28.38
CA LEU G 111 17.10 20.86 -28.22
C LEU G 111 16.31 20.71 -29.52
N ARG G 112 15.90 21.84 -30.08
CA ARG G 112 15.20 21.80 -31.36
C ARG G 112 15.45 23.03 -32.22
N GLY G 113 15.61 22.82 -33.52
CA GLY G 113 15.87 23.92 -34.45
C GLY G 113 14.76 24.07 -35.48
N TYR G 114 14.58 25.28 -35.99
CA TYR G 114 13.54 25.56 -36.97
C TYR G 114 14.09 26.40 -38.11
N GLU G 115 13.78 25.98 -39.32
CA GLU G 115 13.97 26.75 -40.54
C GLU G 115 12.84 26.40 -41.49
N GLN G 116 11.82 27.25 -41.57
CA GLN G 116 10.71 27.00 -42.47
C GLN G 116 10.24 28.21 -43.26
N PHE G 117 9.63 27.92 -44.40
CA PHE G 117 9.28 28.93 -45.38
C PHE G 117 7.92 28.60 -45.95
N ALA G 118 7.12 29.67 -46.08
CA ALA G 118 5.81 29.59 -46.69
C ALA G 118 5.67 30.63 -47.79
N TYR G 119 4.93 30.27 -48.83
CA TYR G 119 4.63 31.18 -49.92
C TYR G 119 3.12 31.28 -50.09
N ASP G 120 2.62 32.51 -50.02
CA ASP G 120 1.17 32.77 -50.06
C ASP G 120 0.44 32.01 -48.92
N GLY G 121 1.10 31.87 -47.76
CA GLY G 121 0.48 31.27 -46.57
C GLY G 121 0.56 29.77 -46.53
N CYS G 122 1.08 29.15 -47.59
CA CYS G 122 1.17 27.71 -47.66
C CYS G 122 2.61 27.27 -47.53
N ASP G 123 2.83 26.14 -46.85
CA ASP G 123 4.16 25.58 -46.69
C ASP G 123 4.92 25.52 -48.01
N TYR G 124 6.18 25.93 -47.98
CA TYR G 124 7.02 25.85 -49.16
C TYR G 124 8.17 24.89 -48.89
N ILE G 125 9.03 25.26 -47.95
CA ILE G 125 10.14 24.34 -47.62
C ILE G 125 10.53 24.41 -46.16
N ALA G 126 10.85 23.28 -45.56
CA ALA G 126 11.12 23.23 -44.13
C ALA G 126 12.24 22.29 -43.78
N LEU G 127 13.17 22.77 -42.95
CA LEU G 127 14.24 21.91 -42.46
C LEU G 127 13.63 20.86 -41.50
N ASN G 128 13.85 19.59 -41.81
CA ASN G 128 13.36 18.52 -40.93
C ASN G 128 14.08 18.55 -39.58
N GLU G 129 13.57 17.79 -38.64
CA GLU G 129 14.06 17.83 -37.28
C GLU G 129 15.49 17.29 -37.16
N ASP G 130 15.88 16.39 -38.06
CA ASP G 130 17.25 15.92 -38.12
C ASP G 130 18.23 17.06 -38.39
N LEU G 131 17.70 18.18 -38.89
CA LEU G 131 18.48 19.35 -39.28
C LEU G 131 19.44 18.98 -40.40
N LYS G 132 18.99 18.10 -41.28
CA LYS G 132 19.84 17.54 -42.32
C LYS G 132 19.10 17.35 -43.63
N THR G 133 17.79 17.18 -43.53
CA THR G 133 16.96 16.98 -44.70
C THR G 133 15.84 18.02 -44.81
N TRP G 134 15.29 18.13 -46.01
CA TRP G 134 14.26 19.11 -46.30
C TRP G 134 12.94 18.47 -46.66
N THR G 135 11.86 19.02 -46.13
CA THR G 135 10.51 18.67 -46.55
C THR G 135 10.03 19.76 -47.50
N ALA G 136 9.77 19.36 -48.74
CA ALA G 136 9.28 20.26 -49.79
C ALA G 136 7.83 19.92 -50.11
N ALA G 137 6.96 20.93 -50.00
CA ALA G 137 5.52 20.72 -50.14
C ALA G 137 5.08 20.28 -51.55
N ASP G 138 5.66 20.90 -52.58
CA ASP G 138 5.23 20.66 -53.95
C ASP G 138 6.38 20.65 -54.95
N MET G 139 6.03 20.56 -56.24
CA MET G 139 7.03 20.44 -57.28
C MET G 139 7.93 21.66 -57.42
N ALA G 140 7.35 22.84 -57.21
CA ALA G 140 8.11 24.10 -57.27
C ALA G 140 9.19 24.15 -56.18
N ALA G 141 8.92 23.53 -55.04
CA ALA G 141 9.83 23.53 -53.91
C ALA G 141 10.91 22.46 -54.05
N GLN G 142 10.68 21.49 -54.93
CA GLN G 142 11.66 20.43 -55.19
C GLN G 142 12.89 21.02 -55.86
N ILE G 143 12.68 22.06 -56.66
CA ILE G 143 13.77 22.76 -57.33
C ILE G 143 14.71 23.32 -56.27
N THR G 144 14.13 24.07 -55.34
CA THR G 144 14.89 24.68 -54.26
C THR G 144 15.53 23.60 -53.42
N ARG G 145 14.84 22.47 -53.28
CA ARG G 145 15.37 21.38 -52.47
C ARG G 145 16.61 20.73 -53.05
N ARG G 146 16.58 20.42 -54.35
CA ARG G 146 17.73 19.86 -55.04
C ARG G 146 18.87 20.86 -54.96
N LYS G 147 18.51 22.12 -55.22
CA LYS G 147 19.48 23.21 -55.21
C LYS G 147 20.19 23.32 -53.86
N TRP G 148 19.42 23.15 -52.78
CA TRP G 148 19.93 23.35 -51.43
C TRP G 148 20.64 22.12 -50.87
N GLU G 149 20.27 20.94 -51.36
CA GLU G 149 20.98 19.70 -51.04
C GLU G 149 22.34 19.72 -51.70
N GLN G 150 22.35 20.06 -52.99
CA GLN G 150 23.57 20.26 -53.76
C GLN G 150 24.53 21.26 -53.07
N ALA G 151 23.98 22.32 -52.48
CA ALA G 151 24.78 23.39 -51.88
C ALA G 151 25.14 23.14 -50.41
N GLY G 152 24.53 22.13 -49.81
CA GLY G 152 24.75 21.84 -48.40
C GLY G 152 24.26 22.93 -47.46
N ALA G 153 23.04 23.40 -47.70
CA ALA G 153 22.45 24.49 -46.92
C ALA G 153 22.11 24.05 -45.49
N ALA G 154 21.63 22.81 -45.37
CA ALA G 154 21.26 22.25 -44.08
C ALA G 154 22.39 22.33 -43.05
N GLU G 155 23.62 22.09 -43.49
CA GLU G 155 24.77 22.17 -42.59
C GLU G 155 25.02 23.59 -42.12
N TYR G 156 24.85 24.55 -43.02
CA TYR G 156 24.96 25.97 -42.71
C TYR G 156 23.94 26.35 -41.62
N TYR G 157 22.67 26.01 -41.84
CA TYR G 157 21.64 26.33 -40.86
C TYR G 157 21.85 25.62 -39.54
N ARG G 158 22.22 24.35 -39.61
CA ARG G 158 22.48 23.57 -38.42
C ARG G 158 23.61 24.17 -37.59
N ALA G 159 24.62 24.67 -38.30
CA ALA G 159 25.75 25.32 -37.65
C ALA G 159 25.32 26.60 -36.97
N TYR G 160 24.44 27.37 -37.62
CA TYR G 160 23.92 28.59 -36.99
C TYR G 160 23.04 28.27 -35.77
N LEU G 161 22.20 27.25 -35.91
CA LEU G 161 21.23 26.89 -34.88
C LEU G 161 21.89 26.33 -33.64
N GLU G 162 22.85 25.42 -33.82
CA GLU G 162 23.58 24.83 -32.72
C GLU G 162 24.54 25.83 -32.08
N GLY G 163 24.98 26.80 -32.88
CA GLY G 163 25.97 27.75 -32.45
C GLY G 163 25.43 29.05 -31.88
N GLU G 164 25.42 30.10 -32.71
CA GLU G 164 25.09 31.47 -32.27
C GLU G 164 23.63 31.70 -31.87
N CYS G 165 22.71 30.92 -32.42
CA CYS G 165 21.32 31.08 -32.03
C CYS G 165 21.18 30.83 -30.53
N VAL G 166 21.80 29.74 -30.10
CA VAL G 166 21.82 29.35 -28.68
C VAL G 166 22.58 30.36 -27.81
N GLU G 167 23.72 30.84 -28.30
CA GLU G 167 24.53 31.80 -27.56
C GLU G 167 23.80 33.13 -27.36
N TRP G 168 23.12 33.57 -28.42
CA TRP G 168 22.31 34.79 -28.36
C TRP G 168 21.16 34.60 -27.40
N LEU G 169 20.51 33.45 -27.48
CA LEU G 169 19.41 33.13 -26.57
C LEU G 169 19.88 33.18 -25.12
N HIS G 170 21.06 32.62 -24.88
CA HIS G 170 21.64 32.58 -23.53
C HIS G 170 21.91 33.99 -23.02
N ARG G 171 22.49 34.80 -23.89
CA ARG G 171 22.73 36.22 -23.65
C ARG G 171 21.47 36.98 -23.24
N TYR G 172 20.44 36.83 -24.06
CA TYR G 172 19.17 37.51 -23.87
C TYR G 172 18.51 37.08 -22.59
N LEU G 173 18.54 35.77 -22.34
CA LEU G 173 18.01 35.20 -21.11
C LEU G 173 18.72 35.88 -19.95
N LYS G 174 20.03 36.00 -20.05
CA LYS G 174 20.80 36.56 -18.95
C LYS G 174 20.46 38.03 -18.74
N ASN G 175 20.02 38.74 -19.78
CA ASN G 175 19.64 40.15 -19.62
C ASN G 175 18.21 40.39 -19.14
N GLY G 176 17.29 39.55 -19.58
CA GLY G 176 15.89 39.79 -19.30
C GLY G 176 15.25 38.76 -18.40
N ASN G 177 16.05 37.94 -17.72
CA ASN G 177 15.53 36.85 -16.89
C ASN G 177 14.67 37.30 -15.71
N ALA G 178 14.81 38.55 -15.30
CA ALA G 178 13.95 39.11 -14.25
C ALA G 178 12.50 39.28 -14.69
N THR G 179 12.29 39.63 -15.95
CA THR G 179 10.95 39.87 -16.48
C THR G 179 10.40 38.68 -17.27
N LEU G 180 11.30 37.90 -17.85
CA LEU G 180 10.94 36.75 -18.68
C LEU G 180 10.55 35.55 -17.82
N LEU G 181 11.23 35.40 -16.68
CA LEU G 181 11.02 34.23 -15.82
C LEU G 181 10.03 34.51 -14.73
N ARG G 182 9.03 35.31 -15.08
CA ARG G 182 8.08 35.84 -14.11
C ARG G 182 6.74 35.20 -14.40
N THR G 183 5.99 34.91 -13.34
CA THR G 183 4.63 34.39 -13.49
C THR G 183 3.58 35.32 -12.87
N ASP G 184 2.43 35.37 -13.54
CA ASP G 184 1.23 35.99 -13.03
C ASP G 184 0.18 34.89 -12.97
N SER G 185 -0.17 34.46 -11.78
CA SER G 185 -1.21 33.44 -11.73
C SER G 185 -2.58 34.04 -12.10
N PRO G 186 -3.46 33.23 -12.71
CA PRO G 186 -4.76 33.73 -13.19
C PRO G 186 -5.75 33.97 -12.06
N LYS G 187 -6.64 34.95 -12.21
CA LYS G 187 -7.82 35.07 -11.37
C LYS G 187 -8.90 34.30 -12.09
N ALA G 188 -9.48 33.31 -11.43
CA ALA G 188 -10.51 32.49 -12.06
C ALA G 188 -11.89 32.79 -11.48
N HIS G 189 -12.91 32.70 -12.33
CA HIS G 189 -14.29 32.73 -11.81
C HIS G 189 -15.29 32.11 -12.78
N VAL G 190 -16.43 31.71 -12.25
CA VAL G 190 -17.43 31.03 -13.07
C VAL G 190 -18.70 31.88 -13.22
N THR G 191 -19.16 32.04 -14.46
CA THR G 191 -20.39 32.74 -14.70
C THR G 191 -21.47 31.80 -15.20
N HIS G 192 -22.70 32.24 -15.03
CA HIS G 192 -23.88 31.42 -15.26
C HIS G 192 -24.78 32.17 -16.24
N HIS G 193 -25.23 31.50 -17.28
CA HIS G 193 -26.08 32.14 -18.27
C HIS G 193 -27.19 31.21 -18.70
N PRO G 194 -28.45 31.67 -18.62
CA PRO G 194 -29.53 30.86 -19.19
C PRO G 194 -29.23 30.59 -20.66
N ARG G 195 -29.78 29.49 -21.20
CA ARG G 195 -29.34 29.03 -22.50
C ARG G 195 -30.50 28.44 -23.33
N SER G 196 -31.36 27.69 -22.65
CA SER G 196 -32.53 27.08 -23.26
C SER G 196 -33.39 26.46 -22.18
N LYS G 197 -34.40 25.67 -22.58
CA LYS G 197 -35.27 25.00 -21.64
C LYS G 197 -34.52 23.93 -20.85
N GLY G 198 -34.29 24.20 -19.57
CA GLY G 198 -33.60 23.24 -18.70
C GLY G 198 -32.09 23.25 -18.84
N GLU G 199 -31.59 24.14 -19.69
CA GLU G 199 -30.16 24.19 -19.99
C GLU G 199 -29.57 25.54 -19.65
N VAL G 200 -28.44 25.50 -18.95
CA VAL G 200 -27.67 26.70 -18.68
C VAL G 200 -26.25 26.53 -19.22
N THR G 201 -25.57 27.66 -19.38
CA THR G 201 -24.19 27.71 -19.85
C THR G 201 -23.34 28.14 -18.67
N LEU G 202 -22.31 27.35 -18.37
CA LEU G 202 -21.34 27.71 -17.35
C LEU G 202 -20.05 28.09 -18.05
N ARG G 203 -19.48 29.21 -17.63
CA ARG G 203 -18.26 29.71 -18.24
C ARG G 203 -17.18 29.93 -17.21
N CYS G 204 -16.05 29.26 -17.42
CA CYS G 204 -14.89 29.41 -16.56
C CYS G 204 -13.93 30.44 -17.17
N TRP G 205 -13.63 31.46 -16.39
CA TRP G 205 -12.76 32.55 -16.78
C TRP G 205 -11.43 32.41 -16.07
N ALA G 206 -10.37 32.55 -16.84
CA ALA G 206 -9.02 32.73 -16.32
C ALA G 206 -8.54 34.07 -16.86
N LEU G 207 -8.25 35.01 -15.95
CA LEU G 207 -7.88 36.36 -16.35
C LEU G 207 -6.56 36.82 -15.74
N GLY G 208 -5.81 37.62 -16.49
CA GLY G 208 -4.62 38.28 -15.98
C GLY G 208 -3.44 37.36 -15.71
N PHE G 209 -3.29 36.32 -16.54
CA PHE G 209 -2.18 35.41 -16.33
C PHE G 209 -1.01 35.63 -17.30
N TYR G 210 0.18 35.30 -16.81
CA TYR G 210 1.39 35.27 -17.62
C TYR G 210 2.29 34.15 -17.10
N PRO G 211 2.84 33.33 -18.00
CA PRO G 211 2.70 33.36 -19.46
C PRO G 211 1.36 32.83 -19.96
N ALA G 212 1.22 32.80 -21.29
CA ALA G 212 -0.03 32.43 -21.95
C ALA G 212 -0.37 30.94 -21.85
N ASP G 213 0.61 30.13 -21.49
CA ASP G 213 0.40 28.68 -21.41
C ASP G 213 -0.53 28.38 -20.25
N ILE G 214 -1.70 27.84 -20.59
CA ILE G 214 -2.73 27.57 -19.59
C ILE G 214 -3.59 26.39 -20.04
N THR G 215 -4.14 25.67 -19.07
CA THR G 215 -5.13 24.63 -19.40
C THR G 215 -6.41 24.84 -18.61
N LEU G 216 -7.55 24.92 -19.30
CA LEU G 216 -8.85 25.02 -18.65
C LEU G 216 -9.67 23.79 -19.02
N THR G 217 -10.22 23.10 -18.03
CA THR G 217 -11.07 21.97 -18.36
C THR G 217 -12.29 21.90 -17.47
N TRP G 218 -13.35 21.24 -17.91
CA TRP G 218 -14.49 21.07 -17.02
C TRP G 218 -14.44 19.70 -16.38
N GLN G 219 -15.39 19.44 -15.50
CA GLN G 219 -15.42 18.22 -14.72
C GLN G 219 -16.83 17.91 -14.27
N LEU G 220 -17.29 16.73 -14.66
CA LEU G 220 -18.53 16.19 -14.15
C LEU G 220 -18.19 15.20 -13.06
N ASN G 221 -18.58 15.53 -11.82
CA ASN G 221 -18.37 14.64 -10.69
C ASN G 221 -16.91 14.27 -10.48
N GLY G 222 -16.04 15.25 -10.59
CA GLY G 222 -14.62 15.03 -10.38
C GLY G 222 -13.96 14.40 -11.61
N GLU G 223 -14.73 14.12 -12.66
CA GLU G 223 -14.09 13.58 -13.86
C GLU G 223 -14.02 14.53 -15.06
N GLU G 224 -12.87 14.50 -15.72
CA GLU G 224 -12.58 15.39 -16.82
C GLU G 224 -13.65 15.38 -17.90
N LEU G 225 -14.09 16.58 -18.24
CA LEU G 225 -15.15 16.83 -19.20
C LEU G 225 -14.64 17.89 -20.17
N THR G 226 -14.52 17.47 -21.44
CA THR G 226 -14.09 18.32 -22.55
C THR G 226 -15.04 18.17 -23.72
N GLN G 227 -15.86 17.11 -23.68
CA GLN G 227 -16.86 16.83 -24.69
C GLN G 227 -17.80 18.02 -24.90
N ASP G 228 -17.72 18.62 -26.09
CA ASP G 228 -18.54 19.77 -26.45
C ASP G 228 -18.23 20.96 -25.54
N MET G 229 -17.00 21.01 -25.03
CA MET G 229 -16.54 22.16 -24.29
C MET G 229 -16.06 23.21 -25.30
N GLU G 230 -16.57 24.42 -25.15
CA GLU G 230 -16.16 25.51 -26.03
C GLU G 230 -14.97 26.24 -25.41
N LEU G 231 -13.86 26.26 -26.15
CA LEU G 231 -12.66 26.95 -25.70
C LEU G 231 -12.40 28.11 -26.65
N VAL G 232 -12.20 29.31 -26.10
CA VAL G 232 -11.71 30.40 -26.94
C VAL G 232 -10.19 30.42 -26.92
N GLU G 233 -9.59 31.02 -27.95
CA GLU G 233 -8.15 31.16 -28.06
C GLU G 233 -7.72 32.17 -26.98
N THR G 234 -6.63 31.82 -26.30
CA THR G 234 -5.93 32.70 -25.41
C THR G 234 -5.73 34.04 -26.10
N ARG G 235 -6.11 35.10 -25.40
CA ARG G 235 -6.10 36.43 -25.99
C ARG G 235 -5.32 37.38 -25.10
N PRO G 236 -4.65 38.37 -25.70
CA PRO G 236 -3.89 39.37 -24.95
C PRO G 236 -4.80 40.43 -24.33
N ALA G 237 -4.57 40.75 -23.06
CA ALA G 237 -5.29 41.83 -22.40
C ALA G 237 -4.78 43.16 -22.91
N GLY G 238 -3.51 43.17 -23.33
CA GLY G 238 -2.90 44.36 -23.91
C GLY G 238 -1.89 45.00 -22.97
N ASP G 239 -1.81 44.47 -21.75
CA ASP G 239 -0.90 45.01 -20.75
C ASP G 239 0.22 44.02 -20.42
N GLY G 240 0.27 42.93 -21.18
CA GLY G 240 1.26 41.89 -20.94
C GLY G 240 0.67 40.59 -20.41
N THR G 241 -0.60 40.60 -20.02
CA THR G 241 -1.23 39.37 -19.53
C THR G 241 -2.26 38.81 -20.52
N PHE G 242 -2.81 37.65 -20.18
CA PHE G 242 -3.72 36.97 -21.07
C PHE G 242 -5.03 36.57 -20.42
N GLN G 243 -6.00 36.25 -21.27
CA GLN G 243 -7.30 35.81 -20.81
C GLN G 243 -7.68 34.56 -21.59
N LYS G 244 -8.51 33.72 -20.98
CA LYS G 244 -9.07 32.56 -21.67
C LYS G 244 -10.34 32.17 -20.95
N TRP G 245 -11.31 31.66 -21.69
CA TRP G 245 -12.45 31.06 -21.04
C TRP G 245 -12.85 29.72 -21.67
N ALA G 246 -13.56 28.91 -20.89
CA ALA G 246 -14.05 27.61 -21.34
C ALA G 246 -15.49 27.42 -20.89
N SER G 247 -16.37 27.02 -21.79
CA SER G 247 -17.78 26.89 -21.42
C SER G 247 -18.36 25.49 -21.65
N VAL G 248 -19.36 25.13 -20.83
CA VAL G 248 -20.13 23.90 -21.05
C VAL G 248 -21.62 24.16 -20.92
N VAL G 249 -22.40 23.33 -21.60
CA VAL G 249 -23.85 23.36 -21.46
C VAL G 249 -24.29 22.24 -20.50
N VAL G 250 -25.11 22.63 -19.53
CA VAL G 250 -25.38 21.85 -18.33
C VAL G 250 -26.88 21.87 -18.06
N PRO G 251 -27.44 20.76 -17.52
CA PRO G 251 -28.85 20.78 -17.14
C PRO G 251 -29.12 21.72 -15.96
N LEU G 252 -30.18 22.51 -16.07
CA LEU G 252 -30.60 23.42 -14.99
C LEU G 252 -30.93 22.59 -13.75
N GLY G 253 -30.36 22.98 -12.62
CA GLY G 253 -30.55 22.25 -11.38
C GLY G 253 -29.39 21.31 -11.07
N LYS G 254 -28.51 21.11 -12.05
CA LYS G 254 -27.39 20.18 -11.90
C LYS G 254 -26.02 20.86 -11.90
N GLU G 255 -26.00 22.19 -11.85
CA GLU G 255 -24.77 22.97 -11.91
C GLU G 255 -23.76 22.63 -10.81
N GLN G 256 -24.25 22.08 -9.71
CA GLN G 256 -23.39 21.74 -8.57
C GLN G 256 -22.52 20.51 -8.82
N ASN G 257 -22.83 19.74 -9.86
CA ASN G 257 -22.03 18.58 -10.22
C ASN G 257 -20.81 18.94 -11.06
N TYR G 258 -20.72 20.20 -11.44
CA TYR G 258 -19.66 20.61 -12.36
C TYR G 258 -18.59 21.47 -11.73
N THR G 259 -17.34 21.22 -12.12
CA THR G 259 -16.23 22.02 -11.63
C THR G 259 -15.31 22.41 -12.76
N CYS G 260 -14.65 23.53 -12.59
CA CYS G 260 -13.69 24.04 -13.55
C CYS G 260 -12.31 23.89 -12.97
N ARG G 261 -11.39 23.43 -13.81
CA ARG G 261 -10.00 23.27 -13.47
C ARG G 261 -9.12 24.22 -14.26
N VAL G 262 -8.31 24.97 -13.52
CA VAL G 262 -7.34 25.88 -14.13
C VAL G 262 -5.93 25.42 -13.79
N TYR G 263 -5.16 25.11 -14.82
CA TYR G 263 -3.76 24.78 -14.67
C TYR G 263 -2.90 25.88 -15.24
N HIS G 264 -2.01 26.38 -14.39
CA HIS G 264 -1.06 27.43 -14.76
C HIS G 264 0.16 27.33 -13.86
N GLU G 265 1.32 27.62 -14.42
CA GLU G 265 2.57 27.48 -13.69
C GLU G 265 2.75 28.54 -12.61
N GLY G 266 1.89 29.55 -12.61
CA GLY G 266 1.92 30.60 -11.60
C GLY G 266 1.26 30.16 -10.31
N LEU G 267 0.34 29.20 -10.43
CA LEU G 267 -0.37 28.68 -9.27
C LEU G 267 0.48 27.68 -8.52
N PRO G 268 0.49 27.77 -7.18
CA PRO G 268 1.13 26.73 -6.35
C PRO G 268 0.31 25.45 -6.38
N GLU G 269 -1.01 25.60 -6.43
CA GLU G 269 -1.93 24.48 -6.57
C GLU G 269 -2.96 24.82 -7.64
N PRO G 270 -3.36 23.82 -8.45
CA PRO G 270 -4.40 24.02 -9.47
C PRO G 270 -5.66 24.63 -8.87
N LEU G 271 -6.39 25.41 -9.65
CA LEU G 271 -7.64 25.98 -9.20
C LEU G 271 -8.79 25.04 -9.55
N THR G 272 -9.64 24.80 -8.56
CA THR G 272 -10.88 24.07 -8.80
C THR G 272 -11.99 25.00 -8.33
N LEU G 273 -12.94 25.30 -9.22
CA LEU G 273 -14.01 26.21 -8.84
C LEU G 273 -15.35 25.86 -9.44
N ARG G 274 -16.40 26.39 -8.86
CA ARG G 274 -17.74 26.05 -9.30
C ARG G 274 -18.60 27.30 -9.36
N TRP G 275 -19.78 27.16 -9.92
CA TRP G 275 -20.76 28.23 -9.90
C TRP G 275 -21.24 28.44 -8.46
N GLU G 276 -20.86 29.58 -7.85
CA GLU G 276 -21.27 29.95 -6.49
C GLU G 276 -22.42 30.98 -6.51
N PRO G 277 -23.65 30.53 -6.24
CA PRO G 277 -24.76 31.47 -6.03
C PRO G 277 -24.57 32.23 -4.70
N PRO G 278 -25.41 33.25 -4.40
CA PRO G 278 -26.47 33.83 -5.23
C PRO G 278 -25.87 34.63 -6.38
N ILE H 1 -4.62 31.39 -51.64
CA ILE H 1 -5.68 30.89 -50.76
C ILE H 1 -6.04 31.93 -49.71
N GLN H 2 -7.28 31.88 -49.23
CA GLN H 2 -7.76 32.86 -48.27
C GLN H 2 -8.28 32.26 -46.97
N LYS H 3 -7.82 32.84 -45.86
CA LYS H 3 -8.22 32.39 -44.54
C LYS H 3 -9.07 33.46 -43.89
N THR H 4 -10.24 33.06 -43.40
CA THR H 4 -11.19 33.97 -42.79
C THR H 4 -10.78 34.32 -41.37
N PRO H 5 -10.82 35.63 -41.04
CA PRO H 5 -10.44 36.11 -39.70
C PRO H 5 -11.38 35.62 -38.61
N GLN H 6 -10.80 35.34 -37.44
CA GLN H 6 -11.53 35.05 -36.22
C GLN H 6 -11.42 36.27 -35.31
N ILE H 7 -12.55 36.74 -34.81
CA ILE H 7 -12.58 38.00 -34.06
C ILE H 7 -13.06 37.83 -32.63
N GLN H 8 -12.29 38.33 -31.68
CA GLN H 8 -12.76 38.44 -30.30
C GLN H 8 -12.80 39.89 -29.84
N VAL H 9 -13.95 40.31 -29.33
CA VAL H 9 -14.10 41.64 -28.77
C VAL H 9 -14.26 41.52 -27.26
N TYR H 10 -13.43 42.22 -26.51
CA TYR H 10 -13.39 42.03 -25.06
C TYR H 10 -12.62 43.15 -24.38
N SER H 11 -12.78 43.30 -23.08
CA SER H 11 -12.14 44.39 -22.36
C SER H 11 -10.91 43.89 -21.61
N ARG H 12 -9.93 44.78 -21.43
CA ARG H 12 -8.70 44.42 -20.72
C ARG H 12 -8.99 44.08 -19.27
N HIS H 13 -9.86 44.87 -18.66
CA HIS H 13 -10.23 44.69 -17.26
C HIS H 13 -11.70 44.33 -17.14
N PRO H 14 -12.09 43.69 -16.02
CA PRO H 14 -13.51 43.36 -15.82
C PRO H 14 -14.34 44.64 -15.88
N PRO H 15 -15.40 44.65 -16.69
CA PRO H 15 -16.19 45.86 -16.99
C PRO H 15 -16.89 46.41 -15.76
N GLU H 16 -16.84 47.73 -15.57
CA GLU H 16 -17.51 48.37 -14.46
C GLU H 16 -18.00 49.71 -15.00
N ASN H 17 -19.32 49.86 -15.07
CA ASN H 17 -19.90 51.04 -15.69
C ASN H 17 -19.41 52.33 -15.02
N GLY H 18 -18.96 53.27 -15.85
CA GLY H 18 -18.43 54.52 -15.36
C GLY H 18 -16.92 54.44 -15.14
N LYS H 19 -16.37 53.24 -15.20
CA LYS H 19 -14.94 53.08 -14.97
C LYS H 19 -14.17 52.87 -16.26
N PRO H 20 -13.21 53.77 -16.55
CA PRO H 20 -12.39 53.70 -17.76
C PRO H 20 -11.64 52.37 -17.90
N ASN H 21 -11.46 51.94 -19.15
CA ASN H 21 -10.98 50.60 -19.46
C ASN H 21 -10.44 50.59 -20.89
N ILE H 22 -9.96 49.42 -21.32
CA ILE H 22 -9.47 49.24 -22.67
C ILE H 22 -10.34 48.23 -23.39
N LEU H 23 -10.84 48.60 -24.57
CA LEU H 23 -11.55 47.68 -25.43
C LEU H 23 -10.60 47.11 -26.49
N ASN H 24 -10.51 45.78 -26.52
CA ASN H 24 -9.71 45.04 -27.48
C ASN H 24 -10.57 44.37 -28.56
N CYS H 25 -10.08 44.46 -29.78
CA CYS H 25 -10.52 43.66 -30.91
C CYS H 25 -9.34 42.84 -31.40
N TYR H 26 -9.34 41.57 -31.02
CA TYR H 26 -8.24 40.63 -31.37
C TYR H 26 -8.64 39.82 -32.61
N VAL H 27 -7.89 40.00 -33.69
CA VAL H 27 -8.20 39.38 -34.98
C VAL H 27 -7.11 38.39 -35.40
N THR H 28 -7.50 37.15 -35.67
CA THR H 28 -6.53 36.10 -35.92
C THR H 28 -6.85 35.25 -37.14
N GLN H 29 -5.86 34.46 -37.55
CA GLN H 29 -6.04 33.35 -38.47
C GLN H 29 -6.50 33.78 -39.86
N PHE H 30 -5.98 34.92 -40.30
CA PHE H 30 -6.30 35.40 -41.62
C PHE H 30 -5.09 35.44 -42.55
N HIS H 31 -5.40 35.29 -43.83
CA HIS H 31 -4.44 35.51 -44.91
C HIS H 31 -5.30 35.94 -46.08
N PRO H 32 -4.86 36.95 -46.85
CA PRO H 32 -3.64 37.76 -46.81
C PRO H 32 -3.59 38.74 -45.63
N PRO H 33 -2.41 39.29 -45.33
CA PRO H 33 -2.25 40.13 -44.13
C PRO H 33 -2.94 41.48 -44.23
N HIS H 34 -3.36 41.88 -45.42
CA HIS H 34 -4.09 43.14 -45.58
C HIS H 34 -5.46 43.03 -44.95
N ILE H 35 -5.74 43.94 -44.01
CA ILE H 35 -7.00 43.88 -43.30
C ILE H 35 -7.42 45.28 -42.81
N GLU H 36 -8.73 45.53 -42.74
CA GLU H 36 -9.25 46.81 -42.23
C GLU H 36 -10.02 46.57 -40.93
N ILE H 37 -9.65 47.29 -39.87
CA ILE H 37 -10.31 47.11 -38.59
C ILE H 37 -10.81 48.43 -38.01
N GLN H 38 -12.11 48.50 -37.74
CA GLN H 38 -12.71 49.69 -37.17
C GLN H 38 -13.38 49.33 -35.85
N MET H 39 -13.24 50.18 -34.85
CA MET H 39 -13.96 49.95 -33.61
C MET H 39 -15.09 50.98 -33.52
N LEU H 40 -16.29 50.49 -33.21
CA LEU H 40 -17.49 51.31 -33.28
C LEU H 40 -18.12 51.53 -31.93
N LYS H 41 -18.56 52.76 -31.67
CA LYS H 41 -19.35 53.06 -30.49
C LYS H 41 -20.72 53.57 -30.89
N ASN H 42 -21.76 52.82 -30.54
CA ASN H 42 -23.13 53.12 -30.95
C ASN H 42 -23.26 53.22 -32.47
N GLY H 43 -22.42 52.46 -33.17
CA GLY H 43 -22.44 52.42 -34.62
C GLY H 43 -21.55 53.45 -35.29
N LYS H 44 -20.68 54.10 -34.51
CA LYS H 44 -19.79 55.12 -35.07
C LYS H 44 -18.33 54.87 -34.76
N LYS H 45 -17.47 55.14 -35.73
CA LYS H 45 -16.02 54.94 -35.61
C LYS H 45 -15.46 55.65 -34.39
N ILE H 46 -14.73 54.89 -33.57
CA ILE H 46 -13.92 55.49 -32.53
C ILE H 46 -12.65 55.98 -33.22
N PRO H 47 -12.41 57.30 -33.18
CA PRO H 47 -11.37 57.93 -34.00
C PRO H 47 -9.95 57.66 -33.52
N LYS H 48 -9.80 57.16 -32.30
CA LYS H 48 -8.45 56.88 -31.80
C LYS H 48 -8.22 55.40 -31.43
N VAL H 49 -8.14 54.58 -32.47
CA VAL H 49 -7.94 53.16 -32.28
C VAL H 49 -6.46 52.83 -32.47
N GLU H 50 -5.83 52.36 -31.40
CA GLU H 50 -4.43 52.00 -31.48
C GLU H 50 -4.28 50.54 -31.94
N MET H 51 -3.58 50.36 -33.05
CA MET H 51 -3.40 49.02 -33.56
C MET H 51 -1.99 48.57 -33.29
N SER H 52 -1.86 47.39 -32.67
CA SER H 52 -0.55 46.80 -32.43
C SER H 52 0.08 46.47 -33.78
N ASP H 53 1.33 46.05 -33.75
CA ASP H 53 1.97 45.68 -35.01
C ASP H 53 1.61 44.21 -35.32
N MET H 54 1.37 43.94 -36.59
CA MET H 54 0.96 42.61 -37.04
C MET H 54 2.10 41.61 -36.93
N SER H 55 1.78 40.41 -36.47
CA SER H 55 2.70 39.28 -36.61
C SER H 55 1.98 38.12 -37.27
N PHE H 56 2.66 36.98 -37.34
CA PHE H 56 2.00 35.75 -37.74
C PHE H 56 2.38 34.62 -36.81
N SER H 57 1.59 33.55 -36.81
CA SER H 57 1.81 32.44 -35.91
C SER H 57 2.54 31.29 -36.61
N LYS H 58 2.59 30.14 -35.94
CA LYS H 58 3.33 28.99 -36.46
C LYS H 58 2.64 28.26 -37.61
N ASP H 59 1.31 28.27 -37.62
CA ASP H 59 0.60 28.12 -38.88
C ASP H 59 0.72 29.52 -39.47
N TRP H 60 0.87 29.65 -40.77
CA TRP H 60 1.38 30.93 -41.27
C TRP H 60 0.41 32.12 -41.20
N SER H 61 -0.69 31.95 -40.47
CA SER H 61 -1.76 32.93 -40.44
C SER H 61 -1.39 34.17 -39.62
N PHE H 62 -1.95 35.32 -40.01
CA PHE H 62 -1.59 36.58 -39.37
C PHE H 62 -2.53 36.96 -38.24
N TYR H 63 -2.03 37.71 -37.28
CA TYR H 63 -2.86 38.21 -36.20
C TYR H 63 -2.52 39.65 -35.83
N ILE H 64 -3.49 40.33 -35.24
CA ILE H 64 -3.30 41.73 -34.88
C ILE H 64 -4.28 42.13 -33.79
N LEU H 65 -3.86 43.02 -32.91
CA LEU H 65 -4.70 43.50 -31.83
C LEU H 65 -5.00 44.97 -31.99
N ALA H 66 -6.27 45.29 -32.24
CA ALA H 66 -6.71 46.68 -32.25
C ALA H 66 -7.22 46.99 -30.85
N HIS H 67 -6.93 48.17 -30.32
CA HIS H 67 -7.50 48.53 -29.02
C HIS H 67 -7.75 50.02 -28.91
N THR H 68 -8.66 50.37 -28.01
CA THR H 68 -8.98 51.76 -27.76
C THR H 68 -9.43 51.95 -26.33
N GLU H 69 -9.37 53.17 -25.83
CA GLU H 69 -9.83 53.42 -24.47
C GLU H 69 -11.33 53.68 -24.52
N PHE H 70 -12.04 53.20 -23.50
CA PHE H 70 -13.48 53.40 -23.44
C PHE H 70 -13.97 53.37 -22.01
N THR H 71 -15.21 53.75 -21.82
CA THR H 71 -15.83 53.69 -20.50
C THR H 71 -17.15 52.98 -20.63
N PRO H 72 -17.22 51.73 -20.11
CA PRO H 72 -18.45 50.93 -20.14
C PRO H 72 -19.59 51.71 -19.51
N THR H 73 -20.77 51.51 -20.09
CA THR H 73 -21.92 52.31 -19.75
C THR H 73 -23.15 51.41 -19.93
N GLU H 74 -24.23 51.70 -19.21
CA GLU H 74 -25.45 50.91 -19.34
C GLU H 74 -26.06 50.94 -20.72
N THR H 75 -25.79 52.02 -21.45
CA THR H 75 -26.46 52.30 -22.71
C THR H 75 -25.60 52.24 -23.99
N ASP H 76 -24.28 52.42 -23.85
CA ASP H 76 -23.39 52.38 -25.01
C ASP H 76 -23.16 50.97 -25.54
N THR H 77 -23.29 50.79 -26.85
CA THR H 77 -22.93 49.54 -27.50
C THR H 77 -21.57 49.69 -28.18
N TYR H 78 -20.73 48.68 -28.07
CA TYR H 78 -19.44 48.69 -28.73
C TYR H 78 -19.29 47.52 -29.67
N ALA H 79 -18.55 47.74 -30.75
CA ALA H 79 -18.39 46.71 -31.76
C ALA H 79 -17.05 46.79 -32.45
N CYS H 80 -16.76 45.77 -33.25
CA CYS H 80 -15.58 45.75 -34.08
C CYS H 80 -15.97 45.28 -35.46
N ARG H 81 -15.73 46.13 -36.45
CA ARG H 81 -16.03 45.78 -37.83
C ARG H 81 -14.73 45.48 -38.57
N VAL H 82 -14.71 44.34 -39.24
CA VAL H 82 -13.50 43.87 -39.90
C VAL H 82 -13.77 43.63 -41.38
N LYS H 83 -12.89 44.17 -42.22
CA LYS H 83 -12.99 43.97 -43.66
C LYS H 83 -11.76 43.22 -44.16
N HIS H 84 -12.03 42.12 -44.88
CA HIS H 84 -10.99 41.25 -45.40
C HIS H 84 -11.49 40.55 -46.67
N ASP H 85 -10.56 40.11 -47.50
CA ASP H 85 -10.89 39.57 -48.81
C ASP H 85 -11.60 38.23 -48.74
N SER H 86 -11.33 37.47 -47.68
CA SER H 86 -11.96 36.18 -47.44
C SER H 86 -13.47 36.34 -47.23
N MET H 87 -13.88 37.56 -46.88
CA MET H 87 -15.28 37.83 -46.57
C MET H 87 -15.92 38.76 -47.60
N ALA H 88 -17.05 38.31 -48.16
CA ALA H 88 -17.82 39.10 -49.11
C ALA H 88 -18.33 40.37 -48.44
N GLU H 89 -18.73 40.24 -47.17
CA GLU H 89 -19.20 41.37 -46.37
C GLU H 89 -18.26 41.67 -45.21
N PRO H 90 -18.21 42.95 -44.80
CA PRO H 90 -17.52 43.27 -43.54
C PRO H 90 -18.19 42.53 -42.41
N LYS H 91 -17.42 42.16 -41.39
CA LYS H 91 -18.01 41.43 -40.28
C LYS H 91 -17.96 42.26 -39.03
N THR H 92 -19.11 42.31 -38.37
CA THR H 92 -19.23 43.08 -37.14
C THR H 92 -19.44 42.15 -35.95
N VAL H 93 -18.60 42.30 -34.93
CA VAL H 93 -18.75 41.57 -33.69
C VAL H 93 -18.96 42.55 -32.55
N TYR H 94 -20.09 42.42 -31.88
CA TYR H 94 -20.47 43.28 -30.79
C TYR H 94 -19.82 42.84 -29.52
N TRP H 95 -19.48 43.81 -28.68
CA TRP H 95 -18.94 43.50 -27.37
C TRP H 95 -20.04 42.91 -26.48
N ASP H 96 -19.78 41.71 -25.97
CA ASP H 96 -20.66 41.02 -25.04
C ASP H 96 -19.89 40.89 -23.73
N ARG H 97 -20.32 41.60 -22.69
CA ARG H 97 -19.55 41.60 -21.44
C ARG H 97 -19.61 40.27 -20.70
N ASP H 98 -20.25 39.28 -21.30
CA ASP H 98 -20.29 37.93 -20.77
C ASP H 98 -19.33 37.00 -21.51
N MET H 99 -18.65 37.55 -22.52
CA MET H 99 -17.69 36.79 -23.33
C MET H 99 -16.42 37.59 -23.70
N SER I 1 19.56 38.09 -31.91
CA SER I 1 20.04 38.64 -33.17
C SER I 1 19.68 37.72 -34.33
N PRO I 2 19.06 38.29 -35.38
CA PRO I 2 18.60 37.53 -36.55
C PRO I 2 19.75 37.16 -37.50
N SER I 3 19.43 36.43 -38.57
CA SER I 3 20.44 35.99 -39.54
C SER I 3 19.92 36.03 -40.98
N TYR I 4 20.72 35.49 -41.91
CA TYR I 4 20.38 35.48 -43.33
C TYR I 4 19.89 34.13 -43.79
N VAL I 5 19.10 34.14 -44.86
CA VAL I 5 18.78 32.89 -45.54
C VAL I 5 20.00 32.45 -46.33
N TYR I 6 20.71 33.45 -46.86
CA TYR I 6 21.92 33.24 -47.66
C TYR I 6 21.64 32.52 -48.99
N HIS I 7 21.33 31.24 -48.91
CA HIS I 7 21.04 30.45 -50.10
C HIS I 7 19.79 30.96 -50.81
N GLN I 8 19.76 30.84 -52.13
CA GLN I 8 18.64 31.32 -52.94
C GLN I 8 17.72 30.18 -53.33
N PHE I 9 16.43 30.49 -53.47
CA PHE I 9 15.45 29.55 -53.98
C PHE I 9 15.74 29.16 -55.42
N ALA J 1 7.79 -20.73 4.48
CA ALA J 1 9.00 -20.62 5.28
C ALA J 1 9.85 -19.42 4.85
N GLY J 2 9.59 -18.90 3.65
CA GLY J 2 10.28 -17.71 3.19
C GLY J 2 10.63 -17.70 1.71
N PRO J 3 11.52 -16.77 1.33
CA PRO J 3 11.99 -16.61 -0.06
C PRO J 3 12.80 -17.84 -0.49
N HIS J 4 12.86 -18.09 -1.79
CA HIS J 4 13.64 -19.24 -2.24
C HIS J 4 15.12 -18.87 -2.15
N SER J 5 15.99 -19.86 -2.01
CA SER J 5 17.40 -19.57 -1.85
C SER J 5 18.32 -20.55 -2.53
N MET J 6 19.44 -20.03 -3.03
CA MET J 6 20.55 -20.87 -3.46
C MET J 6 21.78 -20.41 -2.70
N ARG J 7 22.47 -21.34 -2.08
CA ARG J 7 23.64 -21.02 -1.28
C ARG J 7 24.76 -22.01 -1.51
N TYR J 8 25.99 -21.51 -1.53
CA TYR J 8 27.15 -22.35 -1.61
C TYR J 8 28.04 -22.17 -0.41
N PHE J 9 28.50 -23.30 0.10
CA PHE J 9 29.36 -23.37 1.25
C PHE J 9 30.63 -24.08 0.83
N GLU J 10 31.70 -23.33 0.73
CA GLU J 10 32.97 -23.85 0.29
C GLU J 10 34.00 -23.69 1.37
N THR J 11 34.87 -24.67 1.49
CA THR J 11 35.82 -24.69 2.58
C THR J 11 37.10 -25.37 2.12
N ALA J 12 38.22 -24.87 2.61
CA ALA J 12 39.52 -25.45 2.32
C ALA J 12 40.32 -25.55 3.61
N VAL J 13 40.91 -26.72 3.85
CA VAL J 13 41.73 -26.96 5.02
C VAL J 13 43.14 -27.34 4.59
N SER J 14 44.12 -26.57 5.04
CA SER J 14 45.51 -26.87 4.70
C SER J 14 46.01 -28.04 5.55
N ARG J 15 46.80 -28.91 4.92
CA ARG J 15 47.41 -30.03 5.61
C ARG J 15 48.88 -30.09 5.21
N PRO J 16 49.71 -29.29 5.89
CA PRO J 16 51.13 -29.12 5.57
C PRO J 16 51.91 -30.45 5.63
N GLY J 17 52.51 -30.83 4.51
CA GLY J 17 53.30 -32.04 4.43
C GLY J 17 52.51 -33.29 4.10
N LEU J 18 51.19 -33.15 3.98
CA LEU J 18 50.31 -34.28 3.65
C LEU J 18 49.66 -34.08 2.29
N GLY J 19 50.24 -33.20 1.49
CA GLY J 19 49.73 -32.93 0.16
C GLY J 19 48.90 -31.67 0.03
N GLU J 20 48.08 -31.62 -1.02
CA GLU J 20 47.25 -30.44 -1.30
C GLU J 20 46.26 -30.17 -0.22
N PRO J 21 45.81 -28.91 -0.09
CA PRO J 21 44.74 -28.63 0.88
C PRO J 21 43.47 -29.35 0.46
N ARG J 22 42.67 -29.77 1.43
CA ARG J 22 41.41 -30.41 1.13
C ARG J 22 40.36 -29.37 0.86
N TYR J 23 39.63 -29.61 -0.22
CA TYR J 23 38.63 -28.62 -0.69
C TYR J 23 37.26 -29.30 -0.82
N ILE J 24 36.27 -28.68 -0.19
CA ILE J 24 34.91 -29.19 -0.25
C ILE J 24 33.94 -28.06 -0.59
N SER J 25 33.10 -28.31 -1.58
CA SER J 25 32.09 -27.33 -1.96
C SER J 25 30.71 -28.00 -1.96
N VAL J 26 29.78 -27.43 -1.20
CA VAL J 26 28.43 -27.96 -1.11
C VAL J 26 27.41 -26.90 -1.52
N GLY J 27 26.45 -27.29 -2.35
CA GLY J 27 25.41 -26.38 -2.83
C GLY J 27 24.04 -26.75 -2.28
N TYR J 28 23.24 -25.74 -1.95
CA TYR J 28 21.94 -25.91 -1.33
C TYR J 28 20.91 -25.09 -2.06
N VAL J 29 19.80 -25.72 -2.41
CA VAL J 29 18.62 -25.01 -2.86
C VAL J 29 17.55 -25.19 -1.79
N ASP J 30 17.02 -24.07 -1.30
CA ASP J 30 16.07 -24.09 -0.18
C ASP J 30 16.56 -24.97 0.97
N ASN J 31 17.82 -24.77 1.35
CA ASN J 31 18.46 -25.48 2.45
C ASN J 31 18.63 -26.98 2.25
N LYS J 32 18.33 -27.44 1.04
CA LYS J 32 18.53 -28.83 0.69
C LYS J 32 19.79 -29.00 -0.15
N GLU J 33 20.71 -29.83 0.33
CA GLU J 33 21.93 -30.11 -0.41
C GLU J 33 21.61 -30.81 -1.72
N PHE J 34 22.17 -30.29 -2.81
CA PHE J 34 21.83 -30.81 -4.13
C PHE J 34 23.06 -31.09 -5.00
N VAL J 35 24.22 -30.61 -4.57
CA VAL J 35 25.45 -30.70 -5.34
C VAL J 35 26.63 -30.75 -4.38
N ARG J 36 27.62 -31.61 -4.64
CA ARG J 36 28.80 -31.65 -3.79
C ARG J 36 30.10 -32.00 -4.50
N PHE J 37 31.16 -31.31 -4.10
CA PHE J 37 32.51 -31.59 -4.60
C PHE J 37 33.48 -31.83 -3.44
N ASP J 38 34.23 -32.92 -3.51
CA ASP J 38 35.29 -33.20 -2.52
C ASP J 38 36.58 -33.50 -3.26
N SER J 39 37.67 -32.92 -2.79
CA SER J 39 38.97 -33.05 -3.44
C SER J 39 39.65 -34.39 -3.12
N ASP J 40 39.24 -35.02 -2.03
CA ASP J 40 39.83 -36.30 -1.61
C ASP J 40 39.13 -37.49 -2.24
N ALA J 41 38.28 -37.22 -3.22
CA ALA J 41 37.58 -38.29 -3.93
C ALA J 41 38.52 -38.94 -4.94
N GLU J 42 38.13 -40.10 -5.45
CA GLU J 42 38.92 -40.81 -6.44
C GLU J 42 38.93 -40.03 -7.73
N ASN J 43 37.74 -39.75 -8.24
CA ASN J 43 37.56 -38.86 -9.38
C ASN J 43 36.88 -37.58 -8.89
N PRO J 44 37.68 -36.62 -8.40
CA PRO J 44 37.12 -35.38 -7.86
C PRO J 44 36.29 -34.67 -8.92
N ARG J 45 34.98 -34.64 -8.66
CA ARG J 45 34.05 -33.91 -9.51
C ARG J 45 32.78 -33.59 -8.73
N TYR J 46 31.98 -32.68 -9.28
CA TYR J 46 30.70 -32.37 -8.67
C TYR J 46 29.73 -33.51 -8.91
N GLU J 47 29.09 -33.96 -7.84
CA GLU J 47 28.10 -35.02 -7.92
C GLU J 47 26.75 -34.55 -7.41
N PRO J 48 25.67 -35.09 -8.00
CA PRO J 48 24.31 -34.78 -7.56
C PRO J 48 24.07 -35.31 -6.16
N GLN J 49 23.37 -34.54 -5.34
CA GLN J 49 23.00 -34.98 -4.01
C GLN J 49 21.48 -34.98 -3.92
N ALA J 50 20.85 -34.84 -5.09
CA ALA J 50 19.40 -34.81 -5.22
C ALA J 50 19.03 -35.40 -6.57
N PRO J 51 18.01 -36.29 -6.58
CA PRO J 51 17.55 -37.02 -7.77
C PRO J 51 17.13 -36.10 -8.93
N TRP J 52 16.60 -34.92 -8.64
CA TRP J 52 16.17 -34.00 -9.69
C TRP J 52 17.35 -33.29 -10.37
N MET J 53 18.57 -33.54 -9.88
CA MET J 53 19.78 -32.95 -10.46
C MET J 53 20.42 -33.86 -11.50
N GLU J 54 19.92 -35.09 -11.60
CA GLU J 54 20.41 -36.03 -12.61
C GLU J 54 19.69 -35.77 -13.93
N GLN J 55 18.92 -34.68 -13.92
CA GLN J 55 18.23 -34.15 -15.08
C GLN J 55 19.18 -33.25 -15.87
N GLU J 56 20.33 -32.95 -15.26
CA GLU J 56 21.32 -32.11 -15.91
C GLU J 56 22.25 -32.90 -16.80
N GLY J 57 22.68 -32.29 -17.90
CA GLY J 57 23.51 -32.94 -18.90
C GLY J 57 24.98 -33.01 -18.54
N PRO J 58 25.75 -33.74 -19.35
CA PRO J 58 27.19 -34.00 -19.18
C PRO J 58 28.04 -32.74 -19.16
N GLU J 59 27.62 -31.74 -19.92
CA GLU J 59 28.38 -30.53 -20.07
C GLU J 59 28.37 -29.73 -18.77
N TYR J 60 27.22 -29.79 -18.09
CA TYR J 60 27.02 -29.09 -16.83
C TYR J 60 28.10 -29.47 -15.82
N TRP J 61 28.16 -30.76 -15.54
CA TRP J 61 29.06 -31.29 -14.52
C TRP J 61 30.52 -31.02 -14.80
N GLU J 62 30.94 -31.15 -16.05
CA GLU J 62 32.32 -30.93 -16.45
C GLU J 62 32.70 -29.46 -16.26
N ARG J 63 31.78 -28.59 -16.66
CA ARG J 63 31.95 -27.14 -16.52
C ARG J 63 32.12 -26.73 -15.05
N ILE J 64 31.15 -27.11 -14.21
CA ILE J 64 31.25 -26.74 -12.81
C ILE J 64 32.45 -27.40 -12.12
N THR J 65 32.83 -28.59 -12.58
CA THR J 65 34.03 -29.25 -12.05
C THR J 65 35.29 -28.45 -12.39
N GLN J 66 35.33 -27.87 -13.59
CA GLN J 66 36.40 -26.95 -13.96
C GLN J 66 36.45 -25.75 -13.01
N ILE J 67 35.27 -25.19 -12.77
CA ILE J 67 35.14 -24.12 -11.79
C ILE J 67 35.73 -24.55 -10.45
N ALA J 68 35.48 -25.79 -10.06
CA ALA J 68 36.02 -26.33 -8.82
C ALA J 68 37.55 -26.34 -8.82
N LYS J 69 38.16 -26.72 -9.93
CA LYS J 69 39.62 -26.73 -10.02
C LYS J 69 40.18 -25.31 -9.80
N GLY J 70 39.61 -24.35 -10.54
CA GLY J 70 40.00 -22.96 -10.40
C GLY J 70 39.87 -22.48 -8.96
N GLN J 71 38.78 -22.89 -8.32
CA GLN J 71 38.53 -22.54 -6.93
C GLN J 71 39.54 -23.14 -5.98
N GLU J 72 39.96 -24.37 -6.26
CA GLU J 72 41.02 -25.01 -5.46
C GLU J 72 42.28 -24.19 -5.53
N GLN J 73 42.64 -23.74 -6.73
CA GLN J 73 43.75 -22.81 -6.86
C GLN J 73 43.63 -21.59 -6.00
N TRP J 74 42.52 -20.90 -6.20
CA TRP J 74 42.24 -19.70 -5.44
C TRP J 74 42.39 -19.93 -3.93
N PHE J 75 41.82 -21.02 -3.45
CA PHE J 75 41.84 -21.33 -2.03
C PHE J 75 43.23 -21.59 -1.51
N ARG J 76 44.02 -22.36 -2.26
CA ARG J 76 45.38 -22.67 -1.83
C ARG J 76 46.22 -21.41 -1.74
N VAL J 77 46.17 -20.64 -2.82
CA VAL J 77 46.87 -19.37 -2.92
C VAL J 77 46.51 -18.47 -1.75
N ASN J 78 45.23 -18.24 -1.53
CA ASN J 78 44.84 -17.29 -0.49
C ASN J 78 44.99 -17.80 0.93
N LEU J 79 45.05 -19.12 1.07
CA LEU J 79 45.41 -19.76 2.33
C LEU J 79 46.82 -19.32 2.68
N ARG J 80 47.71 -19.44 1.69
CA ARG J 80 49.09 -18.97 1.87
C ARG J 80 49.18 -17.46 2.13
N THR J 81 48.42 -16.68 1.36
CA THR J 81 48.37 -15.23 1.56
C THR J 81 47.99 -14.86 2.99
N LEU J 82 46.97 -15.54 3.53
CA LEU J 82 46.49 -15.26 4.88
C LEU J 82 47.49 -15.69 5.94
N LEU J 83 48.21 -16.79 5.67
CA LEU J 83 49.36 -17.15 6.48
C LEU J 83 50.29 -15.94 6.56
N GLY J 84 50.43 -15.25 5.43
CA GLY J 84 51.19 -14.01 5.41
C GLY J 84 50.61 -12.92 6.30
N TYR J 85 49.37 -12.51 6.01
CA TYR J 85 48.75 -11.37 6.72
C TYR J 85 48.67 -11.54 8.23
N TYR J 86 48.53 -12.78 8.68
CA TYR J 86 48.38 -13.05 10.11
C TYR J 86 49.69 -13.43 10.79
N ASN J 87 50.75 -13.45 10.00
CA ASN J 87 52.10 -13.72 10.49
C ASN J 87 52.14 -15.08 11.20
N GLN J 88 51.74 -16.13 10.49
CA GLN J 88 51.67 -17.43 11.11
C GLN J 88 52.70 -18.40 10.54
N SER J 89 53.04 -19.41 11.34
CA SER J 89 54.00 -20.42 10.95
C SER J 89 53.40 -21.35 9.88
N ALA J 90 54.25 -21.90 9.02
CA ALA J 90 53.78 -22.59 7.80
C ALA J 90 53.45 -24.09 7.94
N GLY J 91 53.60 -24.63 9.15
CA GLY J 91 53.36 -26.05 9.36
C GLY J 91 52.07 -26.31 10.14
N GLY J 92 51.24 -25.28 10.28
CA GLY J 92 49.97 -25.43 10.96
C GLY J 92 48.85 -25.69 9.98
N THR J 93 47.77 -26.29 10.46
CA THR J 93 46.57 -26.45 9.65
C THR J 93 45.65 -25.26 9.88
N HIS J 94 45.09 -24.74 8.80
CA HIS J 94 44.22 -23.57 8.88
C HIS J 94 43.01 -23.79 7.96
N THR J 95 41.93 -23.06 8.23
CA THR J 95 40.73 -23.19 7.42
C THR J 95 40.35 -21.87 6.77
N LEU J 96 39.85 -21.97 5.55
CA LEU J 96 39.34 -20.82 4.83
C LEU J 96 37.96 -21.19 4.30
N GLN J 97 36.97 -20.40 4.68
CA GLN J 97 35.60 -20.67 4.26
C GLN J 97 34.99 -19.51 3.50
N TRP J 98 34.18 -19.88 2.51
CA TRP J 98 33.48 -18.94 1.68
C TRP J 98 32.02 -19.36 1.61
N MET J 99 31.14 -18.42 1.90
CA MET J 99 29.71 -18.68 1.84
C MET J 99 29.13 -17.64 0.91
N TYR J 100 28.30 -18.05 -0.03
CA TYR J 100 27.72 -17.07 -0.94
C TYR J 100 26.38 -17.49 -1.55
N GLY J 101 25.64 -16.55 -2.10
CA GLY J 101 24.40 -16.90 -2.77
C GLY J 101 23.28 -15.88 -2.74
N CYS J 102 22.08 -16.33 -3.05
CA CYS J 102 20.95 -15.45 -3.22
C CYS J 102 19.63 -15.96 -2.63
N ASP J 103 18.93 -15.07 -1.94
CA ASP J 103 17.53 -15.22 -1.60
C ASP J 103 16.73 -14.40 -2.59
N VAL J 104 15.75 -15.04 -3.22
CA VAL J 104 14.87 -14.35 -4.16
C VAL J 104 13.43 -14.38 -3.67
N GLY J 105 12.72 -13.29 -3.94
CA GLY J 105 11.34 -13.14 -3.55
C GLY J 105 10.35 -13.74 -4.51
N SER J 106 9.08 -13.40 -4.31
CA SER J 106 7.99 -14.03 -5.08
C SER J 106 8.00 -13.59 -6.54
N ASP J 107 8.51 -12.38 -6.80
CA ASP J 107 8.58 -11.84 -8.16
C ASP J 107 9.64 -12.57 -8.98
N GLY J 108 10.69 -13.02 -8.30
CA GLY J 108 11.74 -13.79 -8.96
C GLY J 108 13.02 -12.99 -9.06
N ARG J 109 13.06 -11.85 -8.37
CA ARG J 109 14.23 -10.99 -8.41
C ARG J 109 15.00 -11.05 -7.11
N LEU J 110 16.25 -10.58 -7.16
CA LEU J 110 17.13 -10.63 -6.02
C LEU J 110 16.53 -9.91 -4.82
N LEU J 111 16.44 -10.61 -3.71
CA LEU J 111 15.95 -10.05 -2.46
C LEU J 111 17.13 -9.82 -1.53
N ARG J 112 18.02 -10.80 -1.46
CA ARG J 112 19.21 -10.64 -0.64
C ARG J 112 20.39 -11.44 -1.21
N GLY J 113 21.58 -10.85 -1.13
CA GLY J 113 22.78 -11.49 -1.63
C GLY J 113 23.81 -11.71 -0.53
N TYR J 114 24.66 -12.72 -0.69
CA TYR J 114 25.67 -13.05 0.30
C TYR J 114 27.00 -13.31 -0.35
N GLU J 115 28.03 -12.69 0.22
CA GLU J 115 29.43 -12.98 -0.08
C GLU J 115 30.23 -12.81 1.20
N GLN J 116 30.53 -13.90 1.90
CA GLN J 116 31.30 -13.81 3.13
C GLN J 116 32.42 -14.84 3.25
N PHE J 117 33.43 -14.47 4.02
CA PHE J 117 34.65 -15.23 4.15
C PHE J 117 35.08 -15.25 5.60
N ALA J 118 35.51 -16.44 6.02
CA ALA J 118 36.05 -16.67 7.35
C ALA J 118 37.41 -17.34 7.26
N TYR J 119 38.29 -17.00 8.20
CA TYR J 119 39.59 -17.63 8.30
C TYR J 119 39.76 -18.18 9.69
N ASP J 120 40.06 -19.48 9.79
CA ASP J 120 40.12 -20.19 11.06
C ASP J 120 38.83 -20.06 11.87
N GLY J 121 37.71 -20.05 11.16
CA GLY J 121 36.40 -20.02 11.79
C GLY J 121 35.92 -18.64 12.20
N CYS J 122 36.76 -17.63 12.04
CA CYS J 122 36.39 -16.28 12.41
C CYS J 122 36.16 -15.43 11.17
N ASP J 123 35.16 -14.53 11.26
CA ASP J 123 34.84 -13.62 10.18
C ASP J 123 36.09 -12.93 9.65
N TYR J 124 36.21 -12.89 8.33
CA TYR J 124 37.32 -12.19 7.70
C TYR J 124 36.78 -11.01 6.90
N ILE J 125 36.00 -11.30 5.87
CA ILE J 125 35.43 -10.19 5.10
C ILE J 125 34.06 -10.54 4.51
N ALA J 126 33.15 -9.57 4.53
CA ALA J 126 31.77 -9.83 4.13
C ALA J 126 31.19 -8.69 3.33
N LEU J 127 30.53 -9.03 2.23
CA LEU J 127 29.83 -8.03 1.43
C LEU J 127 28.61 -7.56 2.23
N ASN J 128 28.52 -6.26 2.48
CA ASN J 128 27.37 -5.71 3.19
C ASN J 128 26.10 -5.88 2.37
N GLU J 129 24.96 -5.62 3.00
CA GLU J 129 23.67 -5.86 2.35
C GLU J 129 23.41 -4.91 1.18
N ASP J 130 24.01 -3.73 1.22
CA ASP J 130 23.93 -2.80 0.08
C ASP J 130 24.54 -3.41 -1.19
N LEU J 131 25.34 -4.46 -1.00
CA LEU J 131 26.07 -5.13 -2.08
C LEU J 131 27.05 -4.17 -2.73
N LYS J 132 27.63 -3.30 -1.91
CA LYS J 132 28.47 -2.21 -2.41
C LYS J 132 29.65 -1.94 -1.49
N THR J 133 29.49 -2.28 -0.22
CA THR J 133 30.56 -2.05 0.76
C THR J 133 30.96 -3.33 1.48
N TRP J 134 32.13 -3.30 2.09
CA TRP J 134 32.69 -4.46 2.76
C TRP J 134 32.85 -4.25 4.26
N THR J 135 32.47 -5.26 5.02
CA THR J 135 32.76 -5.27 6.45
C THR J 135 33.98 -6.16 6.65
N ALA J 136 35.03 -5.55 7.17
CA ALA J 136 36.29 -6.23 7.46
C ALA J 136 36.48 -6.34 8.98
N ALA J 137 36.67 -7.56 9.45
CA ALA J 137 36.73 -7.84 10.88
C ALA J 137 37.94 -7.21 11.59
N ASP J 138 39.11 -7.28 10.96
CA ASP J 138 40.34 -6.82 11.59
C ASP J 138 41.31 -6.15 10.63
N MET J 139 42.50 -5.84 11.12
CA MET J 139 43.47 -5.11 10.33
C MET J 139 43.98 -5.88 9.12
N ALA J 140 44.10 -7.19 9.26
CA ALA J 140 44.55 -8.05 8.16
C ALA J 140 43.55 -8.02 7.01
N ALA J 141 42.27 -7.88 7.34
CA ALA J 141 41.20 -7.86 6.34
C ALA J 141 41.05 -6.49 5.68
N GLN J 142 41.60 -5.46 6.32
CA GLN J 142 41.54 -4.10 5.78
C GLN J 142 42.36 -4.00 4.50
N ILE J 143 43.44 -4.77 4.44
CA ILE J 143 44.27 -4.86 3.25
C ILE J 143 43.46 -5.34 2.07
N THR J 144 42.78 -6.46 2.28
CA THR J 144 41.94 -7.05 1.24
C THR J 144 40.82 -6.09 0.89
N ARG J 145 40.34 -5.36 1.88
CA ARG J 145 39.24 -4.42 1.66
C ARG J 145 39.62 -3.26 0.77
N ARG J 146 40.76 -2.64 1.06
CA ARG J 146 41.27 -1.54 0.24
C ARG J 146 41.52 -2.05 -1.16
N LYS J 147 42.15 -3.22 -1.23
CA LYS J 147 42.47 -3.89 -2.49
C LYS J 147 41.21 -4.12 -3.33
N TRP J 148 40.12 -4.52 -2.69
CA TRP J 148 38.89 -4.90 -3.38
C TRP J 148 38.01 -3.72 -3.71
N GLU J 149 38.09 -2.66 -2.91
CA GLU J 149 37.44 -1.40 -3.20
C GLU J 149 38.09 -0.75 -4.42
N GLN J 150 39.43 -0.71 -4.40
CA GLN J 150 40.23 -0.23 -5.52
C GLN J 150 39.88 -0.99 -6.82
N ALA J 151 39.63 -2.30 -6.70
CA ALA J 151 39.40 -3.17 -7.87
C ALA J 151 37.93 -3.23 -8.30
N GLY J 152 37.04 -2.69 -7.47
CA GLY J 152 35.61 -2.75 -7.75
C GLY J 152 35.02 -4.14 -7.73
N ALA J 153 35.38 -4.93 -6.73
CA ALA J 153 34.94 -6.32 -6.61
C ALA J 153 33.45 -6.43 -6.31
N ALA J 154 32.96 -5.51 -5.47
CA ALA J 154 31.56 -5.48 -5.08
C ALA J 154 30.62 -5.45 -6.29
N GLU J 155 30.98 -4.71 -7.32
CA GLU J 155 30.15 -4.63 -8.53
C GLU J 155 30.13 -5.95 -9.28
N TYR J 156 31.27 -6.61 -9.32
CA TYR J 156 31.38 -7.95 -9.91
C TYR J 156 30.44 -8.94 -9.21
N TYR J 157 30.51 -8.98 -7.88
CA TYR J 157 29.69 -9.88 -7.09
C TYR J 157 28.22 -9.55 -7.23
N ARG J 158 27.92 -8.27 -7.16
CA ARG J 158 26.56 -7.79 -7.27
C ARG J 158 25.96 -8.19 -8.62
N ALA J 159 26.79 -8.11 -9.64
CA ALA J 159 26.38 -8.46 -10.99
C ALA J 159 26.10 -9.96 -11.09
N TYR J 160 26.95 -10.77 -10.46
CA TYR J 160 26.70 -12.21 -10.42
C TYR J 160 25.43 -12.57 -9.62
N LEU J 161 25.24 -11.90 -8.49
CA LEU J 161 24.14 -12.19 -7.57
C LEU J 161 22.79 -11.80 -8.15
N GLU J 162 22.72 -10.61 -8.74
CA GLU J 162 21.49 -10.13 -9.36
C GLU J 162 21.20 -10.86 -10.66
N GLY J 163 22.25 -11.36 -11.29
CA GLY J 163 22.14 -12.01 -12.58
C GLY J 163 21.96 -13.51 -12.55
N GLU J 164 23.06 -14.23 -12.76
CA GLU J 164 23.04 -15.68 -12.96
C GLU J 164 22.73 -16.51 -11.73
N CYS J 165 23.01 -15.98 -10.54
CA CYS J 165 22.66 -16.71 -9.32
C CYS J 165 21.15 -16.95 -9.30
N VAL J 166 20.40 -15.87 -9.54
CA VAL J 166 18.95 -15.91 -9.60
C VAL J 166 18.43 -16.80 -10.74
N GLU J 167 19.05 -16.71 -11.90
CA GLU J 167 18.63 -17.49 -13.07
C GLU J 167 18.83 -18.98 -12.84
N TRP J 168 19.95 -19.33 -12.22
CA TRP J 168 20.26 -20.70 -11.87
C TRP J 168 19.27 -21.20 -10.84
N LEU J 169 18.99 -20.37 -9.85
CA LEU J 169 18.03 -20.71 -8.82
C LEU J 169 16.67 -21.00 -9.42
N HIS J 170 16.28 -20.16 -10.37
CA HIS J 170 14.99 -20.30 -11.08
C HIS J 170 14.94 -21.62 -11.85
N ARG J 171 16.00 -21.91 -12.59
CA ARG J 171 16.22 -23.20 -13.29
C ARG J 171 15.98 -24.37 -12.36
N TYR J 172 16.75 -24.37 -11.27
CA TYR J 172 16.76 -25.46 -10.30
C TYR J 172 15.39 -25.65 -9.69
N LEU J 173 14.77 -24.54 -9.28
CA LEU J 173 13.41 -24.56 -8.77
C LEU J 173 12.52 -25.26 -9.79
N LYS J 174 12.66 -24.90 -11.05
CA LYS J 174 11.79 -25.46 -12.06
C LYS J 174 12.02 -26.93 -12.22
N ASN J 175 13.22 -27.42 -11.95
CA ASN J 175 13.50 -28.86 -12.07
C ASN J 175 13.10 -29.70 -10.87
N GLY J 176 13.29 -29.13 -9.69
CA GLY J 176 13.06 -29.90 -8.49
C GLY J 176 11.84 -29.42 -7.68
N ASN J 177 10.91 -28.59 -8.18
CA ASN J 177 9.78 -28.08 -7.42
C ASN J 177 8.87 -29.10 -6.88
N ALA J 178 8.85 -30.28 -7.48
CA ALA J 178 8.01 -31.35 -6.98
C ALA J 178 8.48 -31.87 -5.62
N THR J 179 9.79 -31.92 -5.40
CA THR J 179 10.36 -32.45 -4.17
C THR J 179 10.75 -31.35 -3.18
N LEU J 180 11.08 -30.18 -3.72
CA LEU J 180 11.51 -29.05 -2.90
C LEU J 180 10.34 -28.35 -2.23
N LEU J 181 9.22 -28.29 -2.93
CA LEU J 181 8.06 -27.54 -2.47
C LEU J 181 7.10 -28.46 -1.77
N ARG J 182 7.65 -29.42 -1.03
CA ARG J 182 6.86 -30.46 -0.42
C ARG J 182 6.93 -30.29 1.08
N THR J 183 5.83 -30.57 1.75
CA THR J 183 5.79 -30.53 3.20
C THR J 183 5.48 -31.90 3.82
N ASP J 184 6.12 -32.17 4.96
CA ASP J 184 5.77 -33.27 5.84
C ASP J 184 5.38 -32.66 7.19
N SER J 185 4.10 -32.73 7.55
CA SER J 185 3.73 -32.21 8.86
C SER J 185 4.31 -33.10 9.95
N PRO J 186 4.64 -32.49 11.11
CA PRO J 186 5.22 -33.26 12.23
C PRO J 186 4.19 -34.14 12.96
N LYS J 187 4.61 -35.29 13.48
CA LYS J 187 3.84 -36.01 14.46
C LYS J 187 4.29 -35.52 15.82
N ALA J 188 3.35 -34.99 16.60
CA ALA J 188 3.70 -34.42 17.90
C ALA J 188 3.23 -35.31 19.04
N HIS J 189 3.99 -35.35 20.13
CA HIS J 189 3.50 -35.99 21.35
C HIS J 189 4.22 -35.50 22.59
N VAL J 190 3.60 -35.69 23.75
CA VAL J 190 4.17 -35.20 25.00
C VAL J 190 4.55 -36.34 25.92
N THR J 191 5.77 -36.28 26.45
CA THR J 191 6.22 -37.27 27.40
C THR J 191 6.39 -36.67 28.77
N HIS J 192 6.34 -37.53 29.77
CA HIS J 192 6.31 -37.13 31.17
C HIS J 192 7.45 -37.84 31.88
N HIS J 193 8.26 -37.09 32.62
CA HIS J 193 9.36 -37.69 33.34
C HIS J 193 9.49 -37.12 34.74
N PRO J 194 9.50 -37.99 35.76
CA PRO J 194 9.80 -37.48 37.11
C PRO J 194 11.14 -36.73 37.08
N ARG J 195 11.30 -35.78 37.99
CA ARG J 195 12.45 -34.86 37.88
C ARG J 195 13.04 -34.50 39.23
N SER J 196 12.17 -34.34 40.23
CA SER J 196 12.57 -34.01 41.58
C SER J 196 11.34 -34.03 42.47
N LYS J 197 11.48 -33.55 43.71
CA LYS J 197 10.37 -33.52 44.65
C LYS J 197 9.32 -32.52 44.20
N GLY J 198 8.16 -33.03 43.75
CA GLY J 198 7.06 -32.20 43.32
C GLY J 198 7.22 -31.62 41.91
N GLU J 199 8.30 -31.99 41.26
CA GLU J 199 8.63 -31.49 39.92
C GLU J 199 8.67 -32.59 38.91
N VAL J 200 8.03 -32.36 37.78
CA VAL J 200 8.12 -33.24 36.63
C VAL J 200 8.61 -32.46 35.42
N THR J 201 9.10 -33.18 34.43
CA THR J 201 9.58 -32.62 33.19
C THR J 201 8.59 -33.04 32.10
N LEU J 202 8.08 -32.06 31.36
CA LEU J 202 7.22 -32.33 30.22
C LEU J 202 8.02 -32.05 28.96
N ARG J 203 7.96 -32.98 28.02
CA ARG J 203 8.71 -32.85 26.77
C ARG J 203 7.80 -32.97 25.56
N CYS J 204 7.78 -31.91 24.77
CA CYS J 204 7.03 -31.89 23.52
C CYS J 204 7.93 -32.33 22.36
N TRP J 205 7.50 -33.35 21.66
CA TRP J 205 8.20 -33.91 20.53
C TRP J 205 7.50 -33.55 19.25
N ALA J 206 8.29 -33.10 18.29
CA ALA J 206 7.86 -32.95 16.91
C ALA J 206 8.79 -33.85 16.08
N LEU J 207 8.22 -34.83 15.40
CA LEU J 207 9.00 -35.80 14.64
C LEU J 207 8.56 -35.93 13.18
N GLY J 208 9.53 -36.20 12.31
CA GLY J 208 9.25 -36.51 10.93
C GLY J 208 8.74 -35.37 10.09
N PHE J 209 9.22 -34.16 10.35
CA PHE J 209 8.73 -33.01 9.59
C PHE J 209 9.73 -32.53 8.53
N TYR J 210 9.18 -31.97 7.46
CA TYR J 210 9.96 -31.30 6.42
C TYR J 210 9.13 -30.14 5.88
N PRO J 211 9.75 -28.96 5.71
CA PRO J 211 11.15 -28.63 6.00
C PRO J 211 11.47 -28.49 7.49
N ALA J 212 12.72 -28.14 7.78
CA ALA J 212 13.25 -28.08 9.15
C ALA J 212 12.70 -26.86 9.95
N ASP J 213 12.13 -25.89 9.24
CA ASP J 213 11.61 -24.68 9.89
C ASP J 213 10.42 -25.07 10.77
N ILE J 214 10.55 -24.86 12.08
CA ILE J 214 9.51 -25.24 13.02
C ILE J 214 9.58 -24.37 14.25
N THR J 215 8.45 -24.18 14.91
CA THR J 215 8.43 -23.48 16.20
C THR J 215 7.71 -24.32 17.25
N LEU J 216 8.38 -24.59 18.36
CA LEU J 216 7.78 -25.29 19.49
C LEU J 216 7.75 -24.37 20.68
N THR J 217 6.60 -24.22 21.32
CA THR J 217 6.57 -23.40 22.54
C THR J 217 5.68 -24.00 23.59
N TRP J 218 5.90 -23.64 24.86
CA TRP J 218 5.00 -24.14 25.87
C TRP J 218 3.98 -23.07 26.21
N GLN J 219 3.05 -23.41 27.09
CA GLN J 219 1.95 -22.53 27.43
C GLN J 219 1.41 -22.88 28.80
N LEU J 220 1.42 -21.86 29.66
CA LEU J 220 0.77 -21.94 30.95
C LEU J 220 -0.57 -21.23 30.81
N ASN J 221 -1.65 -21.99 30.95
CA ASN J 221 -3.00 -21.44 30.91
C ASN J 221 -3.27 -20.64 29.64
N GLY J 222 -2.88 -21.20 28.51
CA GLY J 222 -3.14 -20.59 27.23
C GLY J 222 -2.15 -19.44 26.96
N GLU J 223 -1.23 -19.17 27.87
CA GLU J 223 -0.25 -18.15 27.57
C GLU J 223 1.18 -18.64 27.35
N GLU J 224 1.81 -18.05 26.35
CA GLU J 224 3.12 -18.47 25.92
C GLU J 224 4.16 -18.51 27.05
N LEU J 225 4.84 -19.64 27.09
CA LEU J 225 5.82 -19.94 28.11
C LEU J 225 7.07 -20.46 27.41
N THR J 226 8.15 -19.70 27.57
CA THR J 226 9.46 -20.00 27.02
C THR J 226 10.53 -19.86 28.09
N GLN J 227 10.15 -19.22 29.20
CA GLN J 227 11.04 -19.02 30.36
C GLN J 227 11.57 -20.36 30.87
N ASP J 228 12.89 -20.55 30.75
CA ASP J 228 13.56 -21.76 31.17
C ASP J 228 13.06 -22.98 30.39
N MET J 229 12.64 -22.73 29.15
CA MET J 229 12.26 -23.81 28.26
C MET J 229 13.53 -24.31 27.60
N GLU J 230 13.75 -25.61 27.65
CA GLU J 230 14.91 -26.21 27.01
C GLU J 230 14.55 -26.63 25.59
N LEU J 231 15.28 -26.09 24.62
CA LEU J 231 15.07 -26.41 23.22
C LEU J 231 16.31 -27.10 22.69
N VAL J 232 16.14 -28.26 22.05
CA VAL J 232 17.27 -28.83 21.33
C VAL J 232 17.28 -28.34 19.90
N GLU J 233 18.46 -28.38 19.29
CA GLU J 233 18.60 -28.03 17.89
C GLU J 233 17.88 -29.07 17.02
N THR J 234 17.14 -28.55 16.05
CA THR J 234 16.54 -29.36 15.01
C THR J 234 17.61 -30.30 14.47
N ARG J 235 17.26 -31.57 14.41
CA ARG J 235 18.21 -32.59 14.04
C ARG J 235 17.65 -33.44 12.91
N PRO J 236 18.54 -33.94 12.04
CA PRO J 236 18.12 -34.76 10.91
C PRO J 236 17.84 -36.20 11.34
N ALA J 237 16.73 -36.76 10.89
CA ALA J 237 16.41 -38.16 11.16
C ALA J 237 17.29 -39.06 10.28
N GLY J 238 17.71 -38.52 9.13
CA GLY J 238 18.61 -39.23 8.24
C GLY J 238 17.92 -39.70 6.97
N ASP J 239 16.61 -39.53 6.93
CA ASP J 239 15.81 -39.97 5.78
C ASP J 239 15.23 -38.78 5.02
N GLY J 240 15.64 -37.57 5.41
CA GLY J 240 15.10 -36.37 4.80
C GLY J 240 14.19 -35.55 5.71
N THR J 241 13.81 -36.12 6.85
CA THR J 241 12.97 -35.39 7.81
C THR J 241 13.72 -34.95 9.06
N PHE J 242 13.04 -34.18 9.90
CA PHE J 242 13.70 -33.62 11.07
C PHE J 242 12.95 -33.89 12.36
N GLN J 243 13.65 -33.69 13.47
CA GLN J 243 13.08 -33.88 14.78
C GLN J 243 13.44 -32.67 15.63
N LYS J 244 12.60 -32.37 16.62
CA LYS J 244 12.90 -31.33 17.60
C LYS J 244 12.10 -31.61 18.84
N TRP J 245 12.64 -31.26 19.99
CA TRP J 245 11.83 -31.30 21.19
C TRP J 245 12.02 -30.06 22.06
N ALA J 246 11.05 -29.82 22.93
CA ALA J 246 11.07 -28.68 23.84
C ALA J 246 10.56 -29.11 25.20
N SER J 247 11.29 -28.79 26.27
CA SER J 247 10.88 -29.27 27.59
C SER J 247 10.69 -28.15 28.61
N VAL J 248 9.78 -28.38 29.56
CA VAL J 248 9.63 -27.49 30.71
C VAL J 248 9.58 -28.28 32.02
N VAL J 249 9.96 -27.60 33.10
CA VAL J 249 9.83 -28.17 34.44
C VAL J 249 8.58 -27.59 35.11
N VAL J 250 7.76 -28.48 35.64
CA VAL J 250 6.38 -28.20 36.03
C VAL J 250 6.11 -28.80 37.40
N PRO J 251 5.26 -28.14 38.22
CA PRO J 251 4.88 -28.77 39.50
C PRO J 251 4.04 -30.03 39.31
N LEU J 252 4.38 -31.08 40.05
CA LEU J 252 3.61 -32.32 40.03
C LEU J 252 2.17 -32.03 40.47
N GLY J 253 1.20 -32.49 39.69
CA GLY J 253 -0.19 -32.25 39.97
C GLY J 253 -0.76 -31.09 39.16
N LYS J 254 0.13 -30.34 38.50
CA LYS J 254 -0.28 -29.17 37.73
C LYS J 254 -0.07 -29.31 36.22
N GLU J 255 0.28 -30.51 35.78
CA GLU J 255 0.58 -30.78 34.38
C GLU J 255 -0.55 -30.41 33.42
N GLN J 256 -1.78 -30.39 33.93
CA GLN J 256 -2.95 -30.12 33.10
C GLN J 256 -3.08 -28.64 32.71
N ASN J 257 -2.30 -27.77 33.36
CA ASN J 257 -2.31 -26.36 33.03
C ASN J 257 -1.38 -26.02 31.85
N TYR J 258 -0.64 -27.02 31.39
CA TYR J 258 0.37 -26.77 30.37
C TYR J 258 0.04 -27.37 29.02
N THR J 259 0.35 -26.62 27.97
CA THR J 259 0.13 -27.09 26.61
C THR J 259 1.33 -26.81 25.75
N CYS J 260 1.50 -27.66 24.75
CA CYS J 260 2.57 -27.50 23.80
C CYS J 260 1.99 -27.04 22.48
N ARG J 261 2.67 -26.09 21.86
CA ARG J 261 2.29 -25.57 20.56
C ARG J 261 3.34 -25.90 19.51
N VAL J 262 2.89 -26.53 18.43
CA VAL J 262 3.75 -26.83 17.30
C VAL J 262 3.30 -26.04 16.08
N TYR J 263 4.21 -25.22 15.56
CA TYR J 263 3.98 -24.47 14.34
C TYR J 263 4.85 -24.99 13.23
N HIS J 264 4.20 -25.38 12.14
CA HIS J 264 4.89 -25.89 10.96
C HIS J 264 4.01 -25.64 9.74
N GLU J 265 4.64 -25.34 8.61
CA GLU J 265 3.91 -25.00 7.40
C GLU J 265 3.20 -26.19 6.78
N GLY J 266 3.48 -27.40 7.27
CA GLY J 266 2.83 -28.59 6.78
C GLY J 266 1.45 -28.80 7.40
N LEU J 267 1.27 -28.23 8.59
CA LEU J 267 0.01 -28.32 9.31
C LEU J 267 -1.00 -27.32 8.74
N PRO J 268 -2.25 -27.76 8.56
CA PRO J 268 -3.34 -26.83 8.21
C PRO J 268 -3.72 -25.96 9.40
N GLU J 269 -3.63 -26.53 10.61
CA GLU J 269 -3.83 -25.81 11.85
C GLU J 269 -2.70 -26.17 12.81
N PRO J 270 -2.24 -25.18 13.59
CA PRO J 270 -1.21 -25.44 14.61
C PRO J 270 -1.62 -26.58 15.54
N LEU J 271 -0.65 -27.30 16.07
CA LEU J 271 -0.93 -28.37 17.00
C LEU J 271 -0.89 -27.83 18.42
N THR J 272 -1.90 -28.19 19.21
CA THR J 272 -1.92 -27.89 20.63
C THR J 272 -2.10 -29.22 21.32
N LEU J 273 -1.16 -29.58 22.19
CA LEU J 273 -1.27 -30.88 22.86
C LEU J 273 -0.79 -30.86 24.29
N ARG J 274 -1.23 -31.83 25.06
CA ARG J 274 -0.91 -31.86 26.48
C ARG J 274 -0.51 -33.26 26.89
N TRP J 275 -0.01 -33.39 28.10
CA TRP J 275 0.26 -34.71 28.65
C TRP J 275 -1.06 -35.47 28.86
N GLU J 276 -1.29 -36.50 28.05
CA GLU J 276 -2.47 -37.36 28.23
C GLU J 276 -2.16 -38.69 28.96
N PRO J 277 -2.54 -38.80 30.24
CA PRO J 277 -2.48 -40.07 30.95
C PRO J 277 -3.52 -41.05 30.37
N PRO J 278 -3.52 -42.31 30.79
CA PRO J 278 -2.57 -42.98 31.69
C PRO J 278 -1.23 -43.19 31.01
N ILE K 1 40.85 -20.04 17.12
CA ILE K 1 39.84 -20.19 18.17
C ILE K 1 39.18 -21.57 18.09
N GLN K 2 38.71 -22.06 19.23
CA GLN K 2 38.11 -23.39 19.29
C GLN K 2 36.68 -23.41 19.81
N LYS K 3 35.82 -24.10 19.06
CA LYS K 3 34.42 -24.22 19.42
C LYS K 3 34.12 -25.65 19.83
N THR K 4 33.53 -25.80 21.01
CA THR K 4 33.22 -27.11 21.58
C THR K 4 31.98 -27.73 20.92
N PRO K 5 32.09 -29.01 20.50
CA PRO K 5 30.99 -29.74 19.86
C PRO K 5 29.78 -29.92 20.78
N GLN K 6 28.60 -29.84 20.17
CA GLN K 6 27.36 -30.18 20.81
C GLN K 6 26.89 -31.51 20.23
N ILE K 7 26.54 -32.44 21.11
CA ILE K 7 26.23 -33.80 20.66
C ILE K 7 24.81 -34.23 21.02
N GLN K 8 24.09 -34.75 20.03
CA GLN K 8 22.80 -35.39 20.29
C GLN K 8 22.84 -36.84 19.83
N VAL K 9 22.47 -37.73 20.74
CA VAL K 9 22.37 -39.15 20.41
C VAL K 9 20.90 -39.55 20.44
N TYR K 10 20.41 -40.13 19.35
CA TYR K 10 18.99 -40.39 19.21
C TYR K 10 18.73 -41.34 18.06
N SER K 11 17.55 -41.93 18.02
CA SER K 11 17.22 -42.91 16.98
C SER K 11 16.37 -42.31 15.90
N ARG K 12 16.51 -42.82 14.67
CA ARG K 12 15.73 -42.32 13.55
C ARG K 12 14.23 -42.56 13.74
N HIS K 13 13.90 -43.73 14.25
CA HIS K 13 12.51 -44.11 14.49
C HIS K 13 12.27 -44.27 15.98
N PRO K 14 11.00 -44.16 16.41
CA PRO K 14 10.68 -44.39 17.83
C PRO K 14 11.12 -45.80 18.25
N PRO K 15 11.89 -45.90 19.35
CA PRO K 15 12.55 -47.15 19.76
C PRO K 15 11.55 -48.23 20.13
N GLU K 16 11.78 -49.45 19.65
CA GLU K 16 10.94 -50.58 19.98
C GLU K 16 11.88 -51.77 20.11
N ASN K 17 11.97 -52.30 21.33
CA ASN K 17 12.92 -53.36 21.58
C ASN K 17 12.72 -54.55 20.67
N GLY K 18 13.81 -55.01 20.07
CA GLY K 18 13.76 -56.12 19.13
C GLY K 18 13.55 -55.64 17.70
N LYS K 19 13.23 -54.36 17.54
CA LYS K 19 12.98 -53.83 16.21
C LYS K 19 14.16 -53.01 15.70
N PRO K 20 14.72 -53.42 14.55
CA PRO K 20 15.86 -52.74 13.93
C PRO K 20 15.57 -51.27 13.63
N ASN K 21 16.61 -50.45 13.73
CA ASN K 21 16.48 -49.01 13.73
C ASN K 21 17.83 -48.38 13.38
N ILE K 22 17.87 -47.06 13.31
CA ILE K 22 19.11 -46.32 13.06
C ILE K 22 19.46 -45.47 14.27
N LEU K 23 20.69 -45.61 14.76
CA LEU K 23 21.19 -44.75 15.81
C LEU K 23 22.03 -43.60 15.20
N ASN K 24 21.63 -42.38 15.51
CA ASN K 24 22.31 -41.17 15.10
C ASN K 24 23.09 -40.52 16.24
N CYS K 25 24.29 -40.08 15.91
CA CYS K 25 25.09 -39.16 16.70
C CYS K 25 25.31 -37.91 15.87
N TYR K 26 24.54 -36.88 16.19
CA TYR K 26 24.59 -35.59 15.47
C TYR K 26 25.51 -34.63 16.23
N VAL K 27 26.60 -34.23 15.58
CA VAL K 27 27.61 -33.37 16.22
C VAL K 27 27.69 -32.01 15.51
N THR K 28 27.53 -30.94 16.29
CA THR K 28 27.47 -29.59 15.72
C THR K 28 28.34 -28.57 16.43
N GLN K 29 28.46 -27.41 15.77
CA GLN K 29 29.01 -26.21 16.40
C GLN K 29 30.45 -26.36 16.86
N PHE K 30 31.24 -27.06 16.05
CA PHE K 30 32.64 -27.21 16.37
C PHE K 30 33.56 -26.60 15.32
N HIS K 31 34.72 -26.18 15.80
CA HIS K 31 35.82 -25.74 14.96
C HIS K 31 37.05 -26.04 15.79
N PRO K 32 38.12 -26.55 15.16
CA PRO K 32 38.37 -26.92 13.75
C PRO K 32 37.56 -28.13 13.29
N PRO K 33 37.48 -28.35 11.96
CA PRO K 33 36.62 -29.41 11.42
C PRO K 33 37.14 -30.81 11.67
N HIS K 34 38.39 -30.93 12.10
CA HIS K 34 38.94 -32.26 12.43
C HIS K 34 38.28 -32.79 13.69
N ILE K 35 37.67 -33.97 13.58
CA ILE K 35 36.97 -34.53 14.72
C ILE K 35 36.95 -36.06 14.64
N GLU K 36 36.95 -36.72 15.81
CA GLU K 36 36.85 -38.19 15.87
C GLU K 36 35.52 -38.61 16.50
N ILE K 37 34.75 -39.44 15.81
CA ILE K 37 33.47 -39.89 16.34
C ILE K 37 33.35 -41.42 16.35
N GLN K 38 33.09 -41.96 17.53
CA GLN K 38 32.94 -43.41 17.70
C GLN K 38 31.56 -43.68 18.29
N MET K 39 30.88 -44.69 17.76
CA MET K 39 29.62 -45.11 18.38
C MET K 39 29.85 -46.41 19.14
N LEU K 40 29.39 -46.45 20.38
CA LEU K 40 29.69 -47.54 21.29
C LEU K 40 28.46 -48.36 21.65
N LYS K 41 28.62 -49.66 21.69
CA LYS K 41 27.57 -50.55 22.21
C LYS K 41 28.11 -51.33 23.39
N ASN K 42 27.51 -51.10 24.56
CA ASN K 42 28.00 -51.68 25.81
C ASN K 42 29.47 -51.37 26.08
N GLY K 43 29.91 -50.20 25.61
CA GLY K 43 31.26 -49.74 25.81
C GLY K 43 32.23 -50.16 24.72
N LYS K 44 31.71 -50.72 23.63
CA LYS K 44 32.57 -51.19 22.54
C LYS K 44 32.23 -50.59 21.18
N LYS K 45 33.27 -50.29 20.40
CA LYS K 45 33.11 -49.68 19.08
C LYS K 45 32.18 -50.50 18.19
N ILE K 46 31.18 -49.82 17.64
CA ILE K 46 30.39 -50.41 16.57
C ILE K 46 31.22 -50.23 15.30
N PRO K 47 31.64 -51.35 14.69
CA PRO K 47 32.64 -51.34 13.62
C PRO K 47 32.13 -50.78 12.29
N LYS K 48 30.81 -50.63 12.17
CA LYS K 48 30.24 -50.14 10.93
C LYS K 48 29.44 -48.85 11.11
N VAL K 49 30.14 -47.75 11.35
CA VAL K 49 29.50 -46.47 11.56
C VAL K 49 29.60 -45.67 10.27
N GLU K 50 28.45 -45.36 9.69
CA GLU K 50 28.42 -44.55 8.48
C GLU K 50 28.37 -43.07 8.83
N MET K 51 29.38 -42.35 8.38
CA MET K 51 29.45 -40.93 8.65
C MET K 51 29.07 -40.15 7.41
N SER K 52 28.13 -39.23 7.57
CA SER K 52 27.73 -38.35 6.48
C SER K 52 28.89 -37.45 6.14
N ASP K 53 28.76 -36.68 5.07
CA ASP K 53 29.81 -35.76 4.69
C ASP K 53 29.64 -34.47 5.53
N MET K 54 30.77 -33.90 5.97
CA MET K 54 30.77 -32.72 6.81
C MET K 54 30.33 -31.50 6.01
N SER K 55 29.50 -30.67 6.63
CA SER K 55 29.29 -29.32 6.11
C SER K 55 29.52 -28.30 7.19
N PHE K 56 29.23 -27.03 6.90
CA PHE K 56 29.21 -26.02 7.94
C PHE K 56 27.95 -25.17 7.82
N SER K 57 27.60 -24.47 8.90
CA SER K 57 26.40 -23.66 8.92
C SER K 57 26.70 -22.19 8.65
N LYS K 58 25.71 -21.34 8.88
CA LYS K 58 25.84 -19.90 8.57
C LYS K 58 26.69 -19.13 9.57
N ASP K 59 26.68 -19.55 10.83
CA ASP K 59 27.84 -19.28 11.69
C ASP K 59 28.85 -20.32 11.23
N TRP K 60 30.12 -20.00 11.22
CA TRP K 60 31.01 -20.83 10.40
C TRP K 60 31.30 -22.22 10.95
N SER K 61 30.54 -22.63 11.96
CA SER K 61 30.81 -23.88 12.66
C SER K 61 30.46 -25.13 11.84
N PHE K 62 31.18 -26.22 12.07
CA PHE K 62 30.99 -27.43 11.27
C PHE K 62 30.03 -28.40 11.94
N TYR K 63 29.35 -29.21 11.12
CA TYR K 63 28.48 -30.25 11.64
C TYR K 63 28.58 -31.54 10.84
N ILE K 64 28.23 -32.64 11.50
CA ILE K 64 28.34 -33.95 10.86
C ILE K 64 27.42 -34.95 11.56
N LEU K 65 26.89 -35.88 10.79
CA LEU K 65 26.00 -36.90 11.33
C LEU K 65 26.63 -38.28 11.19
N ALA K 66 26.95 -38.89 12.33
CA ALA K 66 27.40 -40.27 12.34
C ALA K 66 26.17 -41.13 12.55
N HIS K 67 26.06 -42.24 11.86
CA HIS K 67 24.94 -43.14 12.12
C HIS K 67 25.28 -44.61 11.91
N THR K 68 24.53 -45.48 12.57
CA THR K 68 24.73 -46.91 12.44
C THR K 68 23.44 -47.67 12.64
N GLU K 69 23.37 -48.90 12.15
CA GLU K 69 22.16 -49.68 12.36
C GLU K 69 22.26 -50.39 13.70
N PHE K 70 21.13 -50.46 14.40
CA PHE K 70 21.12 -51.12 15.70
C PHE K 70 19.74 -51.68 16.01
N THR K 71 19.67 -52.47 17.07
CA THR K 71 18.39 -53.01 17.51
C THR K 71 18.25 -52.76 19.01
N PRO K 72 17.35 -51.81 19.36
CA PRO K 72 17.10 -51.47 20.77
C PRO K 72 16.76 -52.72 21.56
N THR K 73 17.23 -52.75 22.79
CA THR K 73 17.15 -53.93 23.62
C THR K 73 17.03 -53.47 25.06
N GLU K 74 16.41 -54.29 25.91
CA GLU K 74 16.25 -53.94 27.33
C GLU K 74 17.57 -53.74 28.05
N THR K 75 18.62 -54.38 27.54
CA THR K 75 19.90 -54.47 28.26
C THR K 75 21.09 -53.77 27.60
N ASP K 76 21.03 -53.56 26.29
CA ASP K 76 22.13 -52.89 25.59
C ASP K 76 22.17 -51.39 25.87
N THR K 77 23.36 -50.88 26.18
CA THR K 77 23.58 -49.43 26.27
C THR K 77 24.30 -48.95 25.02
N TYR K 78 23.89 -47.79 24.52
CA TYR K 78 24.52 -47.18 23.37
C TYR K 78 25.05 -45.81 23.71
N ALA K 79 26.14 -45.44 23.05
CA ALA K 79 26.77 -44.16 23.30
C ALA K 79 27.45 -43.60 22.10
N CYS K 80 27.90 -42.37 22.24
CA CYS K 80 28.70 -41.72 21.21
C CYS K 80 29.84 -41.00 21.88
N ARG K 81 31.07 -41.38 21.53
CA ARG K 81 32.27 -40.75 22.08
C ARG K 81 32.88 -39.86 21.01
N VAL K 82 33.14 -38.62 21.39
CA VAL K 82 33.63 -37.61 20.47
C VAL K 82 34.94 -37.03 20.97
N LYS K 83 35.93 -36.98 20.07
CA LYS K 83 37.23 -36.40 20.40
C LYS K 83 37.50 -35.19 19.52
N HIS K 84 37.83 -34.08 20.19
CA HIS K 84 38.05 -32.80 19.54
C HIS K 84 39.03 -31.96 20.36
N ASP K 85 39.68 -31.01 19.70
CA ASP K 85 40.75 -30.24 20.33
C ASP K 85 40.22 -29.27 21.40
N SER K 86 38.97 -28.84 21.22
CA SER K 86 38.33 -27.94 22.18
C SER K 86 38.15 -28.62 23.53
N MET K 87 38.20 -29.95 23.54
CA MET K 87 37.97 -30.73 24.75
C MET K 87 39.23 -31.46 25.20
N ALA K 88 39.58 -31.25 26.47
CA ALA K 88 40.73 -31.93 27.08
C ALA K 88 40.48 -33.44 27.13
N GLU K 89 39.23 -33.81 27.41
CA GLU K 89 38.79 -35.22 27.43
C GLU K 89 37.83 -35.54 26.29
N PRO K 90 37.89 -36.79 25.78
CA PRO K 90 36.81 -37.25 24.89
C PRO K 90 35.49 -37.13 25.61
N LYS K 91 34.43 -36.85 24.87
CA LYS K 91 33.13 -36.73 25.51
C LYS K 91 32.21 -37.84 25.08
N THR K 92 31.57 -38.45 26.08
CA THR K 92 30.67 -39.55 25.84
C THR K 92 29.25 -39.14 26.18
N VAL K 93 28.36 -39.32 25.22
CA VAL K 93 26.94 -39.08 25.43
C VAL K 93 26.17 -40.38 25.22
N TYR K 94 25.49 -40.84 26.26
CA TYR K 94 24.71 -42.05 26.20
C TYR K 94 23.36 -41.83 25.57
N TRP K 95 22.89 -42.84 24.86
CA TRP K 95 21.56 -42.78 24.29
C TRP K 95 20.51 -42.88 25.39
N ASP K 96 19.64 -41.87 25.45
CA ASP K 96 18.53 -41.81 26.40
C ASP K 96 17.26 -41.82 25.57
N ARG K 97 16.50 -42.92 25.63
CA ARG K 97 15.33 -43.06 24.76
C ARG K 97 14.20 -42.09 25.11
N ASP K 98 14.44 -41.23 26.09
CA ASP K 98 13.51 -40.18 26.48
C ASP K 98 13.93 -38.82 25.93
N MET K 99 15.08 -38.79 25.23
CA MET K 99 15.61 -37.57 24.63
C MET K 99 16.23 -37.77 23.24
N SER L 1 24.58 -23.30 -9.85
CA SER L 1 25.91 -23.27 -10.45
C SER L 1 26.83 -22.30 -9.72
N PRO L 2 27.94 -22.81 -9.17
CA PRO L 2 28.90 -22.04 -8.36
C PRO L 2 29.71 -21.06 -9.22
N SER L 3 30.52 -20.23 -8.56
CA SER L 3 31.31 -19.21 -9.22
C SER L 3 32.70 -19.07 -8.62
N TYR L 4 33.43 -18.06 -9.09
CA TYR L 4 34.78 -17.82 -8.66
C TYR L 4 34.82 -16.62 -7.74
N VAL L 5 35.91 -16.53 -6.98
CA VAL L 5 36.22 -15.29 -6.28
C VAL L 5 36.92 -14.35 -7.26
N TYR L 6 37.80 -14.93 -8.08
CA TYR L 6 38.68 -14.20 -9.01
C TYR L 6 39.64 -13.22 -8.33
N HIS L 7 39.08 -12.29 -7.55
CA HIS L 7 39.90 -11.35 -6.80
C HIS L 7 40.68 -12.05 -5.69
N GLN L 8 41.91 -11.58 -5.48
CA GLN L 8 42.80 -12.18 -4.51
C GLN L 8 42.75 -11.39 -3.22
N PHE L 9 43.01 -12.08 -2.12
CA PHE L 9 43.16 -11.42 -0.83
C PHE L 9 44.45 -10.60 -0.83
#